data_6BOO
#
_entry.id   6BOO
#
_cell.length_a   92.882
_cell.length_b   68.785
_cell.length_c   123.997
_cell.angle_alpha   90.00
_cell.angle_beta   89.93
_cell.angle_gamma   90.00
#
_symmetry.space_group_name_H-M   'P 1 21 1'
#
loop_
_entity.id
_entity.type
_entity.pdbx_description
1 polymer '2-methylcitrate synthase, mitochondrial'
2 non-polymer 'OXALOACETATE ION'
3 non-polymer 'COENZYME A'
4 water water
#
_entity_poly.entity_id   1
_entity_poly.type   'polypeptide(L)'
_entity_poly.pdbx_seq_one_letter_code
;SGSGSTAEPDLKTALKAVIPAKRELFKQVKERSDEVIGEVKVANVIGGMRGLKSMLWEGSVLDPEEGIRFHGKTIKDCQK
ELPKGTSGTEMLPEAMFWLLLTGQVPSTNQVRAFSRELAEQSHLPQHILDLIKSFPRSMHPMTQLSIAVAALNTESKFAK
AYEKGLSKADYWEPTFDDSISLLAKIPRVAALVFRPDEVDQVGTQALDASQDWSYNFAELLGKGGKENQDFHDLLRLYLA
LHGDHEGGNVSAHATHLVGSALSDPFLSYSAGLLGLAGPLHGLAAQEVLRWILAMQDKIGTKFTDDDVRNYLWDTLKSGR
VVPGYGHGVLRKPDPRFQALMDFAATRPDVLANPVFQLVKKNSEIAPAVLTEHGKTKNPHPNVDAASGVLFYHYGFQQPL
YYTVTFGVSRALGPLVQLIWDRALGLPIERPKSINLLGLKK
;
_entity_poly.pdbx_strand_id   B,A,C,D
#
# COMPACT_ATOMS: atom_id res chain seq x y z
N ALA A 7 27.77 -34.83 16.30
CA ALA A 7 26.59 -33.93 16.30
C ALA A 7 26.90 -32.63 15.56
N GLU A 8 25.93 -32.18 14.76
CA GLU A 8 25.96 -30.84 14.17
C GLU A 8 25.54 -29.81 15.22
N PRO A 9 25.80 -28.51 14.98
CA PRO A 9 25.47 -27.53 16.01
C PRO A 9 23.98 -27.56 16.38
N ASP A 10 23.70 -27.55 17.67
CA ASP A 10 22.32 -27.44 18.18
C ASP A 10 21.77 -26.04 17.97
N LEU A 11 20.49 -25.88 18.21
CA LEU A 11 19.83 -24.62 17.89
C LEU A 11 20.43 -23.45 18.64
N LYS A 12 20.74 -23.65 19.91
CA LYS A 12 21.27 -22.55 20.70
C LYS A 12 22.63 -22.11 20.15
N THR A 13 23.44 -23.09 19.75
CA THR A 13 24.77 -22.81 19.23
C THR A 13 24.65 -22.11 17.87
N ALA A 14 23.70 -22.56 17.06
CA ALA A 14 23.39 -21.96 15.76
C ALA A 14 22.97 -20.50 15.92
N LEU A 15 22.20 -20.21 16.95
CA LEU A 15 21.81 -18.84 17.23
C LEU A 15 23.00 -17.97 17.57
N LYS A 16 23.82 -18.44 18.50
CA LYS A 16 24.98 -17.68 18.97
C LYS A 16 25.94 -17.24 17.87
N ALA A 17 26.03 -18.05 16.82
CA ALA A 17 26.88 -17.75 15.67
C ALA A 17 26.36 -16.55 14.87
N VAL A 18 25.04 -16.41 14.80
CA VAL A 18 24.43 -15.32 14.04
C VAL A 18 24.16 -14.09 14.88
N ILE A 19 24.22 -14.20 16.20
CA ILE A 19 23.98 -13.02 17.06
C ILE A 19 24.93 -11.82 16.82
N PRO A 20 26.25 -12.05 16.76
CA PRO A 20 27.14 -10.90 16.60
C PRO A 20 26.92 -10.13 15.31
N ALA A 21 26.65 -10.86 14.22
CA ALA A 21 26.36 -10.23 12.92
C ALA A 21 25.09 -9.37 12.98
N LYS A 22 24.06 -9.86 13.65
CA LYS A 22 22.83 -9.10 13.79
C LYS A 22 23.08 -7.85 14.63
N ARG A 23 23.87 -7.97 15.69
CA ARG A 23 24.19 -6.82 16.54
C ARG A 23 24.97 -5.76 15.78
N GLU A 24 25.84 -6.18 14.90
CA GLU A 24 26.63 -5.22 14.11
C GLU A 24 25.74 -4.47 13.12
N LEU A 25 24.80 -5.19 12.52
CA LEU A 25 23.78 -4.61 11.65
C LEU A 25 22.90 -3.64 12.40
N PHE A 26 22.51 -4.01 13.62
CA PHE A 26 21.75 -3.12 14.49
C PHE A 26 22.51 -1.81 14.76
N LYS A 27 23.79 -1.94 15.05
CA LYS A 27 24.67 -0.78 15.24
C LYS A 27 24.68 0.14 14.00
N GLN A 28 24.68 -0.47 12.82
CA GLN A 28 24.68 0.30 11.56
C GLN A 28 23.36 0.98 11.25
N VAL A 29 22.25 0.26 11.45
CA VAL A 29 20.91 0.84 11.32
C VAL A 29 20.72 1.98 12.31
N LYS A 30 21.30 1.83 13.50
CA LYS A 30 21.23 2.85 14.53
C LYS A 30 21.94 4.15 14.16
N GLU A 31 23.04 4.06 13.41
CA GLU A 31 23.72 5.26 12.96
C GLU A 31 22.78 6.12 12.11
N ARG A 32 21.82 5.50 11.44
CA ARG A 32 20.86 6.21 10.60
C ARG A 32 19.48 6.44 11.26
N SER A 33 19.48 6.52 12.60
CA SER A 33 18.26 6.68 13.40
C SER A 33 17.39 7.85 12.98
N ASP A 34 18.09 8.94 12.67
CA ASP A 34 17.47 10.20 12.30
C ASP A 34 16.85 10.22 10.90
N GLU A 35 17.08 9.20 10.07
CA GLU A 35 16.50 9.19 8.74
C GLU A 35 14.98 9.02 8.72
N VAL A 36 14.35 9.83 7.89
CA VAL A 36 12.93 9.79 7.68
C VAL A 36 12.61 8.68 6.69
N ILE A 37 11.77 7.75 7.10
CA ILE A 37 11.36 6.62 6.27
C ILE A 37 9.87 6.65 5.92
N GLY A 38 9.13 7.67 6.37
CA GLY A 38 7.68 7.71 6.16
C GLY A 38 7.00 8.91 6.79
N GLU A 39 5.66 8.92 6.72
CA GLU A 39 4.85 9.96 7.32
C GLU A 39 3.83 9.37 8.29
N VAL A 40 3.53 10.12 9.33
CA VAL A 40 2.34 9.89 10.12
C VAL A 40 1.25 10.81 9.62
N LYS A 41 0.06 10.27 9.41
CA LYS A 41 -1.11 11.06 9.10
C LYS A 41 -2.18 10.81 10.15
N VAL A 42 -3.26 11.57 10.06
CA VAL A 42 -4.41 11.37 10.95
C VAL A 42 -4.98 9.95 10.78
N ALA A 43 -5.02 9.45 9.55
CA ALA A 43 -5.54 8.10 9.29
C ALA A 43 -4.79 7.07 10.11
N ASN A 44 -3.47 7.25 10.21
CA ASN A 44 -2.65 6.33 10.98
C ASN A 44 -3.06 6.30 12.46
N VAL A 45 -3.38 7.47 13.01
CA VAL A 45 -3.69 7.55 14.42
C VAL A 45 -5.07 6.96 14.67
N ILE A 46 -6.05 7.35 13.87
CA ILE A 46 -7.41 6.87 14.09
C ILE A 46 -7.70 5.49 13.53
N GLY A 47 -6.84 5.00 12.64
CA GLY A 47 -7.07 3.74 11.98
C GLY A 47 -6.20 2.61 12.47
N GLY A 48 -5.88 2.63 13.76
CA GLY A 48 -5.17 1.56 14.43
C GLY A 48 -3.78 1.32 13.86
N MET A 49 -3.10 2.41 13.52
CA MET A 49 -1.73 2.41 12.98
C MET A 49 -1.64 1.70 11.64
N ARG A 50 -2.68 1.76 10.83
CA ARG A 50 -2.67 1.12 9.53
C ARG A 50 -1.70 1.79 8.58
N GLY A 51 -0.81 0.99 8.00
CA GLY A 51 0.15 1.48 7.01
C GLY A 51 1.40 2.11 7.61
N LEU A 52 1.48 2.11 8.93
CA LEU A 52 2.56 2.76 9.63
C LEU A 52 3.67 1.77 9.92
N LYS A 53 4.81 1.95 9.27
CA LYS A 53 5.98 1.09 9.53
C LYS A 53 6.59 1.56 10.82
N SER A 54 6.24 0.91 11.92
CA SER A 54 6.71 1.40 13.20
C SER A 54 7.33 0.35 14.10
N MET A 55 7.54 -0.85 13.60
CA MET A 55 8.14 -1.84 14.47
C MET A 55 9.06 -2.78 13.76
N LEU A 56 9.95 -3.37 14.54
CA LEU A 56 11.02 -4.19 14.04
C LEU A 56 10.60 -5.65 14.24
N TRP A 57 10.61 -6.43 13.17
CA TRP A 57 10.35 -7.88 13.21
C TRP A 57 11.30 -8.50 12.21
N GLU A 58 12.11 -9.45 12.69
CA GLU A 58 13.25 -9.93 11.94
C GLU A 58 13.01 -11.10 11.02
N GLY A 59 12.24 -12.06 11.49
CA GLY A 59 12.12 -13.35 10.80
C GLY A 59 11.19 -13.43 9.65
N SER A 60 10.25 -12.50 9.54
CA SER A 60 9.30 -12.48 8.45
C SER A 60 8.89 -11.05 8.13
N VAL A 61 8.64 -10.80 6.85
CA VAL A 61 8.12 -9.52 6.34
C VAL A 61 6.97 -9.84 5.38
N LEU A 62 5.90 -9.07 5.46
CA LEU A 62 4.73 -9.32 4.63
C LEU A 62 4.61 -8.32 3.48
N ASP A 63 4.56 -8.84 2.25
CA ASP A 63 4.28 -8.04 1.08
C ASP A 63 2.76 -8.05 0.77
N PRO A 64 2.12 -6.87 0.68
CA PRO A 64 0.66 -6.85 0.42
C PRO A 64 0.20 -7.55 -0.87
N GLU A 65 0.97 -7.37 -1.95
CA GLU A 65 0.67 -8.02 -3.24
C GLU A 65 1.02 -9.50 -3.20
N GLU A 66 2.18 -9.83 -2.64
CA GLU A 66 2.79 -11.16 -2.80
C GLU A 66 2.73 -12.08 -1.56
N GLY A 67 2.23 -11.57 -0.43
CA GLY A 67 2.20 -12.31 0.81
C GLY A 67 3.55 -12.44 1.51
N ILE A 68 3.53 -13.34 2.48
CA ILE A 68 4.61 -13.48 3.45
C ILE A 68 5.90 -14.02 2.86
N ARG A 69 7.03 -13.55 3.37
CA ARG A 69 8.32 -14.18 3.13
C ARG A 69 8.99 -14.36 4.49
N PHE A 70 9.59 -15.52 4.71
CA PHE A 70 10.36 -15.80 5.90
C PHE A 70 11.85 -15.74 5.55
N HIS A 71 12.55 -14.73 6.03
CA HIS A 71 13.94 -14.47 5.63
C HIS A 71 14.10 -14.44 4.12
N GLY A 72 13.18 -13.75 3.45
CA GLY A 72 13.20 -13.65 2.00
C GLY A 72 12.66 -14.86 1.22
N LYS A 73 12.32 -15.94 1.91
CA LYS A 73 11.82 -17.17 1.29
C LYS A 73 10.32 -17.26 1.30
N THR A 74 9.75 -17.67 0.19
CA THR A 74 8.30 -17.86 0.09
C THR A 74 7.91 -19.14 0.80
N ILE A 75 6.61 -19.29 0.99
CA ILE A 75 6.02 -20.50 1.52
C ILE A 75 6.47 -21.71 0.74
N LYS A 76 6.37 -21.63 -0.58
CA LYS A 76 6.79 -22.73 -1.45
C LYS A 76 8.28 -23.04 -1.33
N ASP A 77 9.09 -21.99 -1.21
CA ASP A 77 10.52 -22.15 -0.94
C ASP A 77 10.71 -22.92 0.37
N CYS A 78 9.91 -22.59 1.39
CA CYS A 78 10.04 -23.25 2.68
C CYS A 78 9.56 -24.69 2.61
N GLN A 79 8.49 -24.90 1.87
CA GLN A 79 7.92 -26.23 1.68
C GLN A 79 8.96 -27.16 1.04
N LYS A 80 9.68 -26.66 0.04
CA LYS A 80 10.78 -27.42 -0.61
C LYS A 80 12.01 -27.61 0.28
N GLU A 81 12.44 -26.53 0.94
CA GLU A 81 13.74 -26.50 1.60
C GLU A 81 13.74 -27.03 3.04
N LEU A 82 12.66 -26.81 3.76
CA LEU A 82 12.65 -27.20 5.17
C LEU A 82 12.58 -28.72 5.27
N PRO A 83 13.29 -29.31 6.21
CA PRO A 83 13.20 -30.74 6.45
C PRO A 83 11.79 -31.23 6.76
N LYS A 84 11.55 -32.48 6.37
CA LYS A 84 10.28 -33.14 6.59
C LYS A 84 10.42 -34.07 7.78
N GLY A 85 9.31 -34.72 8.15
CA GLY A 85 9.35 -35.70 9.23
C GLY A 85 9.85 -37.05 8.75
N THR A 86 9.85 -38.00 9.67
CA THR A 86 10.22 -39.39 9.35
C THR A 86 9.21 -40.00 8.39
N SER A 87 7.96 -39.55 8.45
CA SER A 87 6.94 -39.85 7.48
C SER A 87 6.39 -38.56 6.92
N GLY A 88 5.83 -38.61 5.71
CA GLY A 88 5.08 -37.50 5.18
C GLY A 88 5.84 -36.58 4.26
N THR A 89 5.11 -35.64 3.69
CA THR A 89 5.63 -34.77 2.67
C THR A 89 5.69 -33.31 3.08
N GLU A 90 5.15 -32.94 4.24
CA GLU A 90 5.02 -31.53 4.58
C GLU A 90 6.14 -31.02 5.52
N MET A 91 6.46 -29.75 5.32
CA MET A 91 7.53 -29.06 6.09
C MET A 91 7.21 -29.04 7.57
N LEU A 92 8.22 -29.25 8.40
CA LEU A 92 8.00 -29.25 9.86
C LEU A 92 8.03 -27.86 10.46
N PRO A 93 7.11 -27.57 11.36
CA PRO A 93 7.13 -26.29 12.07
C PRO A 93 8.41 -26.07 12.87
N GLU A 94 8.99 -27.12 13.44
CA GLU A 94 10.20 -26.93 14.23
C GLU A 94 11.32 -26.46 13.32
N ALA A 95 11.34 -26.94 12.09
CA ALA A 95 12.32 -26.47 11.11
C ALA A 95 12.01 -25.03 10.71
N MET A 96 10.73 -24.67 10.62
CA MET A 96 10.35 -23.28 10.41
C MET A 96 10.87 -22.42 11.56
N PHE A 97 10.72 -22.90 12.80
CA PHE A 97 11.21 -22.16 13.96
C PHE A 97 12.71 -21.91 13.83
N TRP A 98 13.45 -22.97 13.50
CA TRP A 98 14.90 -22.88 13.33
C TRP A 98 15.25 -21.80 12.32
N LEU A 99 14.57 -21.86 11.17
CA LEU A 99 14.80 -20.92 10.10
C LEU A 99 14.49 -19.51 10.58
N LEU A 100 13.37 -19.34 11.25
CA LEU A 100 12.97 -18.03 11.69
C LEU A 100 14.06 -17.44 12.59
N LEU A 101 14.51 -18.25 13.53
CA LEU A 101 15.47 -17.83 14.53
C LEU A 101 16.87 -17.58 13.97
N THR A 102 17.39 -18.52 13.20
CA THR A 102 18.79 -18.43 12.80
C THR A 102 18.96 -17.71 11.46
N GLY A 103 17.92 -17.72 10.65
CA GLY A 103 17.99 -17.20 9.29
C GLY A 103 18.64 -18.18 8.33
N GLN A 104 18.75 -19.43 8.75
CA GLN A 104 19.45 -20.49 8.02
C GLN A 104 18.55 -21.69 8.01
N VAL A 105 18.63 -22.49 6.95
CA VAL A 105 17.85 -23.71 6.88
C VAL A 105 18.62 -24.79 7.64
N PRO A 106 17.94 -25.49 8.57
CA PRO A 106 18.56 -26.60 9.29
C PRO A 106 18.70 -27.86 8.45
N SER A 107 19.69 -28.69 8.78
CA SER A 107 19.73 -30.03 8.20
C SER A 107 18.67 -30.91 8.85
N THR A 108 18.33 -32.00 8.19
CA THR A 108 17.43 -32.97 8.78
C THR A 108 17.93 -33.47 10.17
N ASN A 109 19.25 -33.72 10.30
CA ASN A 109 19.84 -34.15 11.59
C ASN A 109 19.57 -33.14 12.68
N GLN A 110 19.82 -31.88 12.35
CA GLN A 110 19.64 -30.81 13.29
C GLN A 110 18.20 -30.72 13.77
N VAL A 111 17.25 -30.83 12.84
CA VAL A 111 15.84 -30.83 13.19
C VAL A 111 15.43 -32.05 14.06
N ARG A 112 16.01 -33.22 13.77
CA ARG A 112 15.69 -34.43 14.54
C ARG A 112 16.11 -34.30 16.00
N ALA A 113 17.31 -33.73 16.18
CA ALA A 113 17.85 -33.43 17.50
C ALA A 113 16.95 -32.43 18.23
N PHE A 114 16.48 -31.44 17.48
CA PHE A 114 15.60 -30.43 18.02
C PHE A 114 14.19 -30.96 18.35
N SER A 115 13.65 -31.79 17.48
CA SER A 115 12.37 -32.46 17.76
C SER A 115 12.43 -33.34 19.03
N ARG A 116 13.56 -33.98 19.20
CA ARG A 116 13.81 -34.84 20.34
C ARG A 116 13.84 -34.02 21.64
N GLU A 117 14.47 -32.85 21.60
CA GLU A 117 14.50 -31.95 22.77
C GLU A 117 13.10 -31.48 23.12
N LEU A 118 12.29 -31.19 22.10
CA LEU A 118 10.92 -30.75 22.33
C LEU A 118 10.05 -31.84 22.97
N ALA A 119 10.30 -33.09 22.63
CA ALA A 119 9.54 -34.15 23.25
C ALA A 119 9.93 -34.27 24.74
N GLU A 120 11.24 -34.26 24.98
CA GLU A 120 11.82 -34.34 26.32
C GLU A 120 11.31 -33.26 27.28
N GLN A 121 11.03 -32.06 26.79
CA GLN A 121 10.66 -30.94 27.66
C GLN A 121 9.16 -30.61 27.71
N SER A 122 8.30 -31.54 27.30
CA SER A 122 6.87 -31.26 27.20
C SER A 122 6.14 -31.48 28.51
N HIS A 123 6.79 -32.08 29.50
CA HIS A 123 6.09 -32.36 30.74
C HIS A 123 5.75 -31.12 31.52
N LEU A 124 4.62 -31.19 32.20
CA LEU A 124 4.07 -30.09 32.95
C LEU A 124 4.14 -30.31 34.45
N PRO A 125 4.35 -29.24 35.21
CA PRO A 125 4.21 -29.30 36.67
C PRO A 125 2.78 -29.64 37.10
N GLN A 126 2.64 -30.33 38.23
CA GLN A 126 1.32 -30.76 38.71
C GLN A 126 0.35 -29.59 38.83
N HIS A 127 0.82 -28.42 39.23
CA HIS A 127 -0.08 -27.30 39.47
C HIS A 127 -0.78 -26.83 38.19
N ILE A 128 -0.12 -26.93 37.04
CA ILE A 128 -0.80 -26.60 35.80
C ILE A 128 -1.94 -27.54 35.52
N LEU A 129 -1.75 -28.82 35.83
CA LEU A 129 -2.84 -29.81 35.73
C LEU A 129 -4.01 -29.46 36.66
N ASP A 130 -3.71 -29.10 37.90
CA ASP A 130 -4.74 -28.68 38.86
C ASP A 130 -5.48 -27.43 38.39
N LEU A 131 -4.72 -26.47 37.86
CA LEU A 131 -5.28 -25.23 37.35
C LEU A 131 -6.25 -25.51 36.21
N ILE A 132 -5.83 -26.35 35.27
CA ILE A 132 -6.69 -26.67 34.14
C ILE A 132 -7.93 -27.43 34.58
N LYS A 133 -7.77 -28.29 35.59
CA LYS A 133 -8.89 -29.02 36.18
C LYS A 133 -9.92 -28.10 36.82
N SER A 134 -9.48 -26.94 37.33
CA SER A 134 -10.42 -25.95 37.90
C SER A 134 -11.30 -25.26 36.89
N PHE A 135 -10.99 -25.30 35.60
CA PHE A 135 -11.81 -24.57 34.62
C PHE A 135 -13.18 -25.20 34.51
N PRO A 136 -14.23 -24.39 34.55
CA PRO A 136 -15.56 -24.96 34.26
C PRO A 136 -15.64 -25.40 32.81
N ARG A 137 -16.45 -26.40 32.53
CA ARG A 137 -16.56 -26.96 31.17
C ARG A 137 -16.87 -25.90 30.10
N SER A 138 -17.71 -24.95 30.47
CA SER A 138 -18.12 -23.88 29.56
C SER A 138 -17.10 -22.78 29.31
N MET A 139 -16.04 -22.65 30.12
CA MET A 139 -14.99 -21.66 29.84
C MET A 139 -14.47 -21.80 28.40
N HIS A 140 -14.44 -20.70 27.67
CA HIS A 140 -13.92 -20.71 26.31
C HIS A 140 -12.51 -21.32 26.23
N PRO A 141 -12.24 -22.13 25.19
CA PRO A 141 -10.94 -22.77 25.10
C PRO A 141 -9.75 -21.84 24.96
N MET A 142 -9.91 -20.70 24.31
CA MET A 142 -8.80 -19.74 24.23
C MET A 142 -8.54 -19.05 25.55
N THR A 143 -9.58 -18.92 26.35
CA THR A 143 -9.42 -18.37 27.66
C THR A 143 -8.61 -19.38 28.47
N GLN A 144 -8.91 -20.67 28.33
CA GLN A 144 -8.15 -21.72 29.00
C GLN A 144 -6.68 -21.74 28.59
N LEU A 145 -6.44 -21.64 27.30
CA LEU A 145 -5.10 -21.72 26.76
C LEU A 145 -4.25 -20.55 27.24
N SER A 146 -4.82 -19.35 27.21
CA SER A 146 -4.11 -18.16 27.59
C SER A 146 -3.73 -18.27 29.04
N ILE A 147 -4.67 -18.69 29.88
CA ILE A 147 -4.41 -18.79 31.32
C ILE A 147 -3.28 -19.74 31.69
N ALA A 148 -3.31 -20.92 31.07
CA ALA A 148 -2.36 -21.99 31.37
C ALA A 148 -0.96 -21.63 30.95
N VAL A 149 -0.85 -20.89 29.85
CA VAL A 149 0.43 -20.38 29.38
C VAL A 149 0.95 -19.36 30.35
N ALA A 150 0.12 -18.41 30.75
CA ALA A 150 0.56 -17.46 31.78
C ALA A 150 0.95 -18.20 33.07
N ALA A 151 0.21 -19.24 33.45
CA ALA A 151 0.50 -19.96 34.72
C ALA A 151 1.85 -20.68 34.71
N LEU A 152 2.35 -20.98 33.51
CA LEU A 152 3.66 -21.57 33.35
C LEU A 152 4.81 -20.62 33.60
N ASN A 153 4.51 -19.35 33.89
CA ASN A 153 5.55 -18.39 34.30
C ASN A 153 6.21 -18.74 35.64
N THR A 154 5.61 -19.67 36.38
CA THR A 154 6.27 -20.25 37.55
C THR A 154 7.49 -21.04 37.13
N GLU A 155 7.52 -21.52 35.89
CA GLU A 155 8.68 -22.21 35.38
C GLU A 155 9.70 -21.32 34.67
N SER A 156 9.54 -20.00 34.75
CA SER A 156 10.34 -19.11 33.95
C SER A 156 11.74 -18.89 34.51
N LYS A 157 12.74 -19.29 33.72
CA LYS A 157 14.13 -18.94 34.04
C LYS A 157 14.41 -17.45 33.87
N PHE A 158 13.76 -16.81 32.90
CA PHE A 158 14.01 -15.38 32.65
C PHE A 158 13.54 -14.55 33.82
N ALA A 159 12.35 -14.83 34.31
CA ALA A 159 11.80 -14.08 35.45
C ALA A 159 12.68 -14.26 36.70
N LYS A 160 13.07 -15.50 36.97
CA LYS A 160 13.90 -15.77 38.13
C LYS A 160 15.28 -15.18 37.96
N ALA A 161 15.86 -15.30 36.78
CA ALA A 161 17.17 -14.69 36.53
C ALA A 161 17.11 -13.17 36.55
N TYR A 162 16.07 -12.56 35.99
CA TYR A 162 15.94 -11.11 36.02
C TYR A 162 15.85 -10.61 37.46
N GLU A 163 15.06 -11.31 38.26
CA GLU A 163 14.80 -10.95 39.64
C GLU A 163 16.08 -11.07 40.48
N LYS A 164 16.91 -12.07 40.18
CA LYS A 164 18.20 -12.30 40.86
C LYS A 164 19.29 -11.28 40.52
N GLY A 165 19.08 -10.48 39.47
CA GLY A 165 20.12 -9.63 38.90
C GLY A 165 20.75 -10.40 37.75
N LEU A 166 20.78 -9.77 36.57
CA LEU A 166 21.25 -10.41 35.35
C LEU A 166 21.73 -9.35 34.36
N SER A 167 22.79 -9.63 33.63
CA SER A 167 23.39 -8.61 32.73
C SER A 167 22.64 -8.53 31.40
N LYS A 168 22.45 -7.31 30.89
CA LYS A 168 21.61 -7.06 29.71
C LYS A 168 21.95 -7.88 28.49
N ALA A 169 23.24 -8.13 28.28
CA ALA A 169 23.70 -8.91 27.13
C ALA A 169 23.27 -10.36 27.22
N ASP A 170 23.08 -10.88 28.42
CA ASP A 170 22.67 -12.27 28.61
C ASP A 170 21.17 -12.49 28.85
N TYR A 171 20.33 -11.50 28.51
CA TYR A 171 18.89 -11.64 28.61
C TYR A 171 18.36 -12.68 27.66
N TRP A 172 18.95 -12.76 26.48
CA TRP A 172 18.43 -13.62 25.45
C TRP A 172 18.49 -15.12 25.84
N GLU A 173 19.51 -15.55 26.57
CA GLU A 173 19.66 -16.96 26.88
C GLU A 173 18.53 -17.51 27.74
N PRO A 174 18.19 -16.82 28.84
CA PRO A 174 17.02 -17.24 29.61
C PRO A 174 15.73 -17.12 28.78
N THR A 175 15.63 -16.07 27.97
CA THR A 175 14.50 -15.88 27.06
C THR A 175 14.39 -17.05 26.08
N PHE A 176 15.52 -17.46 25.51
CA PHE A 176 15.58 -18.60 24.62
C PHE A 176 15.18 -19.89 25.36
N ASP A 177 15.73 -20.10 26.56
CA ASP A 177 15.42 -21.31 27.32
C ASP A 177 13.93 -21.41 27.58
N ASP A 178 13.35 -20.27 27.94
CA ASP A 178 11.92 -20.21 28.20
C ASP A 178 11.10 -20.44 26.96
N SER A 179 11.56 -19.91 25.82
CA SER A 179 10.85 -20.07 24.56
C SER A 179 10.76 -21.52 24.11
N ILE A 180 11.87 -22.26 24.28
CA ILE A 180 11.92 -23.68 23.93
C ILE A 180 11.01 -24.46 24.86
N SER A 181 11.04 -24.10 26.14
CA SER A 181 10.22 -24.74 27.16
C SER A 181 8.75 -24.56 26.86
N LEU A 182 8.37 -23.33 26.51
CA LEU A 182 6.97 -23.05 26.18
C LEU A 182 6.53 -23.80 24.92
N LEU A 183 7.41 -23.84 23.93
CA LEU A 183 7.13 -24.56 22.68
C LEU A 183 6.90 -26.04 22.86
N ALA A 184 7.73 -26.66 23.72
CA ALA A 184 7.63 -28.09 24.01
C ALA A 184 6.35 -28.44 24.74
N LYS A 185 5.99 -27.59 25.69
CA LYS A 185 4.83 -27.76 26.56
C LYS A 185 3.46 -27.37 25.97
N ILE A 186 3.42 -26.38 25.08
CA ILE A 186 2.13 -25.80 24.67
C ILE A 186 1.21 -26.81 23.96
N PRO A 187 1.78 -27.71 23.13
CA PRO A 187 0.90 -28.70 22.52
C PRO A 187 0.14 -29.54 23.54
N ARG A 188 0.83 -29.93 24.59
CA ARG A 188 0.22 -30.72 25.64
C ARG A 188 -0.82 -29.92 26.37
N VAL A 189 -0.51 -28.67 26.64
CA VAL A 189 -1.48 -27.78 27.29
C VAL A 189 -2.73 -27.71 26.42
N ALA A 190 -2.51 -27.45 25.13
CA ALA A 190 -3.58 -27.35 24.15
C ALA A 190 -4.40 -28.61 24.13
N ALA A 191 -3.75 -29.76 24.21
CA ALA A 191 -4.46 -31.04 24.28
C ALA A 191 -5.35 -31.20 25.54
N LEU A 192 -4.90 -30.65 26.66
CA LEU A 192 -5.69 -30.65 27.91
C LEU A 192 -6.96 -29.80 27.80
N VAL A 193 -6.88 -28.72 27.05
CA VAL A 193 -8.05 -27.91 26.72
C VAL A 193 -9.04 -28.69 25.86
N PHE A 194 -8.54 -29.41 24.86
CA PHE A 194 -9.35 -30.27 23.97
C PHE A 194 -9.99 -31.39 24.73
N ARG A 195 -9.31 -31.90 25.75
CA ARG A 195 -9.72 -33.12 26.44
C ARG A 195 -9.81 -32.94 27.97
N PRO A 196 -10.77 -32.12 28.42
CA PRO A 196 -10.94 -31.80 29.84
C PRO A 196 -11.22 -32.98 30.76
N ASP A 197 -11.82 -34.05 30.24
CA ASP A 197 -12.14 -35.23 31.06
C ASP A 197 -10.96 -36.19 31.26
N GLU A 198 -9.89 -36.00 30.47
CA GLU A 198 -8.75 -36.90 30.44
C GLU A 198 -7.46 -36.18 30.81
N VAL A 199 -7.56 -35.19 31.70
CA VAL A 199 -6.41 -34.41 32.11
C VAL A 199 -5.28 -35.21 32.74
N ASP A 200 -5.59 -36.16 33.61
CA ASP A 200 -4.50 -36.87 34.29
C ASP A 200 -3.71 -37.75 33.33
N GLN A 201 -4.41 -38.37 32.38
CA GLN A 201 -3.73 -39.19 31.38
C GLN A 201 -2.99 -38.34 30.35
N VAL A 202 -3.67 -37.38 29.76
CA VAL A 202 -3.06 -36.56 28.73
C VAL A 202 -1.93 -35.70 29.30
N GLY A 203 -2.11 -35.24 30.52
CA GLY A 203 -1.12 -34.38 31.16
C GLY A 203 0.22 -35.02 31.46
N THR A 204 0.23 -36.34 31.59
CA THR A 204 1.43 -37.09 31.94
C THR A 204 1.91 -38.06 30.87
N GLN A 205 1.10 -38.33 29.86
CA GLN A 205 1.45 -39.36 28.88
C GLN A 205 2.75 -39.03 28.13
N ALA A 206 3.54 -40.07 27.92
CA ALA A 206 4.84 -39.94 27.35
C ALA A 206 4.68 -39.64 25.87
N LEU A 207 5.55 -38.80 25.34
CA LEU A 207 5.60 -38.59 23.91
C LEU A 207 6.55 -39.58 23.28
N ASP A 208 6.27 -39.93 22.03
CA ASP A 208 7.20 -40.67 21.20
C ASP A 208 8.41 -39.74 20.99
N ALA A 209 9.54 -40.17 21.52
CA ALA A 209 10.75 -39.31 21.55
C ALA A 209 11.40 -39.11 20.18
N SER A 210 11.13 -40.05 19.27
CA SER A 210 11.69 -40.06 17.91
C SER A 210 10.83 -39.34 16.89
N GLN A 211 9.78 -38.63 17.35
CA GLN A 211 8.79 -38.05 16.43
C GLN A 211 8.76 -36.55 16.52
N ASP A 212 8.28 -35.94 15.45
CA ASP A 212 8.17 -34.50 15.35
C ASP A 212 7.02 -33.92 16.19
N TRP A 213 7.13 -32.63 16.40
CA TRP A 213 6.26 -31.82 17.26
C TRP A 213 4.77 -31.98 16.91
N SER A 214 4.48 -31.90 15.62
CA SER A 214 3.12 -31.97 15.10
C SER A 214 2.57 -33.35 15.30
N TYR A 215 3.41 -34.35 15.05
CA TYR A 215 2.99 -35.71 15.32
C TYR A 215 2.61 -35.89 16.80
N ASN A 216 3.45 -35.45 17.69
CA ASN A 216 3.18 -35.58 19.10
C ASN A 216 1.98 -34.76 19.54
N PHE A 217 1.80 -33.61 18.93
CA PHE A 217 0.62 -32.81 19.21
C PHE A 217 -0.64 -33.61 18.79
N ALA A 218 -0.57 -34.25 17.61
CA ALA A 218 -1.67 -35.13 17.18
C ALA A 218 -1.92 -36.33 18.12
N GLU A 219 -0.84 -36.93 18.61
CA GLU A 219 -0.90 -38.08 19.54
C GLU A 219 -1.65 -37.68 20.80
N LEU A 220 -1.30 -36.50 21.34
CA LEU A 220 -1.93 -35.96 22.54
C LEU A 220 -3.38 -35.60 22.28
N LEU A 221 -3.66 -35.19 21.05
CA LEU A 221 -5.03 -34.99 20.61
C LEU A 221 -5.86 -36.27 20.42
N GLY A 222 -5.25 -37.45 20.49
CA GLY A 222 -5.92 -38.71 20.21
C GLY A 222 -5.90 -39.09 18.72
N LYS A 223 -5.01 -38.47 17.94
CA LYS A 223 -4.89 -38.76 16.50
C LYS A 223 -3.50 -39.25 16.08
N GLY A 224 -2.89 -40.07 16.94
CA GLY A 224 -1.58 -40.63 16.64
C GLY A 224 -1.61 -41.85 15.76
N GLY A 225 -0.43 -42.29 15.38
CA GLY A 225 -0.23 -43.53 14.62
C GLY A 225 -0.46 -43.43 13.13
N LYS A 226 -0.14 -44.52 12.44
CA LYS A 226 -0.08 -44.57 10.98
C LYS A 226 -1.41 -44.22 10.30
N GLU A 227 -2.50 -44.66 10.92
CA GLU A 227 -3.84 -44.46 10.35
C GLU A 227 -4.25 -42.99 10.30
N ASN A 228 -3.56 -42.15 11.08
CA ASN A 228 -3.75 -40.70 11.06
C ASN A 228 -2.63 -39.90 10.40
N GLN A 229 -1.80 -40.56 9.59
CA GLN A 229 -0.62 -39.87 9.03
C GLN A 229 -0.93 -38.73 8.05
N ASP A 230 -2.08 -38.79 7.36
CA ASP A 230 -2.45 -37.71 6.49
C ASP A 230 -2.66 -36.41 7.26
N PHE A 231 -3.40 -36.52 8.35
CA PHE A 231 -3.61 -35.40 9.27
C PHE A 231 -2.33 -34.88 9.90
N HIS A 232 -1.37 -35.76 10.14
CA HIS A 232 -0.08 -35.32 10.65
C HIS A 232 0.54 -34.35 9.66
N ASP A 233 0.46 -34.70 8.39
CA ASP A 233 0.93 -33.82 7.33
C ASP A 233 0.18 -32.49 7.28
N LEU A 234 -1.14 -32.54 7.45
CA LEU A 234 -1.93 -31.29 7.47
C LEU A 234 -1.48 -30.42 8.62
N LEU A 235 -1.39 -31.04 9.79
CA LEU A 235 -1.04 -30.34 10.99
C LEU A 235 0.34 -29.70 10.90
N ARG A 236 1.27 -30.43 10.30
CA ARG A 236 2.63 -29.94 10.10
C ARG A 236 2.59 -28.73 9.23
N LEU A 237 1.93 -28.83 8.09
CA LEU A 237 1.82 -27.70 7.17
C LEU A 237 1.15 -26.54 7.89
N TYR A 238 0.08 -26.84 8.59
CA TYR A 238 -0.75 -25.80 9.18
C TYR A 238 0.03 -24.98 10.21
N LEU A 239 0.72 -25.67 11.10
CA LEU A 239 1.51 -25.06 12.15
C LEU A 239 2.66 -24.25 11.60
N ALA A 240 3.30 -24.75 10.54
CA ALA A 240 4.40 -24.00 9.91
C ALA A 240 3.92 -22.74 9.17
N LEU A 241 2.76 -22.81 8.53
CA LEU A 241 2.11 -21.63 7.90
C LEU A 241 1.64 -20.54 8.86
N HIS A 242 1.25 -20.90 10.08
CA HIS A 242 0.68 -19.92 11.01
C HIS A 242 1.70 -19.42 12.02
N GLY A 243 2.94 -19.87 11.93
CA GLY A 243 3.95 -19.55 12.94
C GLY A 243 4.22 -18.07 13.07
N ASP A 244 4.40 -17.44 11.92
CA ASP A 244 4.78 -16.04 11.91
C ASP A 244 4.18 -15.37 10.72
N HIS A 245 3.69 -14.15 10.92
CA HIS A 245 3.19 -13.34 9.83
C HIS A 245 3.51 -11.89 10.13
N GLU A 246 4.83 -11.64 10.17
CA GLU A 246 5.44 -10.37 10.54
C GLU A 246 5.10 -9.89 11.96
N GLY A 247 5.32 -8.62 12.28
CA GLY A 247 5.15 -8.15 13.65
C GLY A 247 3.88 -7.42 14.00
N GLY A 248 3.24 -6.90 12.96
CA GLY A 248 2.06 -6.06 13.13
C GLY A 248 0.77 -6.72 13.55
N ASN A 249 0.66 -8.02 13.32
CA ASN A 249 -0.54 -8.77 13.72
C ASN A 249 -0.70 -8.77 15.22
N VAL A 250 -1.92 -8.78 15.68
CA VAL A 250 -2.20 -8.53 17.08
C VAL A 250 -1.45 -9.47 18.04
N SER A 251 -1.36 -10.75 17.70
CA SER A 251 -0.86 -11.70 18.67
C SER A 251 0.64 -11.54 18.78
N ALA A 252 1.31 -11.41 17.63
CA ALA A 252 2.77 -11.16 17.59
C ALA A 252 3.11 -9.89 18.32
N HIS A 253 2.40 -8.84 17.97
CA HIS A 253 2.60 -7.53 18.54
C HIS A 253 2.41 -7.57 20.05
N ALA A 254 1.26 -8.07 20.50
CA ALA A 254 0.98 -8.18 21.93
C ALA A 254 2.11 -8.92 22.63
N THR A 255 2.57 -10.03 22.07
CA THR A 255 3.68 -10.76 22.67
C THR A 255 4.90 -9.86 22.80
N HIS A 256 5.24 -9.15 21.72
CA HIS A 256 6.37 -8.20 21.74
C HIS A 256 6.19 -7.08 22.74
N LEU A 257 5.00 -6.51 22.73
CA LEU A 257 4.67 -5.38 23.56
C LEU A 257 4.85 -5.71 25.04
N VAL A 258 4.18 -6.77 25.50
CA VAL A 258 4.33 -7.25 26.87
C VAL A 258 5.77 -7.71 27.16
N GLY A 259 6.38 -8.36 26.18
CA GLY A 259 7.80 -8.67 26.27
C GLY A 259 8.71 -7.48 26.48
N SER A 260 8.38 -6.33 25.91
CA SER A 260 9.29 -5.17 25.92
C SER A 260 9.44 -4.53 27.32
N ALA A 261 8.50 -4.82 28.20
CA ALA A 261 8.60 -4.40 29.60
C ALA A 261 9.37 -5.44 30.46
N LEU A 262 9.90 -6.46 29.80
CA LEU A 262 10.70 -7.56 30.38
C LEU A 262 9.90 -8.60 31.18
N SER A 263 8.62 -8.70 30.86
CA SER A 263 7.83 -9.87 31.22
C SER A 263 8.37 -11.05 30.45
N ASP A 264 8.44 -12.19 31.12
CA ASP A 264 8.93 -13.41 30.51
C ASP A 264 8.07 -13.92 29.33
N PRO A 265 8.62 -14.86 28.57
CA PRO A 265 7.88 -15.35 27.42
C PRO A 265 6.54 -16.04 27.70
N PHE A 266 6.34 -16.60 28.88
CA PHE A 266 5.03 -17.20 29.19
C PHE A 266 3.99 -16.12 29.36
N LEU A 267 4.31 -15.11 30.17
CA LEU A 267 3.42 -13.97 30.31
C LEU A 267 3.21 -13.21 29.01
N SER A 268 4.28 -13.07 28.22
CA SER A 268 4.25 -12.25 27.02
C SER A 268 3.37 -12.89 25.97
N TYR A 269 3.56 -14.19 25.77
CA TYR A 269 2.81 -14.91 24.78
C TYR A 269 1.43 -15.27 25.29
N SER A 270 1.24 -15.24 26.59
CA SER A 270 -0.12 -15.32 27.10
C SER A 270 -0.92 -14.15 26.54
N ALA A 271 -0.35 -12.97 26.60
CA ALA A 271 -0.98 -11.78 26.07
C ALA A 271 -1.19 -11.91 24.55
N GLY A 272 -0.23 -12.52 23.86
CA GLY A 272 -0.42 -12.87 22.44
C GLY A 272 -1.69 -13.68 22.22
N LEU A 273 -1.89 -14.67 23.07
CA LEU A 273 -3.00 -15.58 22.96
C LEU A 273 -4.31 -14.91 23.24
N LEU A 274 -4.30 -13.96 24.18
CA LEU A 274 -5.45 -13.15 24.48
C LEU A 274 -5.84 -12.32 23.25
N GLY A 275 -4.83 -11.77 22.55
CA GLY A 275 -5.07 -11.05 21.31
C GLY A 275 -5.54 -11.98 20.19
N LEU A 276 -4.96 -13.17 20.15
CA LEU A 276 -5.36 -14.18 19.18
C LEU A 276 -6.80 -14.63 19.38
N ALA A 277 -7.30 -14.57 20.63
CA ALA A 277 -8.68 -14.89 20.94
C ALA A 277 -9.72 -13.88 20.44
N GLY A 278 -9.25 -12.80 19.81
CA GLY A 278 -10.12 -11.78 19.28
C GLY A 278 -10.78 -12.27 18.00
N PRO A 279 -12.11 -12.12 17.89
CA PRO A 279 -12.83 -12.39 16.64
C PRO A 279 -12.21 -11.84 15.37
N LEU A 280 -11.66 -10.63 15.43
CA LEU A 280 -11.00 -10.06 14.27
C LEU A 280 -9.63 -10.66 13.98
N HIS A 281 -9.06 -11.38 14.94
CA HIS A 281 -7.77 -12.02 14.77
C HIS A 281 -7.94 -13.53 14.61
N GLY A 282 -7.29 -14.37 15.42
CA GLY A 282 -7.35 -15.81 15.20
C GLY A 282 -8.64 -16.49 15.54
N LEU A 283 -9.43 -15.90 16.45
CA LEU A 283 -10.75 -16.43 16.69
C LEU A 283 -11.60 -16.40 15.42
N ALA A 284 -11.20 -15.70 14.36
CA ALA A 284 -11.81 -15.87 13.04
C ALA A 284 -11.80 -17.30 12.52
N ALA A 285 -10.80 -18.11 12.81
CA ALA A 285 -10.80 -19.50 12.34
C ALA A 285 -12.01 -20.23 12.83
N GLN A 286 -12.28 -20.09 14.14
CA GLN A 286 -13.48 -20.60 14.75
C GLN A 286 -14.74 -20.02 14.12
N GLU A 287 -14.75 -18.70 13.99
CA GLU A 287 -15.90 -17.95 13.49
C GLU A 287 -16.24 -18.28 12.06
N VAL A 288 -15.24 -18.63 11.26
CA VAL A 288 -15.46 -18.99 9.87
C VAL A 288 -16.25 -20.28 9.80
N LEU A 289 -15.80 -21.29 10.52
CA LEU A 289 -16.44 -22.56 10.40
C LEU A 289 -17.81 -22.56 11.04
N ARG A 290 -17.98 -21.81 12.13
CA ARG A 290 -19.34 -21.70 12.73
C ARG A 290 -20.28 -21.00 11.75
N TRP A 291 -19.77 -19.97 11.10
CA TRP A 291 -20.50 -19.25 10.08
C TRP A 291 -20.82 -20.12 8.88
N ILE A 292 -19.87 -20.94 8.45
CA ILE A 292 -20.09 -21.86 7.31
C ILE A 292 -21.12 -22.94 7.67
N LEU A 293 -21.07 -23.47 8.89
CA LEU A 293 -22.01 -24.48 9.29
C LEU A 293 -23.41 -23.92 9.42
N ALA A 294 -23.51 -22.71 9.95
CA ALA A 294 -24.78 -21.99 10.00
C ALA A 294 -25.38 -21.82 8.60
N MET A 295 -24.53 -21.44 7.64
CA MET A 295 -24.95 -21.25 6.24
C MET A 295 -25.46 -22.54 5.65
N GLN A 296 -24.76 -23.61 5.94
CA GLN A 296 -25.14 -24.94 5.44
C GLN A 296 -26.52 -25.33 5.95
N ASP A 297 -26.74 -25.10 7.23
CA ASP A 297 -28.03 -25.41 7.84
C ASP A 297 -29.15 -24.60 7.19
N LYS A 298 -28.86 -23.33 6.89
CA LYS A 298 -29.83 -22.45 6.28
C LYS A 298 -30.11 -22.79 4.83
N ILE A 299 -29.06 -22.97 4.04
CA ILE A 299 -29.19 -23.18 2.59
C ILE A 299 -29.42 -24.65 2.19
N GLY A 300 -28.93 -25.57 3.02
CA GLY A 300 -29.15 -27.00 2.81
C GLY A 300 -28.13 -27.68 1.91
N THR A 301 -28.44 -28.91 1.50
CA THR A 301 -27.52 -29.74 0.73
C THR A 301 -27.42 -29.29 -0.72
N LYS A 302 -28.55 -28.93 -1.31
CA LYS A 302 -28.58 -28.49 -2.71
C LYS A 302 -28.88 -27.02 -2.66
N PHE A 303 -27.96 -26.20 -3.19
CA PHE A 303 -28.08 -24.76 -3.11
C PHE A 303 -27.50 -24.09 -4.33
N THR A 304 -27.93 -22.85 -4.53
CA THR A 304 -27.51 -22.06 -5.66
C THR A 304 -26.50 -21.06 -5.19
N ASP A 305 -25.75 -20.48 -6.13
CA ASP A 305 -24.87 -19.32 -5.86
C ASP A 305 -25.60 -18.21 -5.13
N ASP A 306 -26.85 -17.95 -5.50
CA ASP A 306 -27.63 -16.90 -4.83
C ASP A 306 -27.87 -17.19 -3.37
N ASP A 307 -28.08 -18.44 -3.01
CA ASP A 307 -28.28 -18.82 -1.62
C ASP A 307 -27.09 -18.41 -0.79
N VAL A 308 -25.89 -18.66 -1.34
CA VAL A 308 -24.63 -18.24 -0.71
C VAL A 308 -24.49 -16.72 -0.73
N ARG A 309 -24.81 -16.10 -1.86
CA ARG A 309 -24.74 -14.66 -1.98
C ARG A 309 -25.63 -13.96 -0.94
N ASN A 310 -26.87 -14.43 -0.83
CA ASN A 310 -27.84 -13.93 0.14
C ASN A 310 -27.38 -14.10 1.56
N TYR A 311 -26.76 -15.23 1.90
CA TYR A 311 -26.34 -15.47 3.27
C TYR A 311 -25.22 -14.51 3.67
N LEU A 312 -24.32 -14.21 2.74
CA LEU A 312 -23.25 -13.24 2.96
C LEU A 312 -23.82 -11.83 3.14
N TRP A 313 -24.70 -11.44 2.21
CA TRP A 313 -25.30 -10.13 2.29
C TRP A 313 -26.11 -9.94 3.56
N ASP A 314 -26.88 -10.93 3.91
CA ASP A 314 -27.59 -10.91 5.19
C ASP A 314 -26.65 -10.74 6.37
N THR A 315 -25.51 -11.43 6.36
CA THR A 315 -24.50 -11.29 7.42
C THR A 315 -23.97 -9.86 7.52
N LEU A 316 -23.58 -9.28 6.38
CA LEU A 316 -23.14 -7.88 6.32
C LEU A 316 -24.20 -6.87 6.71
N LYS A 317 -25.43 -7.07 6.24
CA LYS A 317 -26.54 -6.19 6.64
C LYS A 317 -26.90 -6.30 8.13
N SER A 318 -26.58 -7.42 8.78
CA SER A 318 -26.72 -7.55 10.24
C SER A 318 -25.68 -6.76 11.05
N GLY A 319 -24.73 -6.11 10.37
CA GLY A 319 -23.67 -5.36 10.97
C GLY A 319 -22.59 -6.26 11.51
N ARG A 320 -22.38 -7.39 10.84
CA ARG A 320 -21.34 -8.34 11.23
C ARG A 320 -20.34 -8.47 10.10
N VAL A 321 -19.14 -8.96 10.39
CA VAL A 321 -18.14 -9.22 9.36
C VAL A 321 -18.37 -10.56 8.70
N VAL A 322 -17.86 -10.73 7.49
CA VAL A 322 -17.76 -12.02 6.87
C VAL A 322 -16.42 -12.57 7.29
N PRO A 323 -16.40 -13.55 8.20
CA PRO A 323 -15.10 -14.02 8.65
C PRO A 323 -14.32 -14.76 7.56
N GLY A 324 -13.00 -14.66 7.69
CA GLY A 324 -12.07 -15.28 6.77
C GLY A 324 -11.76 -14.49 5.51
N TYR A 325 -12.29 -13.26 5.39
CA TYR A 325 -12.02 -12.39 4.25
C TYR A 325 -11.50 -11.08 4.79
N GLY A 326 -10.49 -10.51 4.15
CA GLY A 326 -9.88 -9.25 4.59
C GLY A 326 -8.54 -9.44 5.27
N HIS A 327 -7.83 -8.36 5.45
CA HIS A 327 -6.51 -8.35 6.09
C HIS A 327 -6.05 -6.92 6.24
N GLY A 328 -5.34 -6.63 7.32
CA GLY A 328 -4.75 -5.31 7.54
C GLY A 328 -3.69 -4.90 6.53
N VAL A 329 -3.01 -5.88 5.93
CA VAL A 329 -1.95 -5.63 4.95
C VAL A 329 -2.24 -6.17 3.54
N LEU A 330 -2.61 -7.44 3.44
CA LEU A 330 -2.81 -8.13 2.16
C LEU A 330 -3.91 -7.54 1.31
N ARG A 331 -3.67 -7.43 0.02
CA ARG A 331 -4.64 -6.93 -0.96
C ARG A 331 -4.96 -7.97 -2.03
N LYS A 332 -4.45 -9.19 -1.87
CA LYS A 332 -4.66 -10.31 -2.79
C LYS A 332 -5.05 -11.55 -1.95
N PRO A 333 -5.55 -12.64 -2.59
CA PRO A 333 -5.75 -13.85 -1.78
C PRO A 333 -4.45 -14.32 -1.13
N ASP A 334 -4.58 -14.72 0.13
CA ASP A 334 -3.48 -15.03 1.01
C ASP A 334 -2.82 -16.31 0.51
N PRO A 335 -1.47 -16.30 0.28
CA PRO A 335 -0.85 -17.55 -0.18
C PRO A 335 -0.91 -18.67 0.88
N ARG A 336 -1.05 -18.33 2.14
CA ARG A 336 -1.34 -19.34 3.17
C ARG A 336 -2.67 -20.03 2.92
N PHE A 337 -3.68 -19.24 2.55
CA PHE A 337 -4.98 -19.77 2.18
C PHE A 337 -4.83 -20.69 0.98
N GLN A 338 -4.11 -20.24 -0.03
CA GLN A 338 -3.95 -21.02 -1.25
C GLN A 338 -3.22 -22.32 -0.98
N ALA A 339 -2.21 -22.28 -0.13
CA ALA A 339 -1.45 -23.48 0.28
C ALA A 339 -2.33 -24.53 0.94
N LEU A 340 -3.29 -24.09 1.75
CA LEU A 340 -4.23 -25.01 2.39
C LEU A 340 -5.23 -25.54 1.40
N MET A 341 -5.66 -24.71 0.46
CA MET A 341 -6.54 -25.20 -0.61
C MET A 341 -5.83 -26.20 -1.52
N ASP A 342 -4.54 -26.03 -1.73
CA ASP A 342 -3.73 -26.92 -2.57
C ASP A 342 -3.44 -28.21 -1.87
N PHE A 343 -3.39 -28.17 -0.55
CA PHE A 343 -3.31 -29.39 0.23
C PHE A 343 -4.55 -30.24 0.01
N ALA A 344 -5.69 -29.58 -0.06
CA ALA A 344 -7.00 -30.21 -0.32
C ALA A 344 -7.13 -30.75 -1.73
N ALA A 345 -6.50 -30.05 -2.67
CA ALA A 345 -6.59 -30.35 -4.10
C ALA A 345 -6.10 -31.73 -4.49
N THR A 346 -5.20 -32.32 -3.71
CA THR A 346 -4.68 -33.62 -4.03
C THR A 346 -5.39 -34.70 -3.23
N ARG A 347 -6.40 -34.32 -2.45
CA ARG A 347 -7.13 -35.27 -1.63
C ARG A 347 -8.58 -35.27 -2.03
N PRO A 348 -8.98 -36.22 -2.89
CA PRO A 348 -10.37 -36.28 -3.38
C PRO A 348 -11.43 -36.46 -2.29
N ASP A 349 -11.12 -37.11 -1.18
CA ASP A 349 -12.11 -37.25 -0.09
C ASP A 349 -12.38 -35.88 0.58
N VAL A 350 -11.37 -35.02 0.65
CA VAL A 350 -11.56 -33.67 1.16
C VAL A 350 -12.41 -32.83 0.21
N LEU A 351 -12.13 -32.91 -1.09
CA LEU A 351 -12.89 -32.15 -2.09
C LEU A 351 -14.36 -32.58 -2.13
N ALA A 352 -14.60 -33.84 -1.81
CA ALA A 352 -15.94 -34.41 -1.69
C ALA A 352 -16.69 -34.02 -0.40
N ASN A 353 -15.98 -33.55 0.61
CA ASN A 353 -16.60 -33.09 1.85
C ASN A 353 -17.44 -31.85 1.57
N PRO A 354 -18.78 -31.92 1.84
CA PRO A 354 -19.70 -30.83 1.51
C PRO A 354 -19.36 -29.53 2.22
N VAL A 355 -18.77 -29.62 3.41
CA VAL A 355 -18.40 -28.42 4.14
C VAL A 355 -17.23 -27.77 3.42
N PHE A 356 -16.26 -28.55 2.98
CA PHE A 356 -15.14 -27.96 2.21
C PHE A 356 -15.61 -27.33 0.90
N GLN A 357 -16.51 -28.01 0.20
CA GLN A 357 -17.12 -27.50 -1.05
C GLN A 357 -17.81 -26.17 -0.83
N LEU A 358 -18.40 -26.02 0.34
CA LEU A 358 -19.10 -24.80 0.69
C LEU A 358 -18.10 -23.66 0.93
N VAL A 359 -16.99 -23.98 1.59
CA VAL A 359 -15.89 -23.04 1.74
C VAL A 359 -15.36 -22.60 0.38
N LYS A 360 -15.14 -23.57 -0.51
CA LYS A 360 -14.63 -23.27 -1.85
C LYS A 360 -15.58 -22.38 -2.63
N LYS A 361 -16.86 -22.75 -2.57
CA LYS A 361 -17.88 -22.01 -3.28
C LYS A 361 -17.98 -20.57 -2.72
N ASN A 362 -17.91 -20.47 -1.40
CA ASN A 362 -17.95 -19.18 -0.75
C ASN A 362 -16.79 -18.25 -1.15
N SER A 363 -15.61 -18.83 -1.39
CA SER A 363 -14.45 -18.05 -1.82
C SER A 363 -14.59 -17.51 -3.24
N GLU A 364 -15.43 -18.17 -4.05
CA GLU A 364 -15.76 -17.69 -5.39
C GLU A 364 -16.82 -16.59 -5.40
N ILE A 365 -17.58 -16.45 -4.32
CA ILE A 365 -18.70 -15.49 -4.28
C ILE A 365 -18.45 -14.33 -3.32
N ALA A 366 -17.84 -14.63 -2.18
CA ALA A 366 -17.65 -13.62 -1.14
C ALA A 366 -16.89 -12.36 -1.59
N PRO A 367 -15.82 -12.49 -2.37
CA PRO A 367 -15.12 -11.27 -2.79
C PRO A 367 -15.95 -10.22 -3.54
N ALA A 368 -16.84 -10.67 -4.42
CA ALA A 368 -17.71 -9.75 -5.18
C ALA A 368 -18.64 -9.03 -4.26
N VAL A 369 -19.30 -9.83 -3.39
CA VAL A 369 -20.22 -9.31 -2.38
C VAL A 369 -19.48 -8.31 -1.48
N LEU A 370 -18.31 -8.69 -0.99
CA LEU A 370 -17.54 -7.74 -0.13
C LEU A 370 -17.18 -6.45 -0.85
N THR A 371 -16.85 -6.56 -2.12
CA THR A 371 -16.58 -5.39 -2.97
C THR A 371 -17.84 -4.55 -3.16
N GLU A 372 -18.98 -5.17 -3.41
CA GLU A 372 -20.25 -4.45 -3.52
C GLU A 372 -20.59 -3.67 -2.24
N HIS A 373 -20.31 -4.29 -1.09
CA HIS A 373 -20.48 -3.68 0.22
C HIS A 373 -19.56 -2.46 0.33
N GLY A 374 -18.34 -2.62 -0.16
CA GLY A 374 -17.41 -1.52 -0.37
C GLY A 374 -16.77 -0.89 0.86
N LYS A 375 -16.85 -1.58 2.01
CA LYS A 375 -16.21 -1.09 3.22
C LYS A 375 -14.79 -1.60 3.24
N THR A 376 -14.58 -2.87 2.93
CA THR A 376 -13.26 -3.47 3.02
C THR A 376 -12.22 -3.06 1.96
N LYS A 377 -10.98 -2.93 2.41
CA LYS A 377 -9.82 -2.68 1.57
C LYS A 377 -9.42 -3.93 0.77
N ASN A 378 -9.69 -5.10 1.37
CA ASN A 378 -9.33 -6.40 0.85
C ASN A 378 -10.52 -7.39 0.87
N PRO A 379 -11.11 -7.63 -0.29
CA PRO A 379 -12.25 -8.55 -0.36
C PRO A 379 -11.88 -10.02 -0.41
N HIS A 380 -10.59 -10.34 -0.39
CA HIS A 380 -10.09 -11.70 -0.62
C HIS A 380 -9.95 -12.53 0.64
N PRO A 381 -9.94 -13.87 0.48
CA PRO A 381 -9.88 -14.76 1.61
C PRO A 381 -8.53 -14.75 2.28
N ASN A 382 -8.53 -14.89 3.60
CA ASN A 382 -7.31 -15.06 4.38
C ASN A 382 -7.25 -16.52 4.79
N VAL A 383 -6.17 -16.90 5.47
CA VAL A 383 -5.93 -18.30 5.84
C VAL A 383 -7.01 -18.89 6.73
N ASP A 384 -7.63 -18.08 7.58
CA ASP A 384 -8.70 -18.58 8.45
C ASP A 384 -9.92 -19.12 7.72
N ALA A 385 -10.11 -18.71 6.47
CA ALA A 385 -11.24 -19.18 5.68
C ALA A 385 -11.20 -20.68 5.41
N ALA A 386 -9.99 -21.20 5.31
CA ALA A 386 -9.78 -22.57 4.92
C ALA A 386 -9.31 -23.51 6.02
N SER A 387 -8.68 -22.97 7.07
CA SER A 387 -8.03 -23.84 8.08
C SER A 387 -9.01 -24.72 8.85
N GLY A 388 -10.14 -24.14 9.28
CA GLY A 388 -11.10 -24.86 10.11
C GLY A 388 -11.79 -26.00 9.39
N VAL A 389 -12.14 -25.81 8.13
CA VAL A 389 -12.80 -26.87 7.40
C VAL A 389 -11.91 -28.09 7.31
N LEU A 390 -10.61 -27.89 7.26
CA LEU A 390 -9.66 -29.01 7.14
C LEU A 390 -9.59 -29.80 8.41
N PHE A 391 -9.58 -29.15 9.57
CA PHE A 391 -9.67 -29.86 10.84
C PHE A 391 -10.99 -30.63 11.00
N TYR A 392 -12.06 -30.00 10.55
CA TYR A 392 -13.39 -30.60 10.55
C TYR A 392 -13.36 -31.90 9.79
N HIS A 393 -12.75 -31.86 8.60
CA HIS A 393 -12.63 -33.05 7.80
C HIS A 393 -11.96 -34.21 8.50
N TYR A 394 -10.92 -33.92 9.28
CA TYR A 394 -10.19 -34.96 10.04
C TYR A 394 -10.78 -35.26 11.41
N GLY A 395 -11.99 -34.78 11.68
CA GLY A 395 -12.72 -35.17 12.90
C GLY A 395 -12.64 -34.20 14.05
N PHE A 396 -12.14 -32.99 13.84
CA PHE A 396 -12.14 -31.97 14.88
C PHE A 396 -13.31 -31.08 14.55
N GLN A 397 -14.45 -31.41 15.13
CA GLN A 397 -15.68 -30.80 14.66
C GLN A 397 -16.30 -29.77 15.62
N GLN A 398 -15.56 -29.40 16.64
CA GLN A 398 -16.06 -28.42 17.63
C GLN A 398 -15.26 -27.13 17.37
N PRO A 399 -15.82 -26.17 16.60
CA PRO A 399 -15.13 -24.94 16.11
C PRO A 399 -14.61 -24.00 17.21
N LEU A 400 -15.19 -24.11 18.42
CA LEU A 400 -14.69 -23.41 19.58
C LEU A 400 -13.23 -23.67 19.92
N TYR A 401 -12.70 -24.83 19.56
CA TYR A 401 -11.29 -25.22 19.78
C TYR A 401 -10.31 -24.83 18.65
N TYR A 402 -10.79 -24.32 17.53
CA TYR A 402 -9.92 -24.16 16.37
C TYR A 402 -8.77 -23.18 16.51
N THR A 403 -9.07 -22.09 17.19
CA THR A 403 -8.06 -21.08 17.45
C THR A 403 -7.01 -21.59 18.45
N VAL A 404 -7.34 -22.61 19.23
CA VAL A 404 -6.37 -23.24 20.13
C VAL A 404 -5.20 -23.83 19.36
N THR A 405 -5.48 -24.50 18.24
CA THR A 405 -4.41 -25.06 17.41
C THR A 405 -3.54 -23.93 16.83
N PHE A 406 -4.17 -22.82 16.49
CA PHE A 406 -3.48 -21.62 16.00
C PHE A 406 -2.56 -21.11 17.10
N GLY A 407 -3.03 -21.14 18.33
CA GLY A 407 -2.22 -20.72 19.47
C GLY A 407 -0.93 -21.49 19.59
N VAL A 408 -0.98 -22.78 19.25
CA VAL A 408 0.23 -23.57 19.31
C VAL A 408 1.18 -23.09 18.23
N SER A 409 0.67 -22.96 16.99
CA SER A 409 1.48 -22.45 15.89
C SER A 409 2.06 -21.09 16.15
N ARG A 410 1.25 -20.17 16.62
CA ARG A 410 1.63 -18.76 16.66
C ARG A 410 2.60 -18.45 17.81
N ALA A 411 2.95 -19.46 18.60
CA ALA A 411 4.06 -19.33 19.52
C ALA A 411 5.40 -19.16 18.78
N LEU A 412 5.49 -19.73 17.60
CA LEU A 412 6.78 -19.86 16.91
C LEU A 412 7.44 -18.53 16.60
N GLY A 413 6.78 -17.72 15.80
CA GLY A 413 7.39 -16.49 15.30
C GLY A 413 7.68 -15.44 16.36
N PRO A 414 6.69 -15.22 17.22
CA PRO A 414 6.79 -14.26 18.29
C PRO A 414 7.79 -14.61 19.35
N LEU A 415 7.93 -15.89 19.69
CA LEU A 415 8.97 -16.31 20.63
C LEU A 415 10.34 -16.07 20.02
N VAL A 416 10.47 -16.36 18.72
CA VAL A 416 11.70 -16.01 18.00
C VAL A 416 12.01 -14.54 18.15
N GLN A 417 11.01 -13.70 17.88
CA GLN A 417 11.22 -12.27 17.93
C GLN A 417 11.61 -11.81 19.32
N LEU A 418 10.97 -12.34 20.37
CA LEU A 418 11.35 -12.00 21.75
C LEU A 418 12.81 -12.27 22.02
N ILE A 419 13.29 -13.41 21.55
CA ILE A 419 14.69 -13.77 21.79
C ILE A 419 15.55 -12.69 21.13
N TRP A 420 15.22 -12.36 19.88
CA TRP A 420 15.95 -11.30 19.19
C TRP A 420 15.80 -9.95 19.87
N ASP A 421 14.62 -9.64 20.39
CA ASP A 421 14.45 -8.37 21.09
C ASP A 421 15.40 -8.25 22.25
N ARG A 422 15.57 -9.33 23.00
CA ARG A 422 16.44 -9.35 24.18
C ARG A 422 17.92 -9.32 23.82
N ALA A 423 18.25 -10.04 22.75
CA ALA A 423 19.59 -10.07 22.19
C ALA A 423 20.05 -8.69 21.67
N LEU A 424 19.15 -8.00 20.99
CA LEU A 424 19.45 -6.66 20.51
C LEU A 424 19.38 -5.56 21.54
N GLY A 425 18.74 -5.82 22.67
CA GLY A 425 18.51 -4.79 23.68
C GLY A 425 17.44 -3.80 23.27
N LEU A 426 16.47 -4.23 22.45
CA LEU A 426 15.35 -3.36 22.09
C LEU A 426 14.61 -2.92 23.33
N PRO A 427 14.16 -1.66 23.33
CA PRO A 427 13.57 -1.07 24.52
C PRO A 427 12.09 -1.36 24.65
N ILE A 428 11.50 -0.82 25.70
CA ILE A 428 10.07 -0.88 25.89
C ILE A 428 9.32 -0.21 24.73
N GLU A 429 8.20 -0.78 24.34
CA GLU A 429 7.36 -0.19 23.33
C GLU A 429 6.44 0.84 23.96
N ARG A 430 6.54 2.07 23.47
CA ARG A 430 5.91 3.21 24.09
C ARG A 430 5.60 4.30 23.05
N PRO A 431 4.53 4.13 22.29
CA PRO A 431 4.06 5.18 21.38
C PRO A 431 3.48 6.36 22.13
N LYS A 432 3.25 7.44 21.39
CA LYS A 432 2.59 8.57 21.97
C LYS A 432 1.15 8.47 21.57
N SER A 433 0.23 8.76 22.49
CA SER A 433 -1.17 8.90 22.16
C SER A 433 -1.57 10.36 22.05
N ILE A 434 -2.76 10.58 21.54
CA ILE A 434 -3.37 11.91 21.56
C ILE A 434 -4.91 11.78 21.49
N ASN A 435 -5.63 12.76 22.02
CA ASN A 435 -7.09 12.75 21.95
C ASN A 435 -7.55 13.38 20.64
N LEU A 436 -8.85 13.26 20.35
CA LEU A 436 -9.44 13.80 19.12
C LEU A 436 -9.39 15.32 19.07
N LEU A 437 -9.65 15.95 20.21
CA LEU A 437 -9.50 17.40 20.35
C LEU A 437 -8.08 17.87 20.03
N GLY A 438 -7.09 17.08 20.42
CA GLY A 438 -5.70 17.36 20.07
C GLY A 438 -5.39 17.23 18.60
N LEU A 439 -6.06 16.30 17.92
CA LEU A 439 -5.93 16.16 16.46
C LEU A 439 -6.65 17.23 15.67
N LYS A 440 -7.75 17.72 16.23
CA LYS A 440 -8.57 18.75 15.62
C LYS A 440 -7.85 20.11 15.57
N LYS A 441 -7.15 20.47 16.65
CA LYS A 441 -6.63 21.84 16.86
C LYS A 441 -6.04 22.64 15.64
N ALA B 7 -15.94 44.36 -32.63
CA ALA B 7 -14.98 43.30 -32.24
C ALA B 7 -13.96 43.04 -33.34
N GLU B 8 -12.71 42.84 -32.92
CA GLU B 8 -11.64 42.37 -33.79
C GLU B 8 -11.80 40.87 -34.04
N PRO B 9 -11.12 40.32 -35.07
CA PRO B 9 -11.33 38.90 -35.37
C PRO B 9 -10.99 38.02 -34.19
N ASP B 10 -11.86 37.05 -33.89
CA ASP B 10 -11.61 36.05 -32.85
C ASP B 10 -10.56 35.05 -33.33
N LEU B 11 -10.12 34.20 -32.41
CA LEU B 11 -9.00 33.32 -32.70
C LEU B 11 -9.31 32.38 -33.86
N LYS B 12 -10.52 31.86 -33.89
CA LYS B 12 -10.87 30.90 -34.93
C LYS B 12 -10.83 31.57 -36.29
N THR B 13 -11.33 32.81 -36.34
CA THR B 13 -11.37 33.57 -37.58
C THR B 13 -9.95 33.92 -38.03
N ALA B 14 -9.12 34.28 -37.06
CA ALA B 14 -7.70 34.58 -37.28
C ALA B 14 -6.97 33.38 -37.87
N LEU B 15 -7.30 32.19 -37.37
CA LEU B 15 -6.72 30.97 -37.91
C LEU B 15 -7.11 30.74 -39.35
N LYS B 16 -8.40 30.83 -39.64
CA LYS B 16 -8.92 30.58 -40.98
C LYS B 16 -8.30 31.43 -42.08
N ALA B 17 -7.88 32.64 -41.72
CA ALA B 17 -7.24 33.56 -42.64
C ALA B 17 -5.84 33.07 -43.05
N VAL B 18 -5.14 32.44 -42.11
CA VAL B 18 -3.78 31.94 -42.37
C VAL B 18 -3.75 30.52 -42.88
N ILE B 19 -4.84 29.78 -42.77
CA ILE B 19 -4.87 28.38 -43.25
C ILE B 19 -4.55 28.21 -44.75
N PRO B 20 -5.19 28.98 -45.64
CA PRO B 20 -4.93 28.74 -47.07
C PRO B 20 -3.48 28.99 -47.47
N ALA B 21 -2.86 30.02 -46.88
CA ALA B 21 -1.45 30.30 -47.14
C ALA B 21 -0.54 29.16 -46.69
N LYS B 22 -0.82 28.58 -45.54
CA LYS B 22 -0.04 27.46 -45.05
C LYS B 22 -0.22 26.24 -45.96
N ARG B 23 -1.45 26.01 -46.42
CA ARG B 23 -1.72 24.90 -47.34
C ARG B 23 -0.99 25.05 -48.66
N GLU B 24 -0.88 26.27 -49.14
CA GLU B 24 -0.18 26.52 -50.39
C GLU B 24 1.32 26.27 -50.25
N LEU B 25 1.86 26.67 -49.11
CA LEU B 25 3.25 26.41 -48.75
C LEU B 25 3.51 24.91 -48.62
N PHE B 26 2.57 24.20 -48.00
CA PHE B 26 2.64 22.75 -47.92
C PHE B 26 2.69 22.09 -49.29
N LYS B 27 1.84 22.57 -50.19
CA LYS B 27 1.85 22.11 -51.59
C LYS B 27 3.22 22.33 -52.26
N GLN B 28 3.85 23.45 -51.96
CA GLN B 28 5.18 23.77 -52.53
C GLN B 28 6.31 22.93 -51.95
N VAL B 29 6.32 22.76 -50.63
CA VAL B 29 7.27 21.86 -49.96
C VAL B 29 7.10 20.43 -50.47
N LYS B 30 5.86 20.04 -50.74
CA LYS B 30 5.54 18.72 -51.25
C LYS B 30 6.10 18.45 -52.65
N GLU B 31 6.17 19.48 -53.49
CA GLU B 31 6.77 19.31 -54.81
C GLU B 31 8.23 18.89 -54.68
N ARG B 32 8.89 19.26 -53.58
CA ARG B 32 10.28 18.90 -53.34
C ARG B 32 10.47 17.72 -52.38
N SER B 33 9.49 16.82 -52.34
CA SER B 33 9.47 15.63 -51.46
C SER B 33 10.71 14.79 -51.56
N ASP B 34 11.16 14.63 -52.79
CA ASP B 34 12.30 13.80 -53.14
C ASP B 34 13.66 14.39 -52.71
N GLU B 35 13.72 15.65 -52.29
CA GLU B 35 14.99 16.23 -51.88
C GLU B 35 15.56 15.63 -50.60
N VAL B 36 16.85 15.36 -50.66
CA VAL B 36 17.61 14.87 -49.55
C VAL B 36 17.99 16.03 -48.65
N ILE B 37 17.60 15.95 -47.38
CA ILE B 37 17.93 16.98 -46.40
C ILE B 37 18.89 16.49 -45.31
N GLY B 38 19.30 15.22 -45.35
CA GLY B 38 20.17 14.66 -44.31
C GLY B 38 20.41 13.18 -44.47
N GLU B 39 21.03 12.59 -43.45
CA GLU B 39 21.44 11.19 -43.45
C GLU B 39 20.87 10.48 -42.23
N VAL B 40 20.58 9.21 -42.39
CA VAL B 40 20.35 8.32 -41.27
C VAL B 40 21.62 7.57 -41.01
N LYS B 41 22.04 7.51 -39.75
CA LYS B 41 23.16 6.68 -39.36
C LYS B 41 22.69 5.69 -38.30
N VAL B 42 23.57 4.77 -37.93
CA VAL B 42 23.31 3.82 -36.86
C VAL B 42 23.03 4.57 -35.54
N ALA B 43 23.77 5.64 -35.29
CA ALA B 43 23.59 6.42 -34.05
C ALA B 43 22.15 6.90 -33.94
N ASN B 44 21.58 7.31 -35.07
CA ASN B 44 20.21 7.79 -35.07
C ASN B 44 19.23 6.69 -34.63
N VAL B 45 19.48 5.47 -35.07
CA VAL B 45 18.56 4.39 -34.77
C VAL B 45 18.69 3.98 -33.31
N ILE B 46 19.92 3.81 -32.85
CA ILE B 46 20.13 3.36 -31.48
C ILE B 46 20.05 4.46 -30.44
N GLY B 47 20.15 5.71 -30.87
CA GLY B 47 20.18 6.85 -29.96
C GLY B 47 18.90 7.62 -29.88
N GLY B 48 17.76 6.95 -30.05
CA GLY B 48 16.45 7.57 -29.89
C GLY B 48 16.20 8.71 -30.86
N MET B 49 16.65 8.53 -32.11
CA MET B 49 16.51 9.49 -33.19
C MET B 49 17.21 10.81 -32.94
N ARG B 50 18.33 10.76 -32.25
CA ARG B 50 19.08 12.00 -31.93
C ARG B 50 19.68 12.61 -33.16
N GLY B 51 19.39 13.89 -33.38
CA GLY B 51 19.95 14.64 -34.51
C GLY B 51 19.21 14.43 -35.83
N LEU B 52 18.13 13.67 -35.79
CA LEU B 52 17.40 13.31 -36.97
C LEU B 52 16.26 14.28 -37.18
N LYS B 53 16.37 15.11 -38.22
CA LYS B 53 15.29 16.04 -38.59
C LYS B 53 14.21 15.21 -39.23
N SER B 54 13.20 14.81 -38.46
CA SER B 54 12.23 13.87 -38.99
C SER B 54 10.79 14.22 -38.79
N MET B 55 10.49 15.41 -38.28
CA MET B 55 9.09 15.74 -38.11
C MET B 55 8.83 17.19 -38.28
N LEU B 56 7.57 17.47 -38.57
CA LEU B 56 7.12 18.80 -38.91
C LEU B 56 6.47 19.40 -37.66
N TRP B 57 6.93 20.58 -37.28
CA TRP B 57 6.38 21.34 -36.15
C TRP B 57 6.46 22.77 -36.58
N GLU B 58 5.30 23.46 -36.57
CA GLU B 58 5.17 24.75 -37.21
C GLU B 58 5.45 25.96 -36.35
N GLY B 59 4.98 25.92 -35.12
CA GLY B 59 4.98 27.10 -34.27
C GLY B 59 6.25 27.44 -33.56
N SER B 60 7.15 26.47 -33.43
CA SER B 60 8.42 26.71 -32.76
C SER B 60 9.50 25.83 -33.35
N VAL B 61 10.72 26.38 -33.41
CA VAL B 61 11.91 25.68 -33.86
C VAL B 61 13.04 25.97 -32.87
N LEU B 62 13.79 24.93 -32.50
CA LEU B 62 14.81 25.07 -31.47
C LEU B 62 16.21 25.09 -32.07
N ASP B 63 16.95 26.15 -31.80
CA ASP B 63 18.35 26.24 -32.16
C ASP B 63 19.22 25.75 -30.99
N PRO B 64 20.13 24.77 -31.22
CA PRO B 64 20.97 24.27 -30.13
C PRO B 64 21.85 25.32 -29.42
N GLU B 65 22.42 26.23 -30.20
CA GLU B 65 23.26 27.31 -29.66
C GLU B 65 22.41 28.38 -28.99
N GLU B 66 21.32 28.77 -29.65
CA GLU B 66 20.58 29.97 -29.23
C GLU B 66 19.21 29.74 -28.54
N GLY B 67 18.78 28.51 -28.46
CA GLY B 67 17.49 28.18 -27.86
C GLY B 67 16.32 28.40 -28.79
N ILE B 68 15.14 28.33 -28.17
CA ILE B 68 13.87 28.31 -28.87
C ILE B 68 13.49 29.63 -29.51
N ARG B 69 12.86 29.54 -30.68
CA ARG B 69 12.19 30.70 -31.28
C ARG B 69 10.77 30.27 -31.61
N PHE B 70 9.82 31.14 -31.34
CA PHE B 70 8.43 30.93 -31.69
C PHE B 70 8.09 31.80 -32.90
N HIS B 71 7.87 31.17 -34.05
CA HIS B 71 7.70 31.88 -35.33
C HIS B 71 8.83 32.89 -35.56
N GLY B 72 10.05 32.45 -35.32
CA GLY B 72 11.22 33.31 -35.50
C GLY B 72 11.52 34.31 -34.38
N LYS B 73 10.63 34.41 -33.38
CA LYS B 73 10.77 35.34 -32.26
C LYS B 73 11.37 34.69 -31.03
N THR B 74 12.30 35.37 -30.39
CA THR B 74 12.91 34.90 -29.15
C THR B 74 11.93 35.09 -28.01
N ILE B 75 12.28 34.47 -26.89
CA ILE B 75 11.55 34.62 -25.65
C ILE B 75 11.41 36.09 -25.28
N LYS B 76 12.53 36.81 -25.32
CA LYS B 76 12.51 38.24 -25.03
C LYS B 76 11.64 39.05 -25.98
N ASP B 77 11.68 38.67 -27.26
CA ASP B 77 10.78 39.25 -28.26
C ASP B 77 9.33 39.01 -27.84
N CYS B 78 9.03 37.81 -27.37
CA CYS B 78 7.66 37.47 -26.97
C CYS B 78 7.26 38.22 -25.70
N GLN B 79 8.21 38.33 -24.78
CA GLN B 79 7.99 39.02 -23.52
C GLN B 79 7.62 40.48 -23.79
N LYS B 80 8.31 41.12 -24.74
CA LYS B 80 8.02 42.51 -25.15
C LYS B 80 6.69 42.64 -25.93
N GLU B 81 6.47 41.74 -26.90
CA GLU B 81 5.40 41.93 -27.86
C GLU B 81 4.05 41.35 -27.42
N LEU B 82 4.06 40.26 -26.67
CA LEU B 82 2.79 39.62 -26.34
C LEU B 82 2.05 40.46 -25.33
N PRO B 83 0.73 40.57 -25.46
CA PRO B 83 -0.05 41.32 -24.48
C PRO B 83 0.08 40.78 -23.06
N LYS B 84 -0.07 41.70 -22.12
CA LYS B 84 0.01 41.39 -20.70
C LYS B 84 -1.41 41.31 -20.15
N GLY B 85 -1.53 41.00 -18.87
CA GLY B 85 -2.82 40.95 -18.20
C GLY B 85 -3.26 42.33 -17.78
N THR B 86 -4.41 42.37 -17.11
CA THR B 86 -4.93 43.62 -16.55
C THR B 86 -4.01 44.14 -15.45
N SER B 87 -3.33 43.24 -14.77
CA SER B 87 -2.27 43.55 -13.84
C SER B 87 -1.00 42.84 -14.28
N GLY B 88 0.15 43.39 -13.90
CA GLY B 88 1.40 42.67 -14.03
C GLY B 88 2.21 43.02 -15.25
N THR B 89 3.39 42.44 -15.30
CA THR B 89 4.36 42.75 -16.33
C THR B 89 4.66 41.59 -17.27
N GLU B 90 4.14 40.39 -17.00
CA GLU B 90 4.56 39.23 -17.75
C GLU B 90 3.60 38.82 -18.88
N MET B 91 4.19 38.30 -19.96
CA MET B 91 3.44 37.88 -21.16
C MET B 91 2.44 36.80 -20.82
N LEU B 92 1.26 36.87 -21.41
CA LEU B 92 0.22 35.85 -21.14
C LEU B 92 0.38 34.62 -22.01
N PRO B 93 0.21 33.44 -21.42
CA PRO B 93 0.22 32.20 -22.19
C PRO B 93 -0.84 32.16 -23.28
N GLU B 94 -2.01 32.74 -23.03
CA GLU B 94 -3.07 32.67 -24.03
C GLU B 94 -2.64 33.45 -25.27
N ALA B 95 -1.91 34.54 -25.06
CA ALA B 95 -1.35 35.30 -26.17
C ALA B 95 -0.24 34.50 -26.87
N MET B 96 0.53 33.74 -26.09
CA MET B 96 1.50 32.81 -26.68
C MET B 96 0.78 31.80 -27.55
N PHE B 97 -0.34 31.26 -27.06
CA PHE B 97 -1.12 30.27 -27.82
C PHE B 97 -1.54 30.88 -29.14
N TRP B 98 -2.09 32.10 -29.08
CA TRP B 98 -2.54 32.80 -30.28
C TRP B 98 -1.42 32.93 -31.30
N LEU B 99 -0.26 33.36 -30.80
CA LEU B 99 0.91 33.55 -31.64
C LEU B 99 1.31 32.23 -32.25
N LEU B 100 1.35 31.18 -31.43
CA LEU B 100 1.79 29.90 -31.93
C LEU B 100 0.89 29.46 -33.09
N LEU B 101 -0.42 29.58 -32.86
CA LEU B 101 -1.43 29.14 -33.81
C LEU B 101 -1.47 29.96 -35.08
N THR B 102 -1.52 31.28 -34.96
CA THR B 102 -1.77 32.12 -36.13
C THR B 102 -0.49 32.58 -36.80
N GLY B 103 0.60 32.62 -36.03
CA GLY B 103 1.86 33.18 -36.50
C GLY B 103 1.88 34.70 -36.45
N GLN B 104 0.92 35.27 -35.73
CA GLN B 104 0.71 36.71 -35.66
C GLN B 104 0.54 37.08 -34.21
N VAL B 105 0.97 38.27 -33.84
CA VAL B 105 0.82 38.72 -32.47
C VAL B 105 -0.59 39.28 -32.33
N PRO B 106 -1.37 38.84 -31.32
CA PRO B 106 -2.71 39.38 -31.07
C PRO B 106 -2.69 40.76 -30.44
N SER B 107 -3.75 41.53 -30.67
CA SER B 107 -3.94 42.75 -29.88
C SER B 107 -4.38 42.41 -28.47
N THR B 108 -4.22 43.36 -27.57
CA THR B 108 -4.72 43.19 -26.21
C THR B 108 -6.25 42.87 -26.21
N ASN B 109 -7.03 43.56 -27.06
CA ASN B 109 -8.49 43.28 -27.16
C ASN B 109 -8.76 41.83 -27.52
N GLN B 110 -8.04 41.36 -28.53
CA GLN B 110 -8.20 40.01 -29.00
C GLN B 110 -7.90 39.01 -27.89
N VAL B 111 -6.81 39.22 -27.15
CA VAL B 111 -6.48 38.36 -26.03
C VAL B 111 -7.52 38.40 -24.89
N ARG B 112 -8.09 39.58 -24.63
CA ARG B 112 -9.12 39.71 -23.57
C ARG B 112 -10.36 38.90 -23.89
N ALA B 113 -10.77 38.98 -25.16
CA ALA B 113 -11.88 38.20 -25.68
C ALA B 113 -11.59 36.71 -25.56
N PHE B 114 -10.36 36.34 -25.87
CA PHE B 114 -9.94 34.96 -25.79
C PHE B 114 -9.83 34.45 -24.34
N SER B 115 -9.29 35.27 -23.44
CA SER B 115 -9.26 34.92 -22.02
C SER B 115 -10.66 34.72 -21.44
N ARG B 116 -11.60 35.54 -21.90
CA ARG B 116 -12.98 35.48 -21.48
C ARG B 116 -13.63 34.16 -21.93
N GLU B 117 -13.33 33.73 -23.16
CA GLU B 117 -13.84 32.46 -23.67
C GLU B 117 -13.30 31.30 -22.86
N LEU B 118 -12.02 31.38 -22.47
CA LEU B 118 -11.41 30.33 -21.66
C LEU B 118 -12.02 30.22 -20.27
N ALA B 119 -12.43 31.34 -19.70
CA ALA B 119 -13.08 31.27 -18.40
C ALA B 119 -14.45 30.60 -18.52
N GLU B 120 -15.20 31.04 -19.54
CA GLU B 120 -16.54 30.51 -19.85
C GLU B 120 -16.57 29.00 -20.06
N GLN B 121 -15.51 28.42 -20.63
CA GLN B 121 -15.52 26.99 -20.98
C GLN B 121 -14.75 26.08 -20.02
N SER B 122 -14.49 26.53 -18.80
CA SER B 122 -13.65 25.77 -17.86
C SER B 122 -14.45 24.76 -17.07
N HIS B 123 -15.76 24.82 -17.13
CA HIS B 123 -16.54 23.90 -16.30
C HIS B 123 -16.43 22.47 -16.78
N LEU B 124 -16.50 21.57 -15.82
CA LEU B 124 -16.34 20.15 -16.04
C LEU B 124 -17.64 19.38 -15.85
N PRO B 125 -17.85 18.34 -16.65
CA PRO B 125 -18.96 17.40 -16.42
C PRO B 125 -18.82 16.69 -15.07
N GLN B 126 -19.95 16.35 -14.45
CA GLN B 126 -19.94 15.73 -13.12
C GLN B 126 -19.09 14.45 -13.10
N HIS B 127 -19.08 13.68 -14.18
CA HIS B 127 -18.36 12.41 -14.17
C HIS B 127 -16.86 12.58 -14.00
N ILE B 128 -16.30 13.66 -14.52
CA ILE B 128 -14.88 13.92 -14.33
C ILE B 128 -14.59 14.17 -12.86
N LEU B 129 -15.48 14.87 -12.18
CA LEU B 129 -15.37 15.09 -10.73
C LEU B 129 -15.44 13.76 -9.96
N ASP B 130 -16.37 12.90 -10.33
CA ASP B 130 -16.49 11.56 -9.71
C ASP B 130 -15.24 10.73 -9.94
N LEU B 131 -14.72 10.78 -11.16
CA LEU B 131 -13.51 10.06 -11.54
C LEU B 131 -12.34 10.51 -10.68
N ILE B 132 -12.16 11.83 -10.55
CA ILE B 132 -11.07 12.35 -9.76
C ILE B 132 -11.22 11.99 -8.30
N LYS B 133 -12.45 11.99 -7.82
CA LYS B 133 -12.77 11.60 -6.44
C LYS B 133 -12.39 10.16 -6.15
N SER B 134 -12.45 9.29 -7.16
CA SER B 134 -12.06 7.89 -6.98
C SER B 134 -10.57 7.65 -6.81
N PHE B 135 -9.72 8.61 -7.13
CA PHE B 135 -8.27 8.38 -7.04
C PHE B 135 -7.88 8.23 -5.58
N PRO B 136 -7.08 7.21 -5.25
CA PRO B 136 -6.54 7.16 -3.89
C PRO B 136 -5.56 8.30 -3.66
N ARG B 137 -5.44 8.74 -2.43
CA ARG B 137 -4.59 9.91 -2.09
C ARG B 137 -3.14 9.73 -2.58
N SER B 138 -2.64 8.51 -2.51
CA SER B 138 -1.28 8.20 -2.93
C SER B 138 -1.03 8.14 -4.44
N MET B 139 -2.06 8.05 -5.28
CA MET B 139 -1.86 8.09 -6.74
C MET B 139 -1.04 9.32 -7.14
N HIS B 140 0.02 9.11 -7.90
CA HIS B 140 0.84 10.19 -8.38
C HIS B 140 0.02 11.27 -9.10
N PRO B 141 0.34 12.55 -8.87
CA PRO B 141 -0.44 13.61 -9.49
C PRO B 141 -0.43 13.65 -11.00
N MET B 142 0.66 13.28 -11.64
CA MET B 142 0.69 13.22 -13.10
C MET B 142 -0.13 12.08 -13.65
N THR B 143 -0.25 11.02 -12.87
CA THR B 143 -1.09 9.93 -13.25
C THR B 143 -2.53 10.43 -13.20
N GLN B 144 -2.87 11.20 -12.17
CA GLN B 144 -4.21 11.78 -12.05
C GLN B 144 -4.54 12.72 -13.22
N LEU B 145 -3.59 13.57 -13.55
CA LEU B 145 -3.79 14.57 -14.59
C LEU B 145 -4.00 13.92 -15.94
N SER B 146 -3.17 12.93 -16.24
CA SER B 146 -3.23 12.26 -17.52
C SER B 146 -4.58 11.60 -17.66
N ILE B 147 -5.02 10.91 -16.61
CA ILE B 147 -6.28 10.18 -16.65
C ILE B 147 -7.51 11.08 -16.91
N ALA B 148 -7.55 12.19 -16.20
CA ALA B 148 -8.68 13.10 -16.25
C ALA B 148 -8.80 13.78 -17.59
N VAL B 149 -7.66 14.06 -18.21
CA VAL B 149 -7.61 14.62 -19.54
C VAL B 149 -8.11 13.60 -20.53
N ALA B 150 -7.63 12.36 -20.45
CA ALA B 150 -8.19 11.32 -21.32
C ALA B 150 -9.69 11.15 -21.08
N ALA B 151 -10.15 11.25 -19.83
CA ALA B 151 -11.59 11.03 -19.52
C ALA B 151 -12.49 12.11 -20.13
N LEU B 152 -11.93 13.28 -20.40
CA LEU B 152 -12.65 14.34 -21.07
C LEU B 152 -12.89 14.10 -22.54
N ASN B 153 -12.42 12.98 -23.09
CA ASN B 153 -12.74 12.59 -24.46
C ASN B 153 -14.24 12.27 -24.66
N THR B 154 -14.99 12.11 -23.56
CA THR B 154 -16.43 12.07 -23.62
C THR B 154 -17.00 13.39 -24.11
N GLU B 155 -16.26 14.47 -23.92
CA GLU B 155 -16.68 15.78 -24.44
C GLU B 155 -16.18 16.10 -25.84
N SER B 156 -15.58 15.13 -26.54
CA SER B 156 -14.88 15.43 -27.78
C SER B 156 -15.82 15.59 -28.97
N LYS B 157 -15.82 16.79 -29.54
CA LYS B 157 -16.50 17.00 -30.83
C LYS B 157 -15.81 16.30 -31.99
N PHE B 158 -14.48 16.20 -31.94
CA PHE B 158 -13.75 15.56 -33.04
C PHE B 158 -14.07 14.09 -33.12
N ALA B 159 -14.09 13.40 -31.98
CA ALA B 159 -14.40 11.98 -31.95
C ALA B 159 -15.83 11.73 -32.45
N LYS B 160 -16.77 12.53 -31.96
CA LYS B 160 -18.14 12.36 -32.37
C LYS B 160 -18.34 12.73 -33.84
N ALA B 161 -17.71 13.80 -34.29
CA ALA B 161 -17.79 14.15 -35.71
C ALA B 161 -17.09 13.14 -36.60
N TYR B 162 -15.94 12.62 -36.19
CA TYR B 162 -15.25 11.61 -36.99
C TYR B 162 -16.10 10.36 -37.14
N GLU B 163 -16.71 9.95 -36.04
CA GLU B 163 -17.52 8.75 -35.97
C GLU B 163 -18.79 8.89 -36.85
N LYS B 164 -19.34 10.10 -36.90
CA LYS B 164 -20.53 10.40 -37.73
C LYS B 164 -20.25 10.53 -39.23
N GLY B 165 -18.97 10.48 -39.64
CA GLY B 165 -18.57 10.80 -41.01
C GLY B 165 -18.30 12.30 -41.07
N LEU B 166 -17.11 12.65 -41.55
CA LEU B 166 -16.65 14.04 -41.61
C LEU B 166 -15.59 14.19 -42.70
N SER B 167 -15.62 15.29 -43.43
CA SER B 167 -14.71 15.45 -44.60
C SER B 167 -13.32 15.92 -44.18
N LYS B 168 -12.28 15.37 -44.79
CA LYS B 168 -10.88 15.60 -44.37
C LYS B 168 -10.48 17.05 -44.17
N ALA B 169 -11.00 17.92 -45.05
CA ALA B 169 -10.70 19.35 -44.98
C ALA B 169 -11.26 20.01 -43.74
N ASP B 170 -12.33 19.46 -43.17
CA ASP B 170 -12.95 20.02 -41.97
C ASP B 170 -12.55 19.35 -40.65
N TYR B 171 -11.46 18.59 -40.64
CA TYR B 171 -10.97 17.96 -39.42
C TYR B 171 -10.51 18.98 -38.42
N TRP B 172 -9.89 20.04 -38.90
CA TRP B 172 -9.27 21.01 -38.02
C TRP B 172 -10.29 21.72 -37.10
N GLU B 173 -11.51 22.01 -37.60
CA GLU B 173 -12.46 22.77 -36.81
C GLU B 173 -12.88 22.05 -35.54
N PRO B 174 -13.28 20.77 -35.63
CA PRO B 174 -13.55 20.01 -34.42
C PRO B 174 -12.30 19.87 -33.53
N THR B 175 -11.14 19.68 -34.16
CA THR B 175 -9.85 19.63 -33.46
C THR B 175 -9.58 20.92 -32.71
N PHE B 176 -9.82 22.05 -33.36
CA PHE B 176 -9.69 23.35 -32.75
C PHE B 176 -10.68 23.53 -31.60
N ASP B 177 -11.93 23.16 -31.81
CA ASP B 177 -12.95 23.29 -30.77
C ASP B 177 -12.55 22.52 -29.53
N ASP B 178 -12.05 21.31 -29.76
CA ASP B 178 -11.62 20.46 -28.67
C ASP B 178 -10.39 21.00 -27.97
N SER B 179 -9.47 21.61 -28.73
CA SER B 179 -8.25 22.16 -28.15
C SER B 179 -8.53 23.33 -27.22
N ILE B 180 -9.48 24.18 -27.61
CA ILE B 180 -9.87 25.33 -26.78
C ILE B 180 -10.56 24.82 -25.51
N SER B 181 -11.39 23.80 -25.67
CA SER B 181 -12.12 23.20 -24.57
C SER B 181 -11.17 22.59 -23.56
N LEU B 182 -10.17 21.88 -24.06
CA LEU B 182 -9.17 21.27 -23.19
C LEU B 182 -8.35 22.33 -22.45
N LEU B 183 -7.98 23.37 -23.18
CA LEU B 183 -7.21 24.48 -22.62
C LEU B 183 -7.93 25.20 -21.49
N ALA B 184 -9.23 25.44 -21.68
CA ALA B 184 -10.06 26.11 -20.70
C ALA B 184 -10.23 25.30 -19.42
N LYS B 185 -10.42 23.99 -19.62
CA LYS B 185 -10.67 23.03 -18.53
C LYS B 185 -9.44 22.54 -17.77
N ILE B 186 -8.29 22.45 -18.42
CA ILE B 186 -7.15 21.75 -17.79
C ILE B 186 -6.65 22.41 -16.50
N PRO B 187 -6.67 23.76 -16.43
CA PRO B 187 -6.26 24.36 -15.16
C PRO B 187 -7.09 23.91 -13.98
N ARG B 188 -8.40 23.82 -14.21
CA ARG B 188 -9.32 23.39 -13.17
C ARG B 188 -9.07 21.95 -12.81
N VAL B 189 -8.84 21.12 -13.81
CA VAL B 189 -8.53 19.72 -13.57
C VAL B 189 -7.29 19.65 -12.69
N ALA B 190 -6.26 20.39 -13.11
CA ALA B 190 -4.99 20.44 -12.41
C ALA B 190 -5.18 20.89 -10.98
N ALA B 191 -6.06 21.85 -10.77
CA ALA B 191 -6.39 22.30 -9.41
C ALA B 191 -7.06 21.22 -8.54
N LEU B 192 -7.88 20.37 -9.15
CA LEU B 192 -8.50 19.24 -8.45
C LEU B 192 -7.50 18.19 -7.99
N VAL B 193 -6.44 18.01 -8.79
CA VAL B 193 -5.32 17.16 -8.40
C VAL B 193 -4.57 17.74 -7.19
N PHE B 194 -4.35 19.06 -7.21
CA PHE B 194 -3.70 19.78 -6.10
C PHE B 194 -4.54 19.73 -4.84
N ARG B 195 -5.86 19.73 -5.00
CA ARG B 195 -6.77 19.88 -3.87
C ARG B 195 -7.84 18.77 -3.80
N PRO B 196 -7.41 17.53 -3.54
CA PRO B 196 -8.27 16.36 -3.52
C PRO B 196 -9.42 16.40 -2.51
N ASP B 197 -9.24 17.12 -1.41
CA ASP B 197 -10.29 17.20 -0.36
C ASP B 197 -11.39 18.22 -0.66
N GLU B 198 -11.16 19.09 -1.65
CA GLU B 198 -12.03 20.19 -1.99
C GLU B 198 -12.52 20.09 -3.42
N VAL B 199 -12.73 18.87 -3.89
CA VAL B 199 -13.18 18.65 -5.26
C VAL B 199 -14.53 19.29 -5.60
N ASP B 200 -15.50 19.20 -4.70
CA ASP B 200 -16.82 19.74 -5.04
C ASP B 200 -16.81 21.25 -5.17
N GLN B 201 -16.03 21.91 -4.29
CA GLN B 201 -15.89 23.37 -4.34
C GLN B 201 -15.07 23.80 -5.55
N VAL B 202 -13.88 23.25 -5.68
CA VAL B 202 -12.97 23.66 -6.73
C VAL B 202 -13.52 23.29 -8.11
N GLY B 203 -14.20 22.14 -8.17
CA GLY B 203 -14.72 21.65 -9.43
C GLY B 203 -15.84 22.48 -10.04
N THR B 204 -16.53 23.24 -9.21
CA THR B 204 -17.67 24.05 -9.66
C THR B 204 -17.47 25.55 -9.48
N GLN B 205 -16.45 25.98 -8.76
CA GLN B 205 -16.32 27.39 -8.45
C GLN B 205 -16.15 28.26 -9.73
N ALA B 206 -16.81 29.40 -9.70
CA ALA B 206 -16.87 30.27 -10.83
C ALA B 206 -15.52 30.94 -10.98
N LEU B 207 -15.11 31.14 -12.22
CA LEU B 207 -13.92 31.93 -12.48
C LEU B 207 -14.30 33.38 -12.63
N ASP B 208 -13.37 34.25 -12.27
CA ASP B 208 -13.45 35.66 -12.62
C ASP B 208 -13.38 35.74 -14.15
N ALA B 209 -14.47 36.19 -14.75
CA ALA B 209 -14.63 36.17 -16.22
C ALA B 209 -13.75 37.20 -16.95
N SER B 210 -13.35 38.23 -16.21
CA SER B 210 -12.55 39.35 -16.73
C SER B 210 -11.05 39.14 -16.56
N GLN B 211 -10.62 37.94 -16.15
CA GLN B 211 -9.23 37.70 -15.79
C GLN B 211 -8.60 36.67 -16.71
N ASP B 212 -7.28 36.72 -16.79
CA ASP B 212 -6.51 35.84 -17.63
C ASP B 212 -6.40 34.42 -17.04
N TRP B 213 -6.02 33.51 -17.92
CA TRP B 213 -5.95 32.08 -17.70
C TRP B 213 -5.08 31.71 -16.47
N SER B 214 -3.93 32.34 -16.39
CA SER B 214 -2.98 32.08 -15.32
C SER B 214 -3.51 32.58 -14.01
N TYR B 215 -4.14 33.75 -14.05
CA TYR B 215 -4.78 34.26 -12.87
C TYR B 215 -5.84 33.27 -12.35
N ASN B 216 -6.71 32.81 -13.22
CA ASN B 216 -7.75 31.89 -12.83
C ASN B 216 -7.20 30.55 -12.38
N PHE B 217 -6.12 30.12 -13.01
CA PHE B 217 -5.45 28.91 -12.57
C PHE B 217 -4.94 29.10 -11.12
N ALA B 218 -4.36 30.27 -10.84
CA ALA B 218 -3.94 30.60 -9.47
C ALA B 218 -5.11 30.66 -8.47
N GLU B 219 -6.23 31.23 -8.89
CA GLU B 219 -7.45 31.34 -8.07
C GLU B 219 -7.92 29.95 -7.66
N LEU B 220 -7.95 29.03 -8.63
CA LEU B 220 -8.36 27.65 -8.40
C LEU B 220 -7.37 26.93 -7.53
N LEU B 221 -6.11 27.31 -7.63
CA LEU B 221 -5.07 26.83 -6.71
C LEU B 221 -5.15 27.38 -5.28
N GLY B 222 -6.01 28.37 -5.03
CA GLY B 222 -6.08 29.03 -3.72
C GLY B 222 -5.12 30.20 -3.59
N LYS B 223 -4.63 30.73 -4.72
CA LYS B 223 -3.70 31.87 -4.73
C LYS B 223 -4.22 33.06 -5.54
N GLY B 224 -5.50 33.34 -5.37
CA GLY B 224 -6.12 34.46 -6.07
C GLY B 224 -5.95 35.76 -5.38
N GLY B 225 -6.36 36.83 -6.05
CA GLY B 225 -6.42 38.18 -5.49
C GLY B 225 -5.11 38.94 -5.48
N LYS B 226 -5.22 40.21 -5.09
CA LYS B 226 -4.13 41.19 -5.19
C LYS B 226 -2.86 40.79 -4.44
N GLU B 227 -3.05 40.20 -3.28
CA GLU B 227 -1.96 39.79 -2.38
C GLU B 227 -1.11 38.68 -2.97
N ASN B 228 -1.61 37.98 -4.00
CA ASN B 228 -0.84 37.00 -4.74
C ASN B 228 -0.45 37.41 -6.15
N GLN B 229 -0.47 38.71 -6.44
CA GLN B 229 -0.24 39.16 -7.82
C GLN B 229 1.17 38.91 -8.37
N ASP B 230 2.17 38.86 -7.49
CA ASP B 230 3.52 38.55 -7.94
C ASP B 230 3.60 37.15 -8.54
N PHE B 231 3.02 36.20 -7.82
CA PHE B 231 2.93 34.82 -8.29
C PHE B 231 2.11 34.69 -9.58
N HIS B 232 1.10 35.52 -9.74
CA HIS B 232 0.35 35.50 -11.00
C HIS B 232 1.29 35.80 -12.15
N ASP B 233 2.15 36.79 -11.96
CA ASP B 233 3.17 37.10 -12.94
C ASP B 233 4.15 35.95 -13.20
N LEU B 234 4.58 35.28 -12.13
CA LEU B 234 5.45 34.12 -12.29
C LEU B 234 4.77 33.04 -13.11
N LEU B 235 3.55 32.75 -12.72
CA LEU B 235 2.78 31.71 -13.37
C LEU B 235 2.54 32.00 -14.83
N ARG B 236 2.27 33.26 -15.14
CA ARG B 236 2.07 33.70 -16.51
C ARG B 236 3.30 33.46 -17.30
N LEU B 237 4.43 33.94 -16.79
CA LEU B 237 5.70 33.74 -17.48
C LEU B 237 5.97 32.26 -17.65
N TYR B 238 5.74 31.52 -16.58
CA TYR B 238 6.12 30.11 -16.55
C TYR B 238 5.36 29.31 -17.61
N LEU B 239 4.06 29.51 -17.65
CA LEU B 239 3.17 28.82 -18.57
C LEU B 239 3.47 29.19 -20.02
N ALA B 240 3.78 30.46 -20.27
CA ALA B 240 4.14 30.88 -21.63
C ALA B 240 5.49 30.32 -22.10
N LEU B 241 6.47 30.23 -21.19
CA LEU B 241 7.77 29.59 -21.47
C LEU B 241 7.73 28.09 -21.73
N HIS B 242 6.79 27.37 -21.12
CA HIS B 242 6.76 25.91 -21.24
C HIS B 242 5.76 25.43 -22.27
N GLY B 243 5.08 26.33 -22.95
CA GLY B 243 4.02 25.95 -23.89
C GLY B 243 4.47 25.07 -25.01
N ASP B 244 5.59 25.44 -25.61
CA ASP B 244 6.07 24.75 -26.79
C ASP B 244 7.57 24.81 -26.82
N HIS B 245 8.18 23.71 -27.19
CA HIS B 245 9.63 23.64 -27.36
C HIS B 245 9.91 22.62 -28.44
N GLU B 246 9.54 22.98 -29.68
CA GLU B 246 9.66 22.13 -30.89
C GLU B 246 8.70 20.93 -30.84
N GLY B 247 8.88 20.00 -31.80
CA GLY B 247 8.09 18.77 -31.83
C GLY B 247 8.77 17.55 -31.25
N GLY B 248 10.09 17.62 -31.11
CA GLY B 248 10.91 16.52 -30.65
C GLY B 248 10.83 16.13 -29.21
N ASN B 249 10.44 17.06 -28.34
CA ASN B 249 10.27 16.74 -26.92
C ASN B 249 9.17 15.68 -26.78
N VAL B 250 9.36 14.78 -25.83
CA VAL B 250 8.51 13.61 -25.69
C VAL B 250 7.00 13.95 -25.64
N SER B 251 6.63 15.00 -24.93
CA SER B 251 5.23 15.22 -24.66
C SER B 251 4.56 15.73 -25.93
N ALA B 252 5.21 16.66 -26.60
CA ALA B 252 4.71 17.19 -27.90
C ALA B 252 4.61 16.10 -28.93
N HIS B 253 5.69 15.34 -29.04
CA HIS B 253 5.75 14.24 -29.98
C HIS B 253 4.63 13.23 -29.72
N ALA B 254 4.56 12.75 -28.48
CA ALA B 254 3.53 11.79 -28.10
C ALA B 254 2.16 12.34 -28.47
N THR B 255 1.88 13.58 -28.16
CA THR B 255 0.60 14.18 -28.53
C THR B 255 0.37 14.09 -30.03
N HIS B 256 1.39 14.47 -30.82
CA HIS B 256 1.32 14.38 -32.28
C HIS B 256 1.13 12.97 -32.78
N LEU B 257 1.93 12.06 -32.21
CA LEU B 257 1.95 10.67 -32.62
C LEU B 257 0.55 10.06 -32.45
N VAL B 258 0.02 10.13 -31.24
CA VAL B 258 -1.33 9.63 -30.97
C VAL B 258 -2.40 10.41 -31.77
N GLY B 259 -2.21 11.71 -31.91
CA GLY B 259 -3.03 12.50 -32.80
C GLY B 259 -3.04 12.04 -34.25
N SER B 260 -1.93 11.52 -34.74
CA SER B 260 -1.81 11.20 -36.19
C SER B 260 -2.65 9.99 -36.61
N ALA B 261 -3.06 9.19 -35.65
CA ALA B 261 -3.98 8.09 -35.89
C ALA B 261 -5.47 8.55 -35.77
N LEU B 262 -5.66 9.86 -35.60
CA LEU B 262 -6.97 10.55 -35.49
C LEU B 262 -7.71 10.35 -34.17
N SER B 263 -6.96 10.02 -33.12
CA SER B 263 -7.44 10.16 -31.76
C SER B 263 -7.61 11.65 -31.50
N ASP B 264 -8.69 11.97 -30.79
CA ASP B 264 -8.99 13.36 -30.47
C ASP B 264 -7.93 14.01 -29.55
N PRO B 265 -8.00 15.34 -29.42
CA PRO B 265 -7.00 16.03 -28.62
C PRO B 265 -6.96 15.69 -27.13
N PHE B 266 -8.05 15.21 -26.55
CA PHE B 266 -8.00 14.80 -25.14
C PHE B 266 -7.20 13.54 -24.99
N LEU B 267 -7.50 12.55 -25.82
CA LEU B 267 -6.70 11.32 -25.82
C LEU B 267 -5.26 11.56 -26.22
N SER B 268 -5.04 12.45 -27.19
CA SER B 268 -3.72 12.65 -27.75
C SER B 268 -2.81 13.32 -26.74
N TYR B 269 -3.33 14.37 -26.09
CA TYR B 269 -2.56 15.09 -25.12
C TYR B 269 -2.52 14.37 -23.78
N SER B 270 -3.44 13.45 -23.58
CA SER B 270 -3.28 12.56 -22.43
C SER B 270 -1.96 11.80 -22.57
N ALA B 271 -1.72 11.28 -23.75
CA ALA B 271 -0.50 10.58 -24.04
C ALA B 271 0.71 11.50 -23.89
N GLY B 272 0.57 12.76 -24.31
CA GLY B 272 1.59 13.79 -24.04
C GLY B 272 1.95 13.86 -22.56
N LEU B 273 0.92 13.87 -21.74
CA LEU B 273 1.07 14.02 -20.30
C LEU B 273 1.73 12.81 -19.67
N LEU B 274 1.41 11.63 -20.21
CA LEU B 274 2.06 10.41 -19.80
C LEU B 274 3.56 10.47 -20.10
N GLY B 275 3.91 11.00 -21.28
CA GLY B 275 5.32 11.22 -21.63
C GLY B 275 5.97 12.29 -20.76
N LEU B 276 5.21 13.34 -20.47
CA LEU B 276 5.67 14.41 -19.59
C LEU B 276 5.94 13.92 -18.16
N ALA B 277 5.21 12.87 -17.74
CA ALA B 277 5.44 12.24 -16.44
C ALA B 277 6.75 11.46 -16.31
N GLY B 278 7.52 11.38 -17.38
CA GLY B 278 8.79 10.69 -17.36
C GLY B 278 9.84 11.50 -16.64
N PRO B 279 10.58 10.89 -15.70
CA PRO B 279 11.73 11.52 -15.06
C PRO B 279 12.71 12.24 -15.98
N LEU B 280 12.98 11.67 -17.15
CA LEU B 280 13.84 12.32 -18.11
C LEU B 280 13.19 13.46 -18.86
N HIS B 281 11.88 13.60 -18.77
CA HIS B 281 11.15 14.69 -19.40
C HIS B 281 10.65 15.66 -18.33
N GLY B 282 9.34 15.98 -18.26
CA GLY B 282 8.90 17.02 -17.36
C GLY B 282 8.85 16.67 -15.87
N LEU B 283 8.78 15.39 -15.55
CA LEU B 283 8.92 14.98 -14.17
C LEU B 283 10.29 15.37 -13.62
N ALA B 284 11.27 15.78 -14.44
CA ALA B 284 12.46 16.42 -13.93
C ALA B 284 12.23 17.66 -13.07
N ALA B 285 11.17 18.44 -13.32
CA ALA B 285 10.90 19.61 -12.49
C ALA B 285 10.73 19.21 -11.04
N GLN B 286 9.89 18.18 -10.86
CA GLN B 286 9.70 17.56 -9.56
C GLN B 286 10.99 17.03 -8.98
N GLU B 287 11.69 16.27 -9.81
CA GLU B 287 12.93 15.57 -9.41
C GLU B 287 14.04 16.51 -9.04
N VAL B 288 14.08 17.70 -9.65
CA VAL B 288 15.08 18.69 -9.32
C VAL B 288 14.90 19.19 -7.91
N LEU B 289 13.69 19.58 -7.59
CA LEU B 289 13.48 20.17 -6.30
C LEU B 289 13.56 19.13 -5.19
N ARG B 290 13.13 17.90 -5.45
CA ARG B 290 13.30 16.84 -4.45
C ARG B 290 14.79 16.58 -4.22
N TRP B 291 15.55 16.56 -5.30
CA TRP B 291 16.99 16.40 -5.25
C TRP B 291 17.65 17.55 -4.53
N ILE B 292 17.20 18.78 -4.78
CA ILE B 292 17.75 19.97 -4.09
C ILE B 292 17.43 19.94 -2.59
N LEU B 293 16.22 19.54 -2.23
CA LEU B 293 15.85 19.49 -0.83
C LEU B 293 16.61 18.40 -0.09
N ALA B 294 16.80 17.27 -0.75
CA ALA B 294 17.64 16.21 -0.21
C ALA B 294 19.05 16.71 0.07
N MET B 295 19.63 17.46 -0.88
CA MET B 295 20.96 18.02 -0.77
C MET B 295 21.05 18.97 0.39
N GLN B 296 20.04 19.80 0.55
CA GLN B 296 19.98 20.76 1.63
C GLN B 296 20.01 20.06 2.99
N ASP B 297 19.20 19.02 3.10
CA ASP B 297 19.14 18.24 4.33
C ASP B 297 20.49 17.62 4.64
N LYS B 298 21.18 17.15 3.62
CA LYS B 298 22.48 16.51 3.77
C LYS B 298 23.58 17.50 4.12
N ILE B 299 23.66 18.60 3.36
CA ILE B 299 24.76 19.57 3.50
C ILE B 299 24.50 20.63 4.56
N GLY B 300 23.22 20.95 4.82
CA GLY B 300 22.85 21.89 5.86
C GLY B 300 22.79 23.34 5.42
N THR B 301 22.67 24.23 6.39
CA THR B 301 22.46 25.66 6.13
C THR B 301 23.75 26.35 5.68
N LYS B 302 24.87 26.00 6.32
CA LYS B 302 26.17 26.55 5.96
C LYS B 302 26.92 25.44 5.27
N PHE B 303 27.32 25.68 4.02
CA PHE B 303 27.97 24.67 3.21
C PHE B 303 28.98 25.29 2.29
N THR B 304 29.90 24.45 1.83
CA THR B 304 30.95 24.85 0.95
C THR B 304 30.59 24.38 -0.44
N ASP B 305 31.27 24.94 -1.46
CA ASP B 305 31.21 24.44 -2.83
C ASP B 305 31.46 22.95 -2.91
N ASP B 306 32.41 22.44 -2.13
CA ASP B 306 32.71 21.01 -2.14
C ASP B 306 31.55 20.16 -1.68
N ASP B 307 30.78 20.63 -0.70
CA ASP B 307 29.62 19.90 -0.23
C ASP B 307 28.65 19.68 -1.36
N VAL B 308 28.44 20.71 -2.17
CA VAL B 308 27.60 20.64 -3.36
C VAL B 308 28.26 19.75 -4.43
N ARG B 309 29.55 19.93 -4.64
CA ARG B 309 30.28 19.12 -5.60
C ARG B 309 30.17 17.61 -5.29
N ASN B 310 30.41 17.29 -4.02
CA ASN B 310 30.30 15.92 -3.52
C ASN B 310 28.92 15.35 -3.67
N TYR B 311 27.88 16.13 -3.42
CA TYR B 311 26.51 15.60 -3.51
C TYR B 311 26.15 15.26 -4.96
N LEU B 312 26.63 16.07 -5.91
CA LEU B 312 26.43 15.80 -7.33
C LEU B 312 27.20 14.54 -7.76
N TRP B 313 28.48 14.47 -7.38
CA TRP B 313 29.28 13.32 -7.73
C TRP B 313 28.73 12.04 -7.14
N ASP B 314 28.34 12.08 -5.89
CA ASP B 314 27.67 10.95 -5.25
C ASP B 314 26.42 10.54 -6.04
N THR B 315 25.62 11.49 -6.49
CA THR B 315 24.43 11.20 -7.28
C THR B 315 24.77 10.47 -8.59
N LEU B 316 25.76 11.01 -9.33
CA LEU B 316 26.27 10.36 -10.56
C LEU B 316 26.88 8.99 -10.34
N LYS B 317 27.68 8.85 -9.28
CA LYS B 317 28.25 7.54 -8.94
C LYS B 317 27.19 6.51 -8.50
N SER B 318 26.03 6.96 -8.01
CA SER B 318 24.90 6.06 -7.74
C SER B 318 24.19 5.52 -8.99
N GLY B 319 24.62 5.99 -10.18
CA GLY B 319 24.03 5.62 -11.45
C GLY B 319 22.74 6.34 -11.68
N ARG B 320 22.65 7.57 -11.18
CA ARG B 320 21.46 8.40 -11.36
C ARG B 320 21.84 9.65 -12.12
N VAL B 321 20.87 10.33 -12.71
CA VAL B 321 21.11 11.61 -13.39
C VAL B 321 21.11 12.76 -12.39
N VAL B 322 21.76 13.86 -12.76
CA VAL B 322 21.58 15.12 -12.09
C VAL B 322 20.43 15.80 -12.77
N PRO B 323 19.26 15.86 -12.12
CA PRO B 323 18.13 16.46 -12.82
C PRO B 323 18.29 17.96 -13.03
N GLY B 324 17.67 18.43 -14.12
CA GLY B 324 17.70 19.82 -14.51
C GLY B 324 18.90 20.25 -15.33
N TYR B 325 19.79 19.31 -15.70
CA TYR B 325 20.96 19.60 -16.53
C TYR B 325 20.90 18.67 -17.70
N GLY B 326 21.22 19.18 -18.90
CA GLY B 326 21.20 18.39 -20.13
C GLY B 326 20.00 18.69 -21.01
N HIS B 327 20.05 18.22 -22.24
CA HIS B 327 19.00 18.42 -23.23
C HIS B 327 19.36 17.64 -24.47
N GLY B 328 18.35 17.08 -25.13
CA GLY B 328 18.58 16.36 -26.40
C GLY B 328 19.07 17.22 -27.55
N VAL B 329 18.77 18.52 -27.51
CA VAL B 329 19.18 19.47 -28.56
C VAL B 329 20.15 20.56 -28.09
N LEU B 330 19.79 21.26 -27.00
CA LEU B 330 20.56 22.41 -26.51
C LEU B 330 21.97 22.07 -26.08
N ARG B 331 22.92 22.92 -26.43
CA ARG B 331 24.33 22.74 -26.07
C ARG B 331 24.85 23.90 -25.22
N LYS B 332 23.97 24.83 -24.85
CA LYS B 332 24.27 25.94 -23.98
C LYS B 332 23.16 26.05 -22.92
N PRO B 333 23.35 26.92 -21.87
CA PRO B 333 22.27 27.07 -20.90
C PRO B 333 20.99 27.58 -21.55
N ASP B 334 19.88 26.98 -21.13
CA ASP B 334 18.57 27.19 -21.71
C ASP B 334 18.11 28.62 -21.46
N PRO B 335 17.72 29.37 -22.53
CA PRO B 335 17.23 30.73 -22.26
C PRO B 335 15.91 30.75 -21.45
N ARG B 336 15.15 29.67 -21.47
CA ARG B 336 14.03 29.54 -20.55
C ARG B 336 14.49 29.52 -19.09
N PHE B 337 15.55 28.79 -18.84
CA PHE B 337 16.16 28.77 -17.51
C PHE B 337 16.61 30.16 -17.12
N GLN B 338 17.29 30.85 -18.03
CA GLN B 338 17.80 32.17 -17.74
C GLN B 338 16.69 33.16 -17.48
N ALA B 339 15.61 33.06 -18.23
CA ALA B 339 14.41 33.91 -18.05
C ALA B 339 13.79 33.76 -16.67
N LEU B 340 13.78 32.54 -16.14
CA LEU B 340 13.26 32.29 -14.79
C LEU B 340 14.23 32.79 -13.75
N MET B 341 15.52 32.66 -14.00
CA MET B 341 16.50 33.24 -13.07
C MET B 341 16.45 34.76 -13.05
N ASP B 342 16.12 35.38 -14.17
CA ASP B 342 16.03 36.84 -14.30
C ASP B 342 14.76 37.34 -13.67
N PHE B 343 13.74 36.50 -13.64
CA PHE B 343 12.53 36.83 -12.90
C PHE B 343 12.87 36.94 -11.40
N ALA B 344 13.72 36.04 -10.94
CA ALA B 344 14.19 36.02 -9.56
C ALA B 344 15.10 37.19 -9.22
N ALA B 345 15.87 37.63 -10.20
CA ALA B 345 16.88 38.67 -10.04
C ALA B 345 16.35 40.00 -9.57
N THR B 346 15.08 40.29 -9.84
CA THR B 346 14.51 41.56 -9.46
C THR B 346 13.71 41.43 -8.18
N ARG B 347 13.71 40.23 -7.57
CA ARG B 347 12.95 40.00 -6.36
C ARG B 347 13.88 39.59 -5.25
N PRO B 348 14.28 40.54 -4.39
CA PRO B 348 15.23 40.24 -3.32
C PRO B 348 14.79 39.18 -2.31
N ASP B 349 13.50 39.02 -2.07
CA ASP B 349 13.02 37.98 -1.15
C ASP B 349 13.24 36.58 -1.75
N VAL B 350 13.12 36.46 -3.07
CA VAL B 350 13.40 35.19 -3.76
C VAL B 350 14.90 34.87 -3.71
N LEU B 351 15.75 35.85 -3.95
CA LEU B 351 17.21 35.64 -3.90
C LEU B 351 17.69 35.27 -2.52
N ALA B 352 16.97 35.76 -1.51
CA ALA B 352 17.22 35.43 -0.10
C ALA B 352 16.72 34.04 0.31
N ASN B 353 15.83 33.43 -0.46
CA ASN B 353 15.35 32.09 -0.18
C ASN B 353 16.50 31.08 -0.31
N PRO B 354 16.83 30.36 0.79
CA PRO B 354 17.98 29.44 0.81
C PRO B 354 17.89 28.33 -0.21
N VAL B 355 16.66 27.92 -0.54
CA VAL B 355 16.48 26.88 -1.53
C VAL B 355 16.84 27.43 -2.89
N PHE B 356 16.40 28.65 -3.19
CA PHE B 356 16.79 29.26 -4.47
C PHE B 356 18.31 29.47 -4.59
N GLN B 357 18.93 29.93 -3.51
CA GLN B 357 20.39 30.11 -3.44
C GLN B 357 21.12 28.81 -3.72
N LEU B 358 20.54 27.71 -3.27
CA LEU B 358 21.12 26.41 -3.47
C LEU B 358 21.03 26.00 -4.95
N VAL B 359 19.90 26.29 -5.56
CA VAL B 359 19.73 26.10 -7.00
C VAL B 359 20.75 26.93 -7.78
N LYS B 360 20.92 28.19 -7.40
CA LYS B 360 21.87 29.07 -8.06
C LYS B 360 23.29 28.57 -7.92
N LYS B 361 23.63 28.17 -6.70
CA LYS B 361 24.96 27.67 -6.41
C LYS B 361 25.22 26.37 -7.20
N ASN B 362 24.21 25.52 -7.25
CA ASN B 362 24.31 24.28 -7.97
C ASN B 362 24.55 24.48 -9.48
N SER B 363 23.97 25.53 -10.05
CA SER B 363 24.16 25.84 -11.47
C SER B 363 25.59 26.30 -11.78
N GLU B 364 26.26 26.86 -10.78
CA GLU B 364 27.67 27.24 -10.90
C GLU B 364 28.64 26.06 -10.78
N ILE B 365 28.20 24.97 -10.14
CA ILE B 365 29.08 23.81 -9.92
C ILE B 365 28.74 22.58 -10.77
N ALA B 366 27.46 22.35 -11.01
CA ALA B 366 27.01 21.16 -11.72
C ALA B 366 27.61 20.98 -13.13
N PRO B 367 27.70 22.05 -13.92
CA PRO B 367 28.29 21.87 -15.26
C PRO B 367 29.71 21.30 -15.31
N ALA B 368 30.57 21.72 -14.38
CA ALA B 368 31.95 21.23 -14.33
C ALA B 368 31.97 19.78 -14.01
N VAL B 369 31.22 19.42 -12.95
CA VAL B 369 31.07 18.04 -12.51
C VAL B 369 30.52 17.19 -13.65
N LEU B 370 29.45 17.65 -14.30
CA LEU B 370 28.90 16.87 -15.43
C LEU B 370 29.90 16.68 -16.58
N THR B 371 30.69 17.71 -16.84
CA THR B 371 31.78 17.63 -17.82
C THR B 371 32.86 16.63 -17.39
N GLU B 372 33.25 16.66 -16.12
CA GLU B 372 34.22 15.70 -15.58
C GLU B 372 33.73 14.25 -15.75
N HIS B 373 32.43 14.04 -15.50
CA HIS B 373 31.77 12.76 -15.67
C HIS B 373 31.87 12.34 -17.14
N GLY B 374 31.66 13.30 -18.04
CA GLY B 374 31.93 13.11 -19.46
C GLY B 374 30.95 12.25 -20.26
N LYS B 375 29.78 11.96 -19.68
CA LYS B 375 28.76 11.19 -20.40
C LYS B 375 27.91 12.15 -21.18
N THR B 376 27.50 13.26 -20.56
CA THR B 376 26.56 14.17 -21.22
C THR B 376 27.12 15.05 -22.35
N LYS B 377 26.29 15.23 -23.38
CA LYS B 377 26.53 16.13 -24.48
C LYS B 377 26.39 17.60 -24.07
N ASN B 378 25.52 17.85 -23.09
CA ASN B 378 25.18 19.16 -22.59
C ASN B 378 25.23 19.23 -21.04
N PRO B 379 26.28 19.84 -20.51
CA PRO B 379 26.40 19.94 -19.06
C PRO B 379 25.61 21.08 -18.42
N HIS B 380 24.90 21.86 -19.23
CA HIS B 380 24.24 23.09 -18.79
C HIS B 380 22.82 22.89 -18.28
N PRO B 381 22.34 23.83 -17.45
CA PRO B 381 21.01 23.71 -16.85
C PRO B 381 19.91 23.91 -17.87
N ASN B 382 18.82 23.17 -17.70
CA ASN B 382 17.62 23.36 -18.50
C ASN B 382 16.59 24.05 -17.61
N VAL B 383 15.43 24.36 -18.17
CA VAL B 383 14.39 25.12 -17.46
C VAL B 383 13.90 24.43 -16.18
N ASP B 384 13.88 23.10 -16.16
CA ASP B 384 13.43 22.40 -14.96
C ASP B 384 14.27 22.63 -13.71
N ALA B 385 15.51 23.07 -13.90
CA ALA B 385 16.42 23.36 -12.79
C ALA B 385 15.91 24.47 -11.90
N ALA B 386 15.23 25.41 -12.50
CA ALA B 386 14.82 26.63 -11.83
C ALA B 386 13.33 26.75 -11.55
N SER B 387 12.49 26.04 -12.30
CA SER B 387 11.03 26.25 -12.18
C SER B 387 10.45 25.88 -10.83
N GLY B 388 10.85 24.75 -10.29
CA GLY B 388 10.30 24.23 -9.04
C GLY B 388 10.65 25.08 -7.83
N VAL B 389 11.87 25.58 -7.77
CA VAL B 389 12.23 26.41 -6.63
C VAL B 389 11.36 27.65 -6.55
N LEU B 390 10.92 28.15 -7.70
CA LEU B 390 10.10 29.36 -7.74
C LEU B 390 8.72 29.10 -7.21
N PHE B 391 8.11 27.98 -7.54
CA PHE B 391 6.83 27.59 -6.93
C PHE B 391 6.95 27.36 -5.43
N TYR B 392 8.05 26.75 -5.02
CA TYR B 392 8.35 26.52 -3.61
C TYR B 392 8.34 27.84 -2.87
N HIS B 393 9.01 28.83 -3.46
CA HIS B 393 9.04 30.15 -2.85
C HIS B 393 7.68 30.74 -2.59
N TYR B 394 6.74 30.54 -3.52
CA TYR B 394 5.37 31.06 -3.40
C TYR B 394 4.42 30.12 -2.66
N GLY B 395 4.95 29.09 -2.01
CA GLY B 395 4.15 28.25 -1.12
C GLY B 395 3.66 26.94 -1.70
N PHE B 396 4.16 26.55 -2.87
CA PHE B 396 3.83 25.25 -3.45
C PHE B 396 4.98 24.35 -3.12
N GLN B 397 4.89 23.69 -1.99
CA GLN B 397 6.06 23.02 -1.45
C GLN B 397 6.05 21.50 -1.53
N GLN B 398 5.09 20.95 -2.26
CA GLN B 398 5.01 19.50 -2.43
C GLN B 398 5.44 19.21 -3.88
N PRO B 399 6.73 18.84 -4.11
CA PRO B 399 7.36 18.69 -5.45
C PRO B 399 6.72 17.65 -6.38
N LEU B 400 6.00 16.71 -5.78
CA LEU B 400 5.19 15.75 -6.53
C LEU B 400 4.16 16.38 -7.48
N TYR B 401 3.69 17.58 -7.19
CA TYR B 401 2.73 18.32 -8.03
C TYR B 401 3.35 19.23 -9.11
N TYR B 402 4.67 19.38 -9.13
CA TYR B 402 5.26 20.42 -9.98
C TYR B 402 5.11 20.23 -11.48
N THR B 403 5.20 18.98 -11.88
CA THR B 403 5.03 18.64 -13.29
C THR B 403 3.58 18.82 -13.72
N VAL B 404 2.64 18.82 -12.78
CA VAL B 404 1.23 19.09 -13.08
C VAL B 404 1.05 20.48 -13.67
N THR B 405 1.73 21.48 -13.11
CA THR B 405 1.65 22.83 -13.65
C THR B 405 2.24 22.89 -15.06
N PHE B 406 3.28 22.11 -15.30
CA PHE B 406 3.91 21.99 -16.62
C PHE B 406 2.89 21.39 -17.58
N GLY B 407 2.13 20.41 -17.12
CA GLY B 407 1.09 19.80 -17.93
C GLY B 407 0.08 20.81 -18.43
N VAL B 408 -0.22 21.81 -17.61
CA VAL B 408 -1.16 22.82 -18.05
C VAL B 408 -0.51 23.64 -19.16
N SER B 409 0.73 24.09 -18.92
CA SER B 409 1.46 24.83 -19.94
C SER B 409 1.63 24.07 -21.25
N ARG B 410 2.04 22.82 -21.15
CA ARG B 410 2.48 22.07 -22.33
C ARG B 410 1.31 21.60 -23.20
N ALA B 411 0.09 21.90 -22.79
CA ALA B 411 -1.05 21.74 -23.68
C ALA B 411 -0.97 22.71 -24.86
N LEU B 412 -0.36 23.86 -24.66
CA LEU B 412 -0.44 24.96 -25.62
C LEU B 412 0.12 24.62 -26.99
N GLY B 413 1.40 24.31 -27.04
CA GLY B 413 2.08 24.13 -28.31
C GLY B 413 1.62 22.92 -29.12
N PRO B 414 1.48 21.80 -28.45
CA PRO B 414 1.04 20.56 -29.05
C PRO B 414 -0.38 20.57 -29.53
N LEU B 415 -1.29 21.24 -28.82
CA LEU B 415 -2.66 21.40 -29.31
C LEU B 415 -2.66 22.26 -30.57
N VAL B 416 -1.85 23.30 -30.57
CA VAL B 416 -1.65 24.09 -31.78
C VAL B 416 -1.22 23.22 -32.94
N GLN B 417 -0.20 22.39 -32.70
CA GLN B 417 0.32 21.56 -33.76
C GLN B 417 -0.72 20.57 -34.27
N LEU B 418 -1.50 19.96 -33.38
CA LEU B 418 -2.58 19.07 -33.79
C LEU B 418 -3.56 19.73 -34.73
N ILE B 419 -3.92 20.97 -34.42
CA ILE B 419 -4.86 21.68 -35.27
C ILE B 419 -4.23 21.81 -36.66
N TRP B 420 -2.96 22.21 -36.69
CA TRP B 420 -2.25 22.31 -37.96
C TRP B 420 -2.11 20.98 -38.64
N ASP B 421 -1.87 19.91 -37.89
CA ASP B 421 -1.75 18.60 -38.51
C ASP B 421 -3.01 18.23 -39.25
N ARG B 422 -4.17 18.53 -38.65
CA ARG B 422 -5.45 18.19 -39.24
C ARG B 422 -5.81 19.08 -40.42
N ALA B 423 -5.46 20.37 -40.30
CA ALA B 423 -5.61 21.34 -41.37
C ALA B 423 -4.78 21.01 -42.61
N LEU B 424 -3.55 20.58 -42.40
CA LEU B 424 -2.70 20.19 -43.50
C LEU B 424 -2.97 18.81 -44.07
N GLY B 425 -3.69 17.97 -43.33
CA GLY B 425 -3.90 16.59 -43.74
C GLY B 425 -2.67 15.72 -43.57
N LEU B 426 -1.81 16.05 -42.61
CA LEU B 426 -0.64 15.22 -42.31
C LEU B 426 -1.10 13.81 -41.93
N PRO B 427 -0.32 12.82 -42.36
CA PRO B 427 -0.68 11.43 -42.19
C PRO B 427 -0.28 10.88 -40.84
N ILE B 428 -0.59 9.61 -40.65
CA ILE B 428 -0.15 8.88 -39.49
C ILE B 428 1.38 8.83 -39.41
N GLU B 429 1.91 8.93 -38.19
CA GLU B 429 3.33 8.80 -37.98
C GLU B 429 3.69 7.33 -37.87
N ARG B 430 4.58 6.90 -38.74
CA ARG B 430 4.89 5.49 -38.92
C ARG B 430 6.32 5.30 -39.45
N PRO B 431 7.30 5.40 -38.56
CA PRO B 431 8.69 5.10 -38.91
C PRO B 431 8.91 3.62 -39.13
N LYS B 432 10.07 3.29 -39.68
CA LYS B 432 10.41 1.90 -39.86
C LYS B 432 11.30 1.55 -38.70
N SER B 433 11.11 0.37 -38.11
CA SER B 433 12.04 -0.14 -37.11
C SER B 433 12.98 -1.17 -37.71
N ILE B 434 13.99 -1.52 -36.94
CA ILE B 434 14.89 -2.61 -37.29
C ILE B 434 15.54 -3.21 -36.03
N ASN B 435 15.89 -4.48 -36.08
CA ASN B 435 16.54 -5.13 -34.95
C ASN B 435 18.06 -4.94 -35.05
N LEU B 436 18.77 -5.30 -34.00
CA LEU B 436 20.23 -5.16 -33.94
C LEU B 436 20.94 -6.07 -34.94
N LEU B 437 20.44 -7.28 -35.08
CA LEU B 437 20.91 -8.21 -36.10
C LEU B 437 20.79 -7.63 -37.52
N GLY B 438 19.72 -6.89 -37.77
CA GLY B 438 19.53 -6.18 -39.03
C GLY B 438 20.52 -5.05 -39.25
N LEU B 439 20.93 -4.38 -38.17
CA LEU B 439 21.96 -3.33 -38.24
C LEU B 439 23.36 -3.88 -38.39
N LYS B 440 23.59 -5.06 -37.83
CA LYS B 440 24.88 -5.74 -37.85
C LYS B 440 25.22 -6.23 -39.28
N LYS B 441 24.22 -6.77 -40.00
CA LYS B 441 24.26 -6.94 -41.44
C LYS B 441 24.19 -5.59 -42.13
N ALA C 7 -33.76 11.09 41.33
CA ALA C 7 -32.48 10.37 41.04
C ALA C 7 -31.83 10.89 39.75
N GLU C 8 -30.55 11.23 39.87
CA GLU C 8 -29.82 11.89 38.79
C GLU C 8 -29.36 10.83 37.78
N PRO C 9 -28.92 11.26 36.58
CA PRO C 9 -28.58 10.26 35.56
C PRO C 9 -27.48 9.32 36.04
N ASP C 10 -27.66 8.02 35.85
CA ASP C 10 -26.64 7.01 36.14
C ASP C 10 -25.51 7.08 35.12
N LEU C 11 -24.45 6.33 35.39
CA LEU C 11 -23.24 6.44 34.58
C LEU C 11 -23.50 6.12 33.12
N LYS C 12 -24.28 5.07 32.87
CA LYS C 12 -24.53 4.66 31.51
C LYS C 12 -25.29 5.76 30.77
N THR C 13 -26.25 6.39 31.44
CA THR C 13 -27.06 7.43 30.83
C THR C 13 -26.20 8.67 30.57
N ALA C 14 -25.31 8.98 31.53
CA ALA C 14 -24.36 10.07 31.39
C ALA C 14 -23.44 9.86 30.18
N LEU C 15 -23.03 8.62 29.97
CA LEU C 15 -22.22 8.29 28.80
C LEU C 15 -22.96 8.54 27.50
N LYS C 16 -24.17 8.01 27.41
CA LYS C 16 -25.00 8.11 26.21
C LYS C 16 -25.24 9.52 25.72
N ALA C 17 -25.28 10.47 26.65
CA ALA C 17 -25.46 11.88 26.32
C ALA C 17 -24.24 12.46 25.59
N VAL C 18 -23.05 12.00 25.97
CA VAL C 18 -21.82 12.49 25.38
C VAL C 18 -21.36 11.69 24.16
N ILE C 19 -21.92 10.51 23.95
CA ILE C 19 -21.49 9.69 22.80
C ILE C 19 -21.69 10.35 21.42
N PRO C 20 -22.88 10.91 21.16
CA PRO C 20 -23.09 11.46 19.79
C PRO C 20 -22.15 12.61 19.48
N ALA C 21 -21.88 13.45 20.46
CA ALA C 21 -20.92 14.56 20.29
C ALA C 21 -19.52 14.07 19.95
N LYS C 22 -19.07 13.03 20.64
CA LYS C 22 -17.77 12.45 20.36
C LYS C 22 -17.74 11.86 18.94
N ARG C 23 -18.81 11.18 18.56
CA ARG C 23 -18.90 10.61 17.21
C ARG C 23 -18.87 11.67 16.12
N GLU C 24 -19.49 12.82 16.36
CA GLU C 24 -19.47 13.88 15.41
C GLU C 24 -18.07 14.45 15.22
N LEU C 25 -17.38 14.61 16.34
CA LEU C 25 -15.99 15.04 16.35
C LEU C 25 -15.09 14.04 15.61
N PHE C 26 -15.34 12.75 15.85
CA PHE C 26 -14.63 11.70 15.15
C PHE C 26 -14.82 11.79 13.64
N LYS C 27 -16.07 12.03 13.22
CA LYS C 27 -16.40 12.24 11.82
C LYS C 27 -15.61 13.42 11.22
N GLN C 28 -15.46 14.48 11.99
CA GLN C 28 -14.73 15.67 11.53
C GLN C 28 -13.22 15.46 11.42
N VAL C 29 -12.64 14.82 12.44
CA VAL C 29 -11.22 14.46 12.42
C VAL C 29 -10.93 13.50 11.26
N LYS C 30 -11.90 12.62 10.97
CA LYS C 30 -11.78 11.67 9.88
C LYS C 30 -11.74 12.32 8.50
N GLU C 31 -12.44 13.44 8.33
CA GLU C 31 -12.38 14.15 7.06
C GLU C 31 -10.97 14.61 6.76
N ARG C 32 -10.16 14.83 7.79
CA ARG C 32 -8.77 15.26 7.64
C ARG C 32 -7.74 14.12 7.80
N SER C 33 -8.17 12.90 7.46
CA SER C 33 -7.35 11.68 7.51
C SER C 33 -6.02 11.80 6.81
N ASP C 34 -6.06 12.43 5.65
CA ASP C 34 -4.90 12.57 4.79
C ASP C 34 -3.87 13.57 5.29
N GLU C 35 -4.22 14.42 6.26
CA GLU C 35 -3.26 15.40 6.76
C GLU C 35 -2.11 14.79 7.54
N VAL C 36 -0.91 15.27 7.21
CA VAL C 36 0.31 14.78 7.79
C VAL C 36 0.53 15.49 9.13
N ILE C 37 0.67 14.71 10.18
CA ILE C 37 0.88 15.27 11.52
C ILE C 37 2.27 14.99 12.10
N GLY C 38 3.13 14.28 11.38
CA GLY C 38 4.45 13.90 11.91
C GLY C 38 5.25 13.05 10.94
N GLU C 39 6.43 12.65 11.40
CA GLU C 39 7.35 11.80 10.64
C GLU C 39 7.67 10.52 11.36
N VAL C 40 7.88 9.47 10.58
CA VAL C 40 8.50 8.26 11.06
C VAL C 40 9.97 8.33 10.73
N LYS C 41 10.80 7.99 11.71
CA LYS C 41 12.22 7.83 11.47
C LYS C 41 12.63 6.42 11.85
N VAL C 42 13.86 6.07 11.55
CA VAL C 42 14.45 4.81 11.95
C VAL C 42 14.42 4.66 13.48
N ALA C 43 14.68 5.75 14.21
CA ALA C 43 14.67 5.72 15.67
C ALA C 43 13.32 5.23 16.18
N ASN C 44 12.25 5.67 15.53
CA ASN C 44 10.91 5.25 15.93
C ASN C 44 10.73 3.75 15.79
N VAL C 45 11.27 3.16 14.73
CA VAL C 45 11.09 1.75 14.51
C VAL C 45 11.91 0.94 15.50
N ILE C 46 13.18 1.32 15.68
CA ILE C 46 14.04 0.54 16.56
C ILE C 46 13.89 0.89 18.03
N GLY C 47 13.30 2.03 18.33
CA GLY C 47 13.23 2.53 19.70
C GLY C 47 11.85 2.44 20.30
N GLY C 48 11.12 1.39 19.92
CA GLY C 48 9.85 1.08 20.57
C GLY C 48 8.78 2.12 20.34
N MET C 49 8.77 2.74 19.15
CA MET C 49 7.83 3.78 18.74
C MET C 49 7.86 5.01 19.61
N ARG C 50 9.03 5.35 20.17
CA ARG C 50 9.12 6.47 21.08
C ARG C 50 8.94 7.78 20.31
N GLY C 51 8.03 8.61 20.81
CA GLY C 51 7.77 9.92 20.23
C GLY C 51 6.82 9.91 19.04
N LEU C 52 6.34 8.73 18.67
CA LEU C 52 5.49 8.56 17.52
C LEU C 52 4.04 8.64 17.94
N LYS C 53 3.37 9.71 17.49
CA LYS C 53 1.94 9.90 17.74
C LYS C 53 1.23 8.91 16.87
N SER C 54 0.82 7.80 17.47
CA SER C 54 0.20 6.76 16.67
C SER C 54 -1.06 6.19 17.21
N MET C 55 -1.59 6.72 18.30
CA MET C 55 -2.80 6.10 18.85
C MET C 55 -3.68 7.09 19.53
N LEU C 56 -4.93 6.71 19.68
CA LEU C 56 -5.98 7.57 20.17
C LEU C 56 -6.23 7.20 21.63
N TRP C 57 -6.16 8.19 22.53
CA TRP C 57 -6.55 7.99 23.93
C TRP C 57 -7.25 9.25 24.39
N GLU C 58 -8.49 9.09 24.86
CA GLU C 58 -9.39 10.23 25.03
C GLU C 58 -9.38 10.88 26.40
N GLY C 59 -9.29 10.07 27.45
CA GLY C 59 -9.57 10.57 28.80
C GLY C 59 -8.41 11.27 29.50
N SER C 60 -7.19 11.03 29.02
CA SER C 60 -6.03 11.65 29.61
C SER C 60 -4.99 11.98 28.54
N VAL C 61 -4.33 13.12 28.75
CA VAL C 61 -3.28 13.65 27.90
C VAL C 61 -2.17 14.14 28.81
N LEU C 62 -0.91 13.96 28.44
CA LEU C 62 0.21 14.36 29.28
C LEU C 62 0.85 15.70 28.85
N ASP C 63 0.85 16.65 29.78
CA ASP C 63 1.37 17.99 29.55
C ASP C 63 2.83 18.03 30.07
N PRO C 64 3.78 18.45 29.22
CA PRO C 64 5.19 18.45 29.66
C PRO C 64 5.50 19.35 30.87
N GLU C 65 4.87 20.52 30.94
CA GLU C 65 5.02 21.43 32.08
C GLU C 65 4.27 20.94 33.29
N GLU C 66 3.05 20.48 33.08
CA GLU C 66 2.09 20.26 34.18
C GLU C 66 1.83 18.81 34.57
N GLY C 67 2.38 17.84 33.81
CA GLY C 67 2.11 16.42 34.01
C GLY C 67 0.74 16.00 33.51
N ILE C 68 0.24 14.85 33.94
CA ILE C 68 -1.00 14.33 33.39
C ILE C 68 -2.21 15.24 33.66
N ARG C 69 -3.13 15.32 32.71
CA ARG C 69 -4.39 16.02 32.95
C ARG C 69 -5.47 15.09 32.49
N PHE C 70 -6.56 15.03 33.27
CA PHE C 70 -7.70 14.21 32.93
C PHE C 70 -8.80 15.13 32.41
N HIS C 71 -9.08 15.04 31.11
CA HIS C 71 -10.00 15.97 30.43
C HIS C 71 -9.65 17.40 30.72
N GLY C 72 -8.36 17.71 30.62
CA GLY C 72 -7.88 19.07 30.86
C GLY C 72 -7.72 19.49 32.31
N LYS C 73 -8.13 18.64 33.26
CA LYS C 73 -8.04 18.93 34.70
C LYS C 73 -6.81 18.32 35.33
N THR C 74 -6.13 19.12 36.16
CA THR C 74 -4.96 18.66 36.86
C THR C 74 -5.36 17.76 37.99
N ILE C 75 -4.38 17.08 38.54
CA ILE C 75 -4.59 16.24 39.73
C ILE C 75 -5.20 17.03 40.84
N LYS C 76 -4.66 18.21 41.11
CA LYS C 76 -5.20 19.06 42.16
C LYS C 76 -6.64 19.50 41.88
N ASP C 77 -6.93 19.80 40.62
CA ASP C 77 -8.29 20.07 40.18
C ASP C 77 -9.19 18.89 40.50
N CYS C 78 -8.71 17.67 40.24
CA CYS C 78 -9.50 16.48 40.48
C CYS C 78 -9.68 16.24 41.97
N GLN C 79 -8.61 16.49 42.73
CA GLN C 79 -8.62 16.31 44.18
C GLN C 79 -9.69 17.21 44.80
N LYS C 80 -9.77 18.46 44.33
CA LYS C 80 -10.78 19.42 44.81
C LYS C 80 -12.20 19.09 44.33
N GLU C 81 -12.34 18.76 43.05
CA GLU C 81 -13.66 18.66 42.42
C GLU C 81 -14.32 17.29 42.56
N LEU C 82 -13.54 16.23 42.52
CA LEU C 82 -14.15 14.90 42.53
C LEU C 82 -14.75 14.61 43.90
N PRO C 83 -15.90 13.97 43.95
CA PRO C 83 -16.53 13.61 45.19
C PRO C 83 -15.68 12.75 46.10
N LYS C 84 -15.90 12.92 47.40
CA LYS C 84 -15.20 12.18 48.43
C LYS C 84 -16.13 11.08 48.93
N GLY C 85 -15.62 10.24 49.83
CA GLY C 85 -16.40 9.18 50.46
C GLY C 85 -17.25 9.72 51.59
N THR C 86 -17.99 8.83 52.26
CA THR C 86 -18.77 9.21 53.43
C THR C 86 -17.87 9.65 54.57
N SER C 87 -16.67 9.08 54.62
CA SER C 87 -15.59 9.59 55.47
C SER C 87 -14.40 9.94 54.61
N GLY C 88 -13.59 10.88 55.07
CA GLY C 88 -12.29 11.13 54.47
C GLY C 88 -12.25 12.31 53.54
N THR C 89 -11.03 12.64 53.15
CA THR C 89 -10.76 13.85 52.40
C THR C 89 -10.25 13.62 51.00
N GLU C 90 -10.06 12.39 50.58
CA GLU C 90 -9.47 12.11 49.28
C GLU C 90 -10.48 11.74 48.20
N MET C 91 -10.17 12.15 46.97
CA MET C 91 -10.99 11.91 45.81
C MET C 91 -11.18 10.41 45.57
N LEU C 92 -12.39 10.02 45.20
CA LEU C 92 -12.68 8.60 44.95
C LEU C 92 -12.31 8.17 43.56
N PRO C 93 -11.70 6.98 43.43
CA PRO C 93 -11.41 6.43 42.10
C PRO C 93 -12.65 6.23 41.24
N GLU C 94 -13.78 5.87 41.85
CA GLU C 94 -14.97 5.64 41.04
C GLU C 94 -15.41 6.96 40.41
N ALA C 95 -15.22 8.05 41.12
CA ALA C 95 -15.50 9.36 40.56
C ALA C 95 -14.48 9.73 39.47
N MET C 96 -13.23 9.31 39.65
CA MET C 96 -12.23 9.45 38.60
C MET C 96 -12.67 8.67 37.37
N PHE C 97 -13.16 7.45 37.56
CA PHE C 97 -13.65 6.63 36.44
C PHE C 97 -14.73 7.37 35.70
N TRP C 98 -15.70 7.89 36.45
CA TRP C 98 -16.82 8.66 35.87
C TRP C 98 -16.30 9.79 35.02
N LEU C 99 -15.37 10.55 35.59
CA LEU C 99 -14.78 11.70 34.92
C LEU C 99 -14.09 11.24 33.65
N LEU C 100 -13.32 10.18 33.75
CA LEU C 100 -12.59 9.71 32.59
C LEU C 100 -13.54 9.37 31.47
N LEU C 101 -14.59 8.64 31.82
CA LEU C 101 -15.56 8.15 30.84
C LEU C 101 -16.43 9.26 30.25
N THR C 102 -17.01 10.07 31.10
CA THR C 102 -18.02 11.02 30.66
C THR C 102 -17.43 12.37 30.26
N GLY C 103 -16.26 12.69 30.81
CA GLY C 103 -15.66 13.99 30.59
C GLY C 103 -16.23 15.06 31.49
N GLN C 104 -17.01 14.63 32.50
CA GLN C 104 -17.71 15.53 33.39
C GLN C 104 -17.52 15.06 34.79
N VAL C 105 -17.52 15.99 35.74
CA VAL C 105 -17.42 15.65 37.14
C VAL C 105 -18.80 15.20 37.62
N PRO C 106 -18.87 14.03 38.28
CA PRO C 106 -20.13 13.56 38.88
C PRO C 106 -20.50 14.28 40.15
N SER C 107 -21.79 14.34 40.46
CA SER C 107 -22.22 14.74 41.80
C SER C 107 -21.94 13.65 42.80
N THR C 108 -21.88 14.01 44.07
CA THR C 108 -21.75 13.02 45.13
C THR C 108 -22.88 11.94 45.05
N ASN C 109 -24.11 12.35 44.77
CA ASN C 109 -25.24 11.40 44.61
C ASN C 109 -24.99 10.39 43.53
N GLN C 110 -24.55 10.91 42.40
CA GLN C 110 -24.26 10.06 41.26
C GLN C 110 -23.18 9.02 41.60
N VAL C 111 -22.12 9.47 42.26
CA VAL C 111 -21.06 8.55 42.69
C VAL C 111 -21.55 7.53 43.73
N ARG C 112 -22.42 7.92 44.64
CA ARG C 112 -22.97 6.98 45.66
C ARG C 112 -23.76 5.86 45.01
N ALA C 113 -24.57 6.23 44.01
CA ALA C 113 -25.33 5.28 43.23
C ALA C 113 -24.39 4.34 42.49
N PHE C 114 -23.32 4.89 41.95
CA PHE C 114 -22.32 4.12 41.24
C PHE C 114 -21.49 3.21 42.17
N SER C 115 -21.10 3.73 43.33
CA SER C 115 -20.42 2.91 44.34
C SER C 115 -21.28 1.73 44.81
N ARG C 116 -22.58 1.96 44.92
CA ARG C 116 -23.54 0.95 45.32
C ARG C 116 -23.63 -0.16 44.28
N GLU C 117 -23.62 0.22 42.98
CA GLU C 117 -23.65 -0.77 41.91
C GLU C 117 -22.36 -1.59 41.93
N LEU C 118 -21.24 -0.95 42.20
CA LEU C 118 -19.95 -1.67 42.30
C LEU C 118 -19.90 -2.66 43.43
N ALA C 119 -20.55 -2.37 44.55
CA ALA C 119 -20.59 -3.31 45.65
C ALA C 119 -21.43 -4.52 45.25
N GLU C 120 -22.60 -4.24 44.68
CA GLU C 120 -23.53 -5.27 44.21
C GLU C 120 -22.95 -6.26 43.21
N GLN C 121 -22.03 -5.80 42.36
CA GLN C 121 -21.48 -6.64 41.29
C GLN C 121 -20.08 -7.20 41.53
N SER C 122 -19.64 -7.21 42.79
CA SER C 122 -18.29 -7.65 43.12
C SER C 122 -18.18 -9.12 43.31
N HIS C 123 -19.31 -9.81 43.39
CA HIS C 123 -19.28 -11.23 43.63
C HIS C 123 -18.74 -11.98 42.45
N LEU C 124 -18.07 -13.07 42.79
CA LEU C 124 -17.36 -13.91 41.84
C LEU C 124 -18.05 -15.27 41.72
N PRO C 125 -17.99 -15.87 40.53
CA PRO C 125 -18.36 -17.26 40.35
C PRO C 125 -17.47 -18.20 41.19
N GLN C 126 -18.03 -19.33 41.61
CA GLN C 126 -17.29 -20.26 42.46
C GLN C 126 -15.98 -20.72 41.80
N HIS C 127 -16.00 -20.86 40.47
CA HIS C 127 -14.83 -21.35 39.75
C HIS C 127 -13.62 -20.45 39.87
N ILE C 128 -13.82 -19.14 39.96
CA ILE C 128 -12.70 -18.23 40.17
C ILE C 128 -12.05 -18.48 41.51
N LEU C 129 -12.86 -18.74 42.54
CA LEU C 129 -12.32 -19.15 43.86
C LEU C 129 -11.49 -20.44 43.77
N ASP C 130 -12.03 -21.44 43.09
CA ASP C 130 -11.30 -22.71 42.90
C ASP C 130 -9.98 -22.50 42.14
N LEU C 131 -10.04 -21.67 41.09
CA LEU C 131 -8.89 -21.36 40.27
C LEU C 131 -7.80 -20.71 41.09
N ILE C 132 -8.18 -19.71 41.88
CA ILE C 132 -7.19 -19.01 42.70
C ILE C 132 -6.62 -19.94 43.77
N LYS C 133 -7.46 -20.83 44.30
CA LYS C 133 -7.00 -21.85 45.25
C LYS C 133 -5.96 -22.80 44.67
N SER C 134 -6.03 -23.04 43.36
CA SER C 134 -5.02 -23.89 42.70
C SER C 134 -3.63 -23.27 42.58
N PHE C 135 -3.49 -21.96 42.76
CA PHE C 135 -2.17 -21.34 42.56
C PHE C 135 -1.24 -21.78 43.68
N PRO C 136 -0.01 -22.18 43.33
CA PRO C 136 0.96 -22.45 44.39
C PRO C 136 1.33 -21.15 45.10
N ARG C 137 1.69 -21.25 46.38
CA ARG C 137 2.09 -20.09 47.17
C ARG C 137 3.17 -19.23 46.49
N SER C 138 4.11 -19.89 45.81
CA SER C 138 5.21 -19.16 45.18
C SER C 138 4.86 -18.42 43.88
N MET C 139 3.72 -18.76 43.22
CA MET C 139 3.34 -18.07 42.00
C MET C 139 3.31 -16.56 42.23
N HIS C 140 3.99 -15.82 41.34
CA HIS C 140 4.03 -14.38 41.43
C HIS C 140 2.63 -13.77 41.50
N PRO C 141 2.45 -12.73 42.34
CA PRO C 141 1.11 -12.15 42.47
C PRO C 141 0.52 -11.54 41.23
N MET C 142 1.33 -10.97 40.36
CA MET C 142 0.82 -10.41 39.11
C MET C 142 0.41 -11.50 38.14
N THR C 143 1.06 -12.65 38.24
CA THR C 143 0.68 -13.76 37.42
C THR C 143 -0.68 -14.22 37.88
N GLN C 144 -0.89 -14.26 39.20
CA GLN C 144 -2.20 -14.64 39.75
C GLN C 144 -3.31 -13.69 39.31
N LEU C 145 -3.02 -12.39 39.41
CA LEU C 145 -4.02 -11.39 39.12
C LEU C 145 -4.43 -11.43 37.65
N SER C 146 -3.45 -11.56 36.78
CA SER C 146 -3.70 -11.55 35.35
C SER C 146 -4.58 -12.72 35.01
N ILE C 147 -4.24 -13.88 35.55
CA ILE C 147 -4.98 -15.11 35.24
C ILE C 147 -6.45 -15.06 35.65
N ALA C 148 -6.70 -14.56 36.85
CA ALA C 148 -8.03 -14.54 37.43
C ALA C 148 -8.94 -13.56 36.68
N VAL C 149 -8.36 -12.48 36.21
CA VAL C 149 -9.06 -11.51 35.40
C VAL C 149 -9.40 -12.13 34.06
N ALA C 150 -8.46 -12.78 33.41
CA ALA C 150 -8.80 -13.49 32.19
C ALA C 150 -9.87 -14.55 32.44
N ALA C 151 -9.81 -15.26 33.57
CA ALA C 151 -10.79 -16.34 33.87
C ALA C 151 -12.23 -15.82 34.04
N LEU C 152 -12.36 -14.55 34.39
CA LEU C 152 -13.65 -13.89 34.46
C LEU C 152 -14.31 -13.61 33.12
N ASN C 153 -13.64 -13.94 32.03
CA ASN C 153 -14.24 -13.84 30.69
C ASN C 153 -15.41 -14.83 30.51
N THR C 154 -15.56 -15.79 31.42
CA THR C 154 -16.77 -16.60 31.49
C THR C 154 -17.97 -15.74 31.83
N GLU C 155 -17.76 -14.62 32.50
CA GLU C 155 -18.84 -13.69 32.81
C GLU C 155 -19.07 -12.62 31.76
N SER C 156 -18.41 -12.71 30.60
CA SER C 156 -18.45 -11.64 29.64
C SER C 156 -19.71 -11.59 28.83
N LYS C 157 -20.45 -10.49 28.96
CA LYS C 157 -21.60 -10.24 28.07
C LYS C 157 -21.15 -9.94 26.64
N PHE C 158 -20.01 -9.25 26.48
CA PHE C 158 -19.55 -8.91 25.14
C PHE C 158 -19.20 -10.15 24.33
N ALA C 159 -18.47 -11.07 24.95
CA ALA C 159 -18.05 -12.29 24.28
C ALA C 159 -19.27 -13.13 23.93
N LYS C 160 -20.21 -13.27 24.85
CA LYS C 160 -21.39 -14.06 24.57
C LYS C 160 -22.27 -13.40 23.55
N ALA C 161 -22.42 -12.08 23.63
CA ALA C 161 -23.19 -11.37 22.60
C ALA C 161 -22.50 -11.43 21.22
N TYR C 162 -21.18 -11.28 21.18
CA TYR C 162 -20.48 -11.35 19.92
C TYR C 162 -20.66 -12.76 19.26
N GLU C 163 -20.54 -13.77 20.09
CA GLU C 163 -20.61 -15.15 19.66
C GLU C 163 -22.02 -15.51 19.15
N LYS C 164 -23.05 -14.91 19.75
CA LYS C 164 -24.45 -15.08 19.33
C LYS C 164 -24.84 -14.30 18.06
N GLY C 165 -23.94 -13.49 17.53
CA GLY C 165 -24.24 -12.54 16.45
C GLY C 165 -24.67 -11.23 17.07
N LEU C 166 -24.00 -10.13 16.73
CA LEU C 166 -24.23 -8.82 17.32
C LEU C 166 -23.78 -7.73 16.33
N SER C 167 -24.53 -6.63 16.26
CA SER C 167 -24.21 -5.56 15.31
C SER C 167 -23.06 -4.67 15.85
N LYS C 168 -22.19 -4.25 14.93
CA LYS C 168 -21.04 -3.40 15.29
C LYS C 168 -21.41 -2.12 16.04
N ALA C 169 -22.55 -1.54 15.68
CA ALA C 169 -23.08 -0.34 16.33
C ALA C 169 -23.39 -0.54 17.79
N ASP C 170 -23.71 -1.77 18.20
CA ASP C 170 -24.08 -2.07 19.57
C ASP C 170 -22.96 -2.61 20.47
N TYR C 171 -21.71 -2.53 20.02
CA TYR C 171 -20.58 -3.04 20.77
C TYR C 171 -20.37 -2.40 22.14
N TRP C 172 -20.53 -1.09 22.23
CA TRP C 172 -20.12 -0.41 23.46
C TRP C 172 -20.92 -0.80 24.70
N GLU C 173 -22.22 -1.04 24.58
CA GLU C 173 -23.04 -1.33 25.77
C GLU C 173 -22.59 -2.61 26.49
N PRO C 174 -22.40 -3.72 25.76
CA PRO C 174 -21.84 -4.91 26.39
C PRO C 174 -20.42 -4.66 26.91
N THR C 175 -19.61 -3.90 26.16
CA THR C 175 -18.27 -3.52 26.59
C THR C 175 -18.30 -2.72 27.89
N PHE C 176 -19.23 -1.77 27.97
CA PHE C 176 -19.45 -1.00 29.18
C PHE C 176 -19.91 -1.89 30.35
N ASP C 177 -20.85 -2.78 30.08
CA ASP C 177 -21.36 -3.67 31.14
C ASP C 177 -20.24 -4.52 31.70
N ASP C 178 -19.40 -5.01 30.80
CA ASP C 178 -18.25 -5.81 31.19
C ASP C 178 -17.22 -5.02 31.95
N SER C 179 -17.01 -3.77 31.56
CA SER C 179 -16.04 -2.91 32.24
C SER C 179 -16.44 -2.61 33.68
N ILE C 180 -17.72 -2.38 33.90
CA ILE C 180 -18.24 -2.14 35.25
C ILE C 180 -18.13 -3.40 36.09
N SER C 181 -18.42 -4.54 35.47
CA SER C 181 -18.35 -5.84 36.12
C SER C 181 -16.93 -6.14 36.54
N LEU C 182 -15.97 -5.87 35.65
CA LEU C 182 -14.57 -6.11 35.96
C LEU C 182 -14.10 -5.19 37.08
N LEU C 183 -14.52 -3.94 37.01
CA LEU C 183 -14.17 -2.94 38.00
C LEU C 183 -14.67 -3.29 39.40
N ALA C 184 -15.90 -3.77 39.47
CA ALA C 184 -16.53 -4.18 40.73
C ALA C 184 -15.84 -5.37 41.36
N LYS C 185 -15.49 -6.34 40.51
CA LYS C 185 -14.85 -7.61 40.92
C LYS C 185 -13.35 -7.56 41.21
N ILE C 186 -12.60 -6.69 40.52
CA ILE C 186 -11.13 -6.78 40.57
C ILE C 186 -10.54 -6.54 41.96
N PRO C 187 -11.12 -5.62 42.73
CA PRO C 187 -10.59 -5.44 44.11
C PRO C 187 -10.66 -6.72 44.92
N ARG C 188 -11.77 -7.45 44.79
CA ARG C 188 -11.93 -8.69 45.50
C ARG C 188 -10.94 -9.72 45.01
N VAL C 189 -10.74 -9.78 43.70
CA VAL C 189 -9.78 -10.70 43.15
C VAL C 189 -8.40 -10.36 43.73
N ALA C 190 -8.06 -9.08 43.68
CA ALA C 190 -6.79 -8.56 44.18
C ALA C 190 -6.62 -8.92 45.63
N ALA C 191 -7.68 -8.83 46.42
CA ALA C 191 -7.61 -9.22 47.83
C ALA C 191 -7.34 -10.72 48.05
N LEU C 192 -7.87 -11.55 47.16
CA LEU C 192 -7.61 -13.00 47.18
C LEU C 192 -6.13 -13.33 46.90
N VAL C 193 -5.50 -12.56 46.04
CA VAL C 193 -4.07 -12.67 45.77
C VAL C 193 -3.25 -12.28 47.02
N PHE C 194 -3.65 -11.20 47.69
CA PHE C 194 -3.02 -10.75 48.94
C PHE C 194 -3.17 -11.77 50.05
N ARG C 195 -4.31 -12.45 50.07
CA ARG C 195 -4.67 -13.30 51.18
C ARG C 195 -5.09 -14.70 50.73
N PRO C 196 -4.11 -15.49 50.27
CA PRO C 196 -4.30 -16.87 49.82
C PRO C 196 -4.92 -17.79 50.89
N ASP C 197 -4.69 -17.54 52.18
CA ASP C 197 -5.24 -18.36 53.25
C ASP C 197 -6.68 -17.99 53.64
N GLU C 198 -7.20 -16.91 53.11
CA GLU C 198 -8.51 -16.35 53.43
C GLU C 198 -9.44 -16.35 52.24
N VAL C 199 -9.23 -17.24 51.28
CA VAL C 199 -9.99 -17.22 50.05
C VAL C 199 -11.51 -17.42 50.23
N ASP C 200 -11.90 -18.37 51.07
CA ASP C 200 -13.33 -18.62 51.25
C ASP C 200 -14.06 -17.46 51.87
N GLN C 201 -13.43 -16.80 52.84
CA GLN C 201 -14.03 -15.63 53.49
C GLN C 201 -14.03 -14.43 52.57
N VAL C 202 -12.86 -14.09 52.07
CA VAL C 202 -12.70 -12.90 51.25
C VAL C 202 -13.46 -13.04 49.95
N GLY C 203 -13.50 -14.24 49.39
CA GLY C 203 -14.13 -14.44 48.09
C GLY C 203 -15.63 -14.29 48.08
N THR C 204 -16.25 -14.47 49.25
CA THR C 204 -17.70 -14.44 49.36
C THR C 204 -18.24 -13.33 50.23
N GLN C 205 -17.40 -12.65 51.00
CA GLN C 205 -17.91 -11.66 51.97
C GLN C 205 -18.73 -10.57 51.32
N ALA C 206 -19.86 -10.22 51.95
CA ALA C 206 -20.76 -9.25 51.34
C ALA C 206 -20.15 -7.89 51.60
N LEU C 207 -20.24 -6.99 50.62
CA LEU C 207 -19.70 -5.67 50.79
C LEU C 207 -20.80 -4.76 51.32
N ASP C 208 -20.41 -3.75 52.09
CA ASP C 208 -21.34 -2.72 52.49
C ASP C 208 -21.62 -1.95 51.20
N ALA C 209 -22.87 -1.97 50.71
CA ALA C 209 -23.26 -1.29 49.50
C ALA C 209 -23.24 0.26 49.62
N SER C 210 -23.26 0.76 50.85
CA SER C 210 -23.25 2.19 51.15
C SER C 210 -21.84 2.77 51.33
N GLN C 211 -20.82 2.00 51.02
CA GLN C 211 -19.43 2.42 51.10
C GLN C 211 -18.77 2.41 49.74
N ASP C 212 -17.71 3.20 49.63
CA ASP C 212 -17.00 3.36 48.36
C ASP C 212 -16.07 2.16 48.09
N TRP C 213 -15.65 2.09 46.82
CA TRP C 213 -14.84 1.02 46.24
C TRP C 213 -13.57 0.72 47.04
N SER C 214 -12.87 1.79 47.39
CA SER C 214 -11.59 1.72 48.06
C SER C 214 -11.81 1.26 49.48
N TYR C 215 -12.87 1.74 50.11
CA TYR C 215 -13.21 1.25 51.43
C TYR C 215 -13.43 -0.26 51.43
N ASN C 216 -14.25 -0.73 50.48
CA ASN C 216 -14.54 -2.15 50.44
C ASN C 216 -13.31 -2.95 50.08
N PHE C 217 -12.45 -2.39 49.20
CA PHE C 217 -11.18 -3.04 48.89
C PHE C 217 -10.32 -3.15 50.15
N ALA C 218 -10.29 -2.10 50.97
CA ALA C 218 -9.59 -2.15 52.28
C ALA C 218 -10.17 -3.19 53.25
N GLU C 219 -11.50 -3.30 53.28
CA GLU C 219 -12.19 -4.26 54.14
C GLU C 219 -11.78 -5.68 53.75
N LEU C 220 -11.74 -5.95 52.45
CA LEU C 220 -11.35 -7.25 51.91
C LEU C 220 -9.87 -7.52 52.18
N LEU C 221 -9.08 -6.45 52.20
CA LEU C 221 -7.69 -6.51 52.62
C LEU C 221 -7.45 -6.73 54.11
N GLY C 222 -8.51 -6.68 54.93
CA GLY C 222 -8.40 -6.79 56.39
C GLY C 222 -8.18 -5.47 57.09
N LYS C 223 -8.45 -4.36 56.40
CA LYS C 223 -8.17 -3.00 56.91
C LYS C 223 -9.41 -2.13 56.93
N GLY C 224 -10.53 -2.72 57.33
CA GLY C 224 -11.80 -2.02 57.42
C GLY C 224 -11.92 -1.24 58.73
N GLY C 225 -12.96 -0.40 58.81
CA GLY C 225 -13.29 0.27 60.06
C GLY C 225 -12.53 1.55 60.35
N LYS C 226 -12.99 2.24 61.39
CA LYS C 226 -12.56 3.61 61.69
C LYS C 226 -11.07 3.74 61.95
N GLU C 227 -10.50 2.74 62.61
CA GLU C 227 -9.09 2.75 62.97
C GLU C 227 -8.15 2.70 61.77
N ASN C 228 -8.68 2.30 60.62
CA ASN C 228 -7.95 2.32 59.35
C ASN C 228 -8.39 3.39 58.36
N GLN C 229 -9.09 4.42 58.83
CA GLN C 229 -9.64 5.42 57.89
C GLN C 229 -8.61 6.27 57.14
N ASP C 230 -7.45 6.48 57.74
CA ASP C 230 -6.37 7.20 57.05
C ASP C 230 -5.93 6.44 55.80
N PHE C 231 -5.72 5.14 55.96
CA PHE C 231 -5.36 4.25 54.86
C PHE C 231 -6.44 4.18 53.78
N HIS C 232 -7.71 4.28 54.19
CA HIS C 232 -8.78 4.30 53.22
C HIS C 232 -8.56 5.48 52.28
N ASP C 233 -8.23 6.62 52.88
CA ASP C 233 -7.94 7.81 52.13
C ASP C 233 -6.71 7.67 51.22
N LEU C 234 -5.67 7.00 51.70
CA LEU C 234 -4.50 6.75 50.87
C LEU C 234 -4.84 5.92 49.71
N LEU C 235 -5.53 4.83 49.97
CA LEU C 235 -5.91 3.90 48.92
C LEU C 235 -6.77 4.58 47.85
N ARG C 236 -7.69 5.43 48.30
CA ARG C 236 -8.55 6.17 47.41
C ARG C 236 -7.72 7.05 46.53
N LEU C 237 -6.86 7.83 47.13
CA LEU C 237 -6.01 8.74 46.36
C LEU C 237 -5.16 7.95 45.40
N TYR C 238 -4.60 6.86 45.89
CA TYR C 238 -3.62 6.12 45.12
C TYR C 238 -4.24 5.56 43.83
N LEU C 239 -5.38 4.92 44.01
CA LEU C 239 -6.11 4.31 42.93
C LEU C 239 -6.59 5.33 41.90
N ALA C 240 -7.02 6.50 42.36
CA ALA C 240 -7.45 7.57 41.45
C ALA C 240 -6.28 8.16 40.64
N LEU C 241 -5.13 8.31 41.28
CA LEU C 241 -3.89 8.76 40.61
C LEU C 241 -3.30 7.81 39.55
N HIS C 242 -3.49 6.50 39.73
CA HIS C 242 -2.86 5.52 38.83
C HIS C 242 -3.81 4.99 37.77
N GLY C 243 -5.03 5.52 37.74
CA GLY C 243 -6.05 5.02 36.83
C GLY C 243 -5.66 5.10 35.36
N ASP C 244 -5.05 6.22 34.97
CA ASP C 244 -4.82 6.44 33.57
C ASP C 244 -3.62 7.33 33.40
N HIS C 245 -2.78 7.02 32.42
CA HIS C 245 -1.62 7.87 32.13
C HIS C 245 -1.35 7.77 30.65
N GLU C 246 -2.26 8.31 29.86
CA GLU C 246 -2.21 8.29 28.36
C GLU C 246 -2.41 6.88 27.79
N GLY C 247 -2.24 6.70 26.48
CA GLY C 247 -2.40 5.40 25.85
C GLY C 247 -1.12 4.62 25.57
N GLY C 248 0.02 5.30 25.60
CA GLY C 248 1.28 4.70 25.20
C GLY C 248 1.91 3.76 26.19
N ASN C 249 1.52 3.85 27.46
CA ASN C 249 2.07 2.97 28.48
C ASN C 249 1.64 1.55 28.22
N VAL C 250 2.50 0.61 28.59
CA VAL C 250 2.33 -0.76 28.19
C VAL C 250 0.97 -1.35 28.57
N SER C 251 0.49 -1.05 29.76
CA SER C 251 -0.68 -1.77 30.26
C SER C 251 -1.91 -1.25 29.53
N ALA C 252 -1.99 0.08 29.40
CA ALA C 252 -3.08 0.72 28.65
C ALA C 252 -3.11 0.26 27.21
N HIS C 253 -1.95 0.32 26.59
CA HIS C 253 -1.78 -0.05 25.21
C HIS C 253 -2.18 -1.51 25.00
N ALA C 254 -1.59 -2.41 25.78
CA ALA C 254 -1.91 -3.82 25.67
C ALA C 254 -3.41 -4.03 25.79
N THR C 255 -4.05 -3.39 26.75
CA THR C 255 -5.50 -3.51 26.88
C THR C 255 -6.21 -3.08 25.59
N HIS C 256 -5.81 -1.93 25.05
CA HIS C 256 -6.35 -1.44 23.78
C HIS C 256 -6.10 -2.37 22.61
N LEU C 257 -4.86 -2.81 22.52
CA LEU C 257 -4.40 -3.66 21.42
C LEU C 257 -5.23 -4.94 21.35
N VAL C 258 -5.24 -5.68 22.46
CA VAL C 258 -6.05 -6.90 22.54
C VAL C 258 -7.57 -6.60 22.40
N GLY C 259 -8.01 -5.50 22.97
CA GLY C 259 -9.34 -5.02 22.73
C GLY C 259 -9.69 -4.78 21.27
N SER C 260 -8.74 -4.31 20.46
CA SER C 260 -9.04 -3.89 19.08
C SER C 260 -9.40 -5.06 18.16
N ALA C 261 -9.03 -6.28 18.55
CA ALA C 261 -9.42 -7.47 17.83
C ALA C 261 -10.78 -8.02 18.32
N LEU C 262 -11.43 -7.26 19.21
CA LEU C 262 -12.75 -7.55 19.80
C LEU C 262 -12.76 -8.69 20.86
N SER C 263 -11.61 -8.90 21.49
CA SER C 263 -11.54 -9.62 22.74
C SER C 263 -12.25 -8.77 23.78
N ASP C 264 -12.99 -9.44 24.64
CA ASP C 264 -13.70 -8.74 25.71
C ASP C 264 -12.79 -8.04 26.72
N PRO C 265 -13.37 -7.16 27.53
CA PRO C 265 -12.56 -6.43 28.50
C PRO C 265 -11.82 -7.27 29.56
N PHE C 266 -12.31 -8.47 29.89
CA PHE C 266 -11.57 -9.30 30.84
C PHE C 266 -10.29 -9.82 30.20
N LEU C 267 -10.42 -10.37 29.01
CA LEU C 267 -9.24 -10.80 28.26
C LEU C 267 -8.31 -9.65 27.93
N SER C 268 -8.87 -8.51 27.58
CA SER C 268 -8.08 -7.37 27.10
C SER C 268 -7.27 -6.80 28.23
N TYR C 269 -7.90 -6.60 29.38
CA TYR C 269 -7.21 -6.03 30.52
C TYR C 269 -6.40 -7.07 31.23
N SER C 270 -6.68 -8.34 31.00
CA SER C 270 -5.74 -9.36 31.44
C SER C 270 -4.39 -9.11 30.81
N ALA C 271 -4.40 -8.86 29.51
CA ALA C 271 -3.19 -8.55 28.78
C ALA C 271 -2.55 -7.26 29.30
N GLY C 272 -3.36 -6.29 29.65
CA GLY C 272 -2.86 -5.08 30.35
C GLY C 272 -2.04 -5.44 31.59
N LEU C 273 -2.60 -6.35 32.38
CA LEU C 273 -2.00 -6.76 33.63
C LEU C 273 -0.72 -7.53 33.41
N LEU C 274 -0.67 -8.32 32.34
CA LEU C 274 0.53 -9.01 31.94
C LEU C 274 1.62 -8.01 31.57
N GLY C 275 1.26 -6.93 30.90
CA GLY C 275 2.20 -5.85 30.62
C GLY C 275 2.60 -5.09 31.88
N LEU C 276 1.65 -4.89 32.76
CA LEU C 276 1.93 -4.29 34.05
C LEU C 276 2.87 -5.12 34.93
N ALA C 277 2.86 -6.44 34.74
CA ALA C 277 3.79 -7.36 35.41
C ALA C 277 5.25 -7.25 34.97
N GLY C 278 5.51 -6.43 33.96
CA GLY C 278 6.84 -6.25 33.42
C GLY C 278 7.64 -5.38 34.35
N PRO C 279 8.87 -5.79 34.69
CA PRO C 279 9.79 -4.98 35.49
C PRO C 279 9.93 -3.53 35.10
N LEU C 280 9.98 -3.27 33.80
CA LEU C 280 10.07 -1.91 33.30
C LEU C 280 8.77 -1.14 33.39
N HIS C 281 7.67 -1.81 33.63
CA HIS C 281 6.37 -1.15 33.79
C HIS C 281 5.89 -1.22 35.24
N GLY C 282 5.35 -2.35 35.63
CA GLY C 282 4.57 -2.43 36.89
C GLY C 282 5.37 -2.52 38.17
N LEU C 283 6.62 -2.97 38.08
CA LEU C 283 7.37 -3.34 39.29
C LEU C 283 8.13 -2.20 40.00
N ALA C 284 8.05 -1.00 39.45
CA ALA C 284 8.93 0.09 39.99
C ALA C 284 8.63 0.45 41.45
N ALA C 285 7.35 0.41 41.83
CA ALA C 285 6.99 0.77 43.20
C ALA C 285 7.68 -0.16 44.18
N GLN C 286 7.64 -1.44 43.87
CA GLN C 286 8.33 -2.45 44.66
C GLN C 286 9.83 -2.24 44.70
N GLU C 287 10.43 -1.94 43.54
CA GLU C 287 11.87 -1.74 43.41
C GLU C 287 12.41 -0.56 44.23
N VAL C 288 11.58 0.47 44.32
CA VAL C 288 11.89 1.66 45.08
C VAL C 288 12.02 1.36 46.53
N LEU C 289 11.01 0.69 47.07
CA LEU C 289 10.98 0.42 48.48
C LEU C 289 12.08 -0.57 48.85
N ARG C 290 12.37 -1.56 48.02
CA ARG C 290 13.47 -2.47 48.33
C ARG C 290 14.80 -1.72 48.35
N TRP C 291 14.97 -0.83 47.37
CA TRP C 291 16.14 0.03 47.29
C TRP C 291 16.24 0.95 48.52
N ILE C 292 15.12 1.53 48.93
CA ILE C 292 15.09 2.40 50.10
C ILE C 292 15.40 1.64 51.40
N LEU C 293 14.86 0.43 51.54
CA LEU C 293 15.13 -0.36 52.73
C LEU C 293 16.55 -0.81 52.79
N ALA C 294 17.13 -1.15 51.64
CA ALA C 294 18.56 -1.46 51.55
C ALA C 294 19.40 -0.29 52.05
N MET C 295 19.04 0.92 51.58
CA MET C 295 19.76 2.14 51.96
C MET C 295 19.64 2.38 53.45
N GLN C 296 18.43 2.18 53.96
CA GLN C 296 18.16 2.40 55.37
C GLN C 296 18.97 1.46 56.22
N ASP C 297 19.10 0.21 55.82
CA ASP C 297 19.88 -0.74 56.59
C ASP C 297 21.32 -0.31 56.69
N LYS C 298 21.87 0.23 55.60
CA LYS C 298 23.26 0.70 55.64
C LYS C 298 23.42 2.02 56.39
N ILE C 299 22.60 3.00 56.05
CA ILE C 299 22.76 4.36 56.63
C ILE C 299 22.12 4.55 58.00
N GLY C 300 21.05 3.81 58.27
CA GLY C 300 20.39 3.83 59.57
C GLY C 300 19.26 4.84 59.65
N THR C 301 18.71 4.96 60.86
CA THR C 301 17.64 5.91 61.15
C THR C 301 18.10 7.35 61.16
N LYS C 302 19.29 7.60 61.69
CA LYS C 302 19.85 8.96 61.71
C LYS C 302 20.95 9.00 60.69
N PHE C 303 20.82 9.87 59.71
CA PHE C 303 21.77 9.93 58.59
C PHE C 303 21.95 11.36 58.12
N THR C 304 23.05 11.58 57.42
CA THR C 304 23.34 12.89 56.84
C THR C 304 23.00 12.81 55.37
N ASP C 305 22.88 13.99 54.75
CA ASP C 305 22.76 14.12 53.30
C ASP C 305 23.83 13.33 52.56
N ASP C 306 25.06 13.36 53.07
CA ASP C 306 26.16 12.65 52.41
C ASP C 306 25.98 11.15 52.41
N ASP C 307 25.41 10.61 53.49
CA ASP C 307 25.15 9.18 53.56
C ASP C 307 24.24 8.75 52.42
N VAL C 308 23.22 9.57 52.17
CA VAL C 308 22.30 9.37 51.06
C VAL C 308 22.99 9.60 49.72
N ARG C 309 23.77 10.65 49.65
CA ARG C 309 24.52 10.99 48.43
C ARG C 309 25.44 9.83 48.02
N ASN C 310 26.18 9.29 48.99
CA ASN C 310 27.06 8.15 48.76
C ASN C 310 26.30 6.90 48.28
N TYR C 311 25.14 6.63 48.87
CA TYR C 311 24.39 5.44 48.50
C TYR C 311 23.85 5.53 47.05
N LEU C 312 23.46 6.74 46.66
CA LEU C 312 23.03 7.00 45.28
C LEU C 312 24.16 6.87 44.30
N TRP C 313 25.28 7.49 44.62
CA TRP C 313 26.47 7.43 43.73
C TRP C 313 26.93 6.01 43.57
N ASP C 314 27.00 5.26 44.68
CA ASP C 314 27.32 3.85 44.59
C ASP C 314 26.33 3.09 43.66
N THR C 315 25.04 3.36 43.78
CA THR C 315 24.04 2.72 42.93
C THR C 315 24.26 3.02 41.45
N LEU C 316 24.47 4.29 41.12
CA LEU C 316 24.74 4.72 39.73
C LEU C 316 26.05 4.18 39.19
N LYS C 317 27.10 4.21 40.01
CA LYS C 317 28.39 3.65 39.59
C LYS C 317 28.36 2.13 39.41
N SER C 318 27.43 1.43 40.06
CA SER C 318 27.22 -0.02 39.80
C SER C 318 26.48 -0.32 38.49
N GLY C 319 26.14 0.72 37.74
CA GLY C 319 25.47 0.61 36.46
C GLY C 319 24.00 0.35 36.62
N ARG C 320 23.40 0.78 37.74
CA ARG C 320 22.01 0.56 38.00
C ARG C 320 21.25 1.87 38.06
N VAL C 321 19.93 1.78 37.86
CA VAL C 321 19.07 2.96 38.00
C VAL C 321 18.73 3.18 39.46
N VAL C 322 18.45 4.44 39.77
CA VAL C 322 17.89 4.83 41.04
C VAL C 322 16.38 4.77 40.79
N PRO C 323 15.70 3.77 41.36
CA PRO C 323 14.30 3.63 41.02
C PRO C 323 13.42 4.76 41.55
N GLY C 324 12.36 5.03 40.80
CA GLY C 324 11.41 6.09 41.07
C GLY C 324 11.79 7.48 40.57
N TYR C 325 12.87 7.56 39.79
CA TYR C 325 13.33 8.82 39.19
C TYR C 325 13.47 8.56 37.72
N GLY C 326 13.01 9.52 36.91
CA GLY C 326 13.01 9.38 35.45
C GLY C 326 11.63 9.08 34.92
N HIS C 327 11.47 9.20 33.61
CA HIS C 327 10.20 8.91 32.94
C HIS C 327 10.44 8.99 31.45
N GLY C 328 9.73 8.16 30.70
CA GLY C 328 9.77 8.19 29.23
C GLY C 328 9.28 9.50 28.60
N VAL C 329 8.37 10.20 29.28
CA VAL C 329 7.83 11.46 28.78
C VAL C 329 8.13 12.69 29.68
N LEU C 330 7.83 12.58 30.98
CA LEU C 330 7.92 13.71 31.92
C LEU C 330 9.34 14.28 32.04
N ARG C 331 9.40 15.60 32.11
CA ARG C 331 10.64 16.32 32.34
C ARG C 331 10.60 17.15 33.63
N LYS C 332 9.50 17.06 34.39
CA LYS C 332 9.34 17.78 35.66
C LYS C 332 8.97 16.78 36.78
N PRO C 333 9.03 17.19 38.06
CA PRO C 333 8.47 16.28 39.08
C PRO C 333 6.99 15.98 38.84
N ASP C 334 6.66 14.73 39.02
CA ASP C 334 5.36 14.18 38.68
C ASP C 334 4.32 14.74 39.67
N PRO C 335 3.22 15.34 39.18
CA PRO C 335 2.21 15.82 40.13
C PRO C 335 1.55 14.69 40.93
N ARG C 336 1.55 13.47 40.39
CA ARG C 336 1.11 12.31 41.15
C ARG C 336 2.03 12.08 42.37
N PHE C 337 3.32 12.21 42.14
CA PHE C 337 4.28 12.12 43.23
C PHE C 337 4.02 13.20 44.27
N GLN C 338 3.81 14.43 43.81
CA GLN C 338 3.61 15.54 44.72
C GLN C 338 2.34 15.35 45.56
N ALA C 339 1.28 14.85 44.91
CA ALA C 339 0.01 14.56 45.58
C ALA C 339 0.15 13.54 46.73
N LEU C 340 1.01 12.54 46.52
CA LEU C 340 1.25 11.54 47.55
C LEU C 340 2.11 12.09 48.65
N MET C 341 3.07 12.94 48.32
CA MET C 341 3.85 13.59 49.38
C MET C 341 3.00 14.54 50.24
N ASP C 342 2.01 15.16 49.61
CA ASP C 342 1.13 16.11 50.29
C ASP C 342 0.09 15.38 51.14
N PHE C 343 -0.21 14.16 50.76
CA PHE C 343 -1.01 13.29 51.60
C PHE C 343 -0.28 13.03 52.92
N ALA C 344 1.03 12.83 52.83
CA ALA C 344 1.87 12.61 54.00
C ALA C 344 2.04 13.86 54.86
N ALA C 345 2.02 15.02 54.22
CA ALA C 345 2.22 16.30 54.87
C ALA C 345 1.24 16.63 55.98
N THR C 346 0.03 16.09 55.93
CA THR C 346 -0.95 16.40 56.97
C THR C 346 -1.02 15.27 57.98
N ARG C 347 -0.13 14.30 57.87
CA ARG C 347 -0.15 13.15 58.77
C ARG C 347 1.16 13.07 59.51
N PRO C 348 1.17 13.58 60.76
CA PRO C 348 2.43 13.64 61.52
C PRO C 348 3.09 12.29 61.82
N ASP C 349 2.30 11.22 61.95
CA ASP C 349 2.88 9.91 62.19
C ASP C 349 3.64 9.40 60.97
N VAL C 350 3.16 9.75 59.77
CA VAL C 350 3.84 9.38 58.53
C VAL C 350 5.14 10.18 58.38
N LEU C 351 5.12 11.48 58.66
CA LEU C 351 6.32 12.30 58.55
C LEU C 351 7.39 11.87 59.54
N ALA C 352 6.95 11.32 60.67
CA ALA C 352 7.84 10.78 61.69
C ALA C 352 8.43 9.41 61.33
N ASN C 353 7.82 8.70 60.38
CA ASN C 353 8.34 7.39 59.94
C ASN C 353 9.67 7.59 59.25
N PRO C 354 10.75 6.95 59.79
CA PRO C 354 12.11 7.11 59.23
C PRO C 354 12.23 6.68 57.78
N VAL C 355 11.42 5.71 57.37
CA VAL C 355 11.45 5.26 56.00
C VAL C 355 10.85 6.34 55.12
N PHE C 356 9.75 6.95 55.53
CA PHE C 356 9.21 8.05 54.73
C PHE C 356 10.18 9.24 54.64
N GLN C 357 10.79 9.58 55.77
CA GLN C 357 11.80 10.66 55.84
C GLN C 357 12.94 10.40 54.89
N LEU C 358 13.30 9.14 54.72
CA LEU C 358 14.36 8.76 53.84
C LEU C 358 13.96 8.93 52.38
N VAL C 359 12.71 8.59 52.07
CA VAL C 359 12.16 8.85 50.74
C VAL C 359 12.17 10.37 50.47
N LYS C 360 11.72 11.16 51.44
CA LYS C 360 11.68 12.61 51.29
C LYS C 360 13.07 13.19 51.10
N LYS C 361 13.99 12.72 51.90
CA LYS C 361 15.35 13.19 51.84
C LYS C 361 16.00 12.81 50.54
N ASN C 362 15.72 11.60 50.10
CA ASN C 362 16.22 11.12 48.81
C ASN C 362 15.73 11.94 47.63
N SER C 363 14.49 12.45 47.70
CA SER C 363 13.94 13.30 46.65
C SER C 363 14.60 14.67 46.59
N GLU C 364 15.17 15.11 47.70
CA GLU C 364 15.93 16.35 47.75
C GLU C 364 17.34 16.20 47.20
N ILE C 365 17.88 14.98 47.20
CA ILE C 365 19.27 14.75 46.81
C ILE C 365 19.44 14.03 45.49
N ALA C 366 18.55 13.08 45.20
CA ALA C 366 18.67 12.27 44.00
C ALA C 366 18.73 13.06 42.71
N PRO C 367 17.85 14.08 42.52
CA PRO C 367 17.91 14.80 41.23
C PRO C 367 19.26 15.44 40.88
N ALA C 368 19.94 16.01 41.86
CA ALA C 368 21.23 16.67 41.62
C ALA C 368 22.25 15.65 41.21
N VAL C 369 22.31 14.57 42.00
CA VAL C 369 23.20 13.43 41.76
C VAL C 369 22.92 12.86 40.39
N LEU C 370 21.66 12.58 40.07
CA LEU C 370 21.31 12.05 38.74
C LEU C 370 21.77 12.97 37.61
N THR C 371 21.60 14.28 37.81
CA THR C 371 22.05 15.26 36.84
C THR C 371 23.58 15.26 36.71
N GLU C 372 24.29 15.21 37.82
CA GLU C 372 25.75 15.14 37.79
C GLU C 372 26.26 13.92 37.05
N HIS C 373 25.58 12.78 37.26
CA HIS C 373 25.88 11.53 36.56
C HIS C 373 25.65 11.74 35.06
N GLY C 374 24.60 12.45 34.73
CA GLY C 374 24.37 12.98 33.40
C GLY C 374 23.77 12.05 32.39
N LYS C 375 23.49 10.79 32.75
CA LYS C 375 22.95 9.83 31.79
C LYS C 375 21.47 10.06 31.53
N THR C 376 20.73 10.33 32.58
CA THR C 376 19.27 10.50 32.47
C THR C 376 18.79 11.84 31.87
N LYS C 377 17.70 11.74 31.11
CA LYS C 377 17.01 12.89 30.53
C LYS C 377 16.17 13.63 31.57
N ASN C 378 15.67 12.86 32.54
CA ASN C 378 14.74 13.34 33.58
C ASN C 378 15.20 12.93 34.99
N PRO C 379 15.82 13.86 35.72
CA PRO C 379 16.32 13.52 37.04
C PRO C 379 15.26 13.54 38.15
N HIS C 380 14.03 13.85 37.82
CA HIS C 380 12.96 14.07 38.80
C HIS C 380 12.20 12.83 39.21
N PRO C 381 11.62 12.86 40.42
CA PRO C 381 10.91 11.71 40.93
C PRO C 381 9.58 11.49 40.21
N ASN C 382 9.23 10.22 40.04
CA ASN C 382 7.93 9.85 39.49
C ASN C 382 7.11 9.31 40.65
N VAL C 383 5.86 8.94 40.39
CA VAL C 383 4.93 8.52 41.44
C VAL C 383 5.40 7.26 42.17
N ASP C 384 6.10 6.37 41.51
CA ASP C 384 6.57 5.14 42.17
C ASP C 384 7.55 5.40 43.34
N ALA C 385 8.20 6.58 43.35
CA ALA C 385 9.13 6.92 44.40
C ALA C 385 8.48 7.02 45.76
N ALA C 386 7.22 7.44 45.76
CA ALA C 386 6.52 7.71 46.98
C ALA C 386 5.45 6.68 47.37
N SER C 387 4.88 5.96 46.39
CA SER C 387 3.70 5.14 46.67
C SER C 387 3.93 4.00 47.66
N GLY C 388 5.04 3.29 47.48
CA GLY C 388 5.33 2.12 48.30
C GLY C 388 5.55 2.41 49.76
N VAL C 389 6.31 3.48 50.04
CA VAL C 389 6.60 3.77 51.45
C VAL C 389 5.30 4.04 52.21
N LEU C 390 4.29 4.59 51.52
CA LEU C 390 3.05 4.93 52.17
C LEU C 390 2.25 3.70 52.54
N PHE C 391 2.19 2.71 51.66
CA PHE C 391 1.57 1.44 52.01
C PHE C 391 2.28 0.72 53.14
N TYR C 392 3.61 0.79 53.11
CA TYR C 392 4.45 0.21 54.13
C TYR C 392 4.12 0.79 55.48
N HIS C 393 3.97 2.11 55.53
CA HIS C 393 3.60 2.79 56.77
C HIS C 393 2.28 2.25 57.36
N TYR C 394 1.30 1.93 56.51
CA TYR C 394 0.00 1.41 56.98
C TYR C 394 -0.04 -0.11 57.13
N GLY C 395 1.12 -0.76 57.06
CA GLY C 395 1.21 -2.18 57.36
C GLY C 395 1.23 -3.11 56.17
N PHE C 396 1.37 -2.59 54.95
CA PHE C 396 1.51 -3.42 53.77
C PHE C 396 2.96 -3.45 53.45
N GLN C 397 3.62 -4.43 54.05
CA GLN C 397 5.05 -4.45 54.06
C GLN C 397 5.66 -5.54 53.22
N GLN C 398 4.85 -6.17 52.36
CA GLN C 398 5.36 -7.07 51.33
C GLN C 398 5.27 -6.27 50.02
N PRO C 399 6.38 -5.67 49.55
CA PRO C 399 6.46 -4.88 48.29
C PRO C 399 6.12 -5.67 47.01
N LEU C 400 6.27 -6.98 47.08
CA LEU C 400 5.87 -7.89 46.02
C LEU C 400 4.40 -7.75 45.59
N TYR C 401 3.52 -7.36 46.51
CA TYR C 401 2.09 -7.14 46.24
C TYR C 401 1.70 -5.73 45.79
N TYR C 402 2.63 -4.79 45.77
CA TYR C 402 2.30 -3.42 45.41
C TYR C 402 1.90 -3.25 43.97
N THR C 403 2.42 -4.03 43.05
CA THR C 403 1.94 -3.94 41.67
C THR C 403 0.51 -4.46 41.51
N VAL C 404 0.10 -5.34 42.43
CA VAL C 404 -1.29 -5.83 42.42
C VAL C 404 -2.29 -4.68 42.65
N THR C 405 -1.98 -3.79 43.58
CA THR C 405 -2.86 -2.64 43.85
C THR C 405 -2.84 -1.71 42.66
N PHE C 406 -1.71 -1.60 41.96
CA PHE C 406 -1.60 -0.82 40.74
C PHE C 406 -2.58 -1.42 39.70
N GLY C 407 -2.60 -2.74 39.63
CA GLY C 407 -3.48 -3.43 38.70
C GLY C 407 -4.95 -3.09 38.94
N VAL C 408 -5.32 -2.87 40.19
CA VAL C 408 -6.69 -2.50 40.48
C VAL C 408 -6.95 -1.11 39.93
N SER C 409 -6.06 -0.19 40.24
CA SER C 409 -6.13 1.17 39.73
C SER C 409 -6.15 1.25 38.22
N ARG C 410 -5.24 0.54 37.58
CA ARG C 410 -4.99 0.73 36.15
C ARG C 410 -6.06 0.07 35.28
N ALA C 411 -7.04 -0.56 35.90
CA ALA C 411 -8.24 -0.96 35.19
C ALA C 411 -9.04 0.23 34.70
N LEU C 412 -8.97 1.34 35.44
CA LEU C 412 -9.88 2.45 35.24
C LEU C 412 -9.77 3.08 33.88
N GLY C 413 -8.59 3.60 33.54
CA GLY C 413 -8.44 4.37 32.32
C GLY C 413 -8.59 3.58 31.05
N PRO C 414 -7.96 2.42 30.99
CA PRO C 414 -8.00 1.53 29.85
C PRO C 414 -9.35 0.94 29.59
N LEU C 415 -10.13 0.60 30.63
CA LEU C 415 -11.50 0.14 30.42
C LEU C 415 -12.34 1.26 29.85
N VAL C 416 -12.14 2.46 30.35
CA VAL C 416 -12.76 3.64 29.75
C VAL C 416 -12.45 3.73 28.28
N GLN C 417 -11.19 3.62 27.93
CA GLN C 417 -10.77 3.77 26.55
C GLN C 417 -11.39 2.68 25.68
N LEU C 418 -11.44 1.44 26.16
CA LEU C 418 -12.11 0.36 25.42
C LEU C 418 -13.55 0.67 25.10
N ILE C 419 -14.27 1.23 26.06
CA ILE C 419 -15.66 1.57 25.84
C ILE C 419 -15.71 2.58 24.70
N TRP C 420 -14.87 3.60 24.78
CA TRP C 420 -14.79 4.59 23.71
C TRP C 420 -14.35 3.99 22.39
N ASP C 421 -13.41 3.05 22.41
CA ASP C 421 -12.99 2.42 21.17
C ASP C 421 -14.17 1.74 20.46
N ARG C 422 -15.02 1.08 21.24
CA ARG C 422 -16.16 0.34 20.69
C ARG C 422 -17.29 1.28 20.25
N ALA C 423 -17.48 2.36 21.00
CA ALA C 423 -18.43 3.41 20.68
C ALA C 423 -18.06 4.14 19.39
N LEU C 424 -16.78 4.43 19.20
CA LEU C 424 -16.34 5.07 17.98
C LEU C 424 -16.23 4.15 16.78
N GLY C 425 -16.20 2.84 17.01
CA GLY C 425 -15.98 1.90 15.94
C GLY C 425 -14.54 1.85 15.48
N LEU C 426 -13.58 2.18 16.36
CA LEU C 426 -12.17 2.08 16.00
C LEU C 426 -11.83 0.66 15.58
N PRO C 427 -10.95 0.54 14.59
CA PRO C 427 -10.59 -0.75 14.04
C PRO C 427 -9.48 -1.41 14.83
N ILE C 428 -9.12 -2.59 14.36
CA ILE C 428 -8.00 -3.34 14.88
C ILE C 428 -6.71 -2.56 14.76
N GLU C 429 -5.85 -2.69 15.75
CA GLU C 429 -4.51 -2.13 15.71
C GLU C 429 -3.61 -3.11 14.99
N ARG C 430 -3.06 -2.67 13.86
CA ARG C 430 -2.32 -3.54 12.97
C ARG C 430 -1.30 -2.71 12.16
N PRO C 431 -0.17 -2.37 12.80
CA PRO C 431 0.89 -1.66 12.11
C PRO C 431 1.64 -2.52 11.13
N LYS C 432 2.52 -1.89 10.37
CA LYS C 432 3.38 -2.58 9.46
C LYS C 432 4.70 -2.71 10.20
N SER C 433 5.33 -3.87 10.08
CA SER C 433 6.68 -4.06 10.65
C SER C 433 7.72 -4.05 9.55
N ILE C 434 8.98 -4.03 9.94
CA ILE C 434 10.08 -4.17 8.97
C ILE C 434 11.33 -4.75 9.65
N ASN C 435 12.13 -5.48 8.89
CA ASN C 435 13.37 -6.04 9.41
C ASN C 435 14.50 -5.04 9.28
N LEU C 436 15.65 -5.34 9.89
CA LEU C 436 16.83 -4.48 9.86
C LEU C 436 17.41 -4.34 8.45
N LEU C 437 17.44 -5.44 7.72
CA LEU C 437 17.84 -5.43 6.32
C LEU C 437 16.96 -4.49 5.46
N GLY C 438 15.67 -4.43 5.78
CA GLY C 438 14.77 -3.48 5.15
C GLY C 438 15.04 -2.04 5.49
N LEU C 439 15.51 -1.79 6.70
CA LEU C 439 15.91 -0.44 7.14
C LEU C 439 17.26 0.00 6.56
N LYS C 440 18.13 -0.97 6.34
CA LYS C 440 19.46 -0.76 5.80
C LYS C 440 19.43 -0.34 4.33
N LYS C 441 18.53 -0.95 3.53
CA LYS C 441 18.41 -0.67 2.10
C LYS C 441 17.86 0.72 1.86
N ALA D 7 12.29 -28.32 -11.81
CA ALA D 7 11.65 -27.09 -12.39
C ALA D 7 12.61 -26.35 -13.33
N GLU D 8 12.11 -26.05 -14.53
CA GLU D 8 12.91 -25.46 -15.60
C GLU D 8 13.04 -23.96 -15.35
N PRO D 9 13.98 -23.28 -16.05
CA PRO D 9 14.14 -21.85 -15.76
C PRO D 9 12.86 -21.06 -16.00
N ASP D 10 12.51 -20.19 -15.06
CA ASP D 10 11.38 -19.26 -15.21
C ASP D 10 11.72 -18.17 -16.20
N LEU D 11 10.71 -17.37 -16.55
CA LEU D 11 10.87 -16.39 -17.62
C LEU D 11 11.97 -15.39 -17.31
N LYS D 12 12.02 -14.93 -16.07
CA LYS D 12 13.01 -13.92 -15.72
C LYS D 12 14.41 -14.50 -15.86
N THR D 13 14.59 -15.76 -15.45
CA THR D 13 15.89 -16.41 -15.51
C THR D 13 16.28 -16.64 -16.98
N ALA D 14 15.29 -17.02 -17.80
CA ALA D 14 15.49 -17.19 -19.24
C ALA D 14 15.93 -15.89 -19.89
N LEU D 15 15.36 -14.78 -19.45
CA LEU D 15 15.76 -13.47 -19.95
C LEU D 15 17.20 -13.15 -19.60
N LYS D 16 17.55 -13.31 -18.34
CA LYS D 16 18.89 -13.00 -17.83
C LYS D 16 20.02 -13.69 -18.57
N ALA D 17 19.75 -14.88 -19.07
CA ALA D 17 20.72 -15.65 -19.83
C ALA D 17 21.02 -15.03 -21.19
N VAL D 18 20.00 -14.42 -21.80
CA VAL D 18 20.15 -13.79 -23.11
C VAL D 18 20.53 -12.33 -23.05
N ILE D 19 20.40 -11.70 -21.88
CA ILE D 19 20.74 -10.27 -21.77
C ILE D 19 22.20 -9.91 -22.13
N PRO D 20 23.18 -10.64 -21.56
CA PRO D 20 24.58 -10.24 -21.84
C PRO D 20 24.93 -10.34 -23.32
N ALA D 21 24.43 -11.37 -23.99
CA ALA D 21 24.67 -11.54 -25.44
C ALA D 21 24.09 -10.37 -26.25
N LYS D 22 22.89 -9.93 -25.89
CA LYS D 22 22.28 -8.81 -26.57
C LYS D 22 23.09 -7.54 -26.32
N ARG D 23 23.56 -7.35 -25.09
CA ARG D 23 24.36 -6.18 -24.76
C ARG D 23 25.69 -6.15 -25.51
N GLU D 24 26.29 -7.32 -25.73
CA GLU D 24 27.52 -7.39 -26.48
C GLU D 24 27.32 -7.00 -27.92
N LEU D 25 26.22 -7.49 -28.49
CA LEU D 25 25.81 -7.13 -29.85
C LEU D 25 25.52 -5.64 -29.97
N PHE D 26 24.86 -5.08 -28.96
CA PHE D 26 24.62 -3.65 -28.91
C PHE D 26 25.93 -2.85 -28.92
N LYS D 27 26.89 -3.30 -28.12
CA LYS D 27 28.22 -2.71 -28.11
C LYS D 27 28.89 -2.74 -29.48
N GLN D 28 28.70 -3.83 -30.21
CA GLN D 28 29.29 -3.96 -31.56
C GLN D 28 28.62 -3.08 -32.61
N VAL D 29 27.29 -3.05 -32.59
CA VAL D 29 26.52 -2.17 -33.47
C VAL D 29 26.85 -0.71 -33.18
N LYS D 30 27.09 -0.40 -31.91
CA LYS D 30 27.43 0.95 -31.48
C LYS D 30 28.78 1.42 -32.00
N GLU D 31 29.73 0.52 -32.15
CA GLU D 31 31.02 0.91 -32.73
C GLU D 31 30.85 1.45 -34.13
N ARG D 32 29.81 0.99 -34.83
CA ARG D 32 29.51 1.45 -36.19
C ARG D 32 28.42 2.53 -36.26
N SER D 33 28.30 3.32 -35.19
CA SER D 33 27.36 4.43 -35.07
C SER D 33 27.41 5.40 -36.21
N ASP D 34 28.63 5.70 -36.64
CA ASP D 34 28.83 6.68 -37.69
C ASP D 34 28.51 6.20 -39.10
N GLU D 35 28.23 4.91 -39.27
CA GLU D 35 27.86 4.41 -40.60
C GLU D 35 26.50 4.87 -41.08
N VAL D 36 26.48 5.28 -42.33
CA VAL D 36 25.30 5.77 -42.99
C VAL D 36 24.47 4.60 -43.46
N ILE D 37 23.22 4.54 -43.01
CA ILE D 37 22.30 3.48 -43.40
C ILE D 37 21.13 3.95 -44.25
N GLY D 38 21.05 5.25 -44.55
CA GLY D 38 19.90 5.78 -45.29
C GLY D 38 19.98 7.27 -45.54
N GLU D 39 18.91 7.78 -46.15
CA GLU D 39 18.71 9.21 -46.35
C GLU D 39 17.42 9.68 -45.72
N VAL D 40 17.44 10.92 -45.26
CA VAL D 40 16.24 11.65 -44.95
C VAL D 40 15.88 12.51 -46.14
N LYS D 41 14.62 12.46 -46.53
CA LYS D 41 14.11 13.36 -47.55
C LYS D 41 12.98 14.20 -46.96
N VAL D 42 12.52 15.16 -47.74
CA VAL D 42 11.37 15.98 -47.38
C VAL D 42 10.13 15.09 -47.16
N ALA D 43 9.96 14.07 -47.98
CA ALA D 43 8.83 13.15 -47.87
C ALA D 43 8.79 12.53 -46.49
N ASN D 44 9.96 12.17 -45.97
CA ASN D 44 10.05 11.58 -44.64
C ASN D 44 9.53 12.53 -43.57
N VAL D 45 9.83 13.81 -43.69
CA VAL D 45 9.45 14.77 -42.68
C VAL D 45 7.96 15.02 -42.76
N ILE D 46 7.43 15.25 -43.97
CA ILE D 46 6.02 15.56 -44.09
C ILE D 46 5.11 14.35 -44.09
N GLY D 47 5.66 13.17 -44.34
CA GLY D 47 4.86 11.97 -44.51
C GLY D 47 4.96 11.02 -43.33
N GLY D 48 5.08 11.59 -42.12
CA GLY D 48 5.01 10.80 -40.90
C GLY D 48 6.12 9.79 -40.75
N MET D 49 7.32 10.15 -41.20
CA MET D 49 8.54 9.33 -41.14
C MET D 49 8.41 8.01 -41.87
N ARG D 50 7.62 7.97 -42.95
CA ARG D 50 7.41 6.73 -43.65
C ARG D 50 8.67 6.35 -44.41
N GLY D 51 9.08 5.09 -44.22
CA GLY D 51 10.24 4.54 -44.93
C GLY D 51 11.56 4.84 -44.24
N LEU D 52 11.52 5.56 -43.14
CA LEU D 52 12.70 5.99 -42.44
C LEU D 52 13.05 4.99 -41.36
N LYS D 53 14.18 4.31 -41.53
CA LYS D 53 14.72 3.37 -40.55
C LYS D 53 15.24 4.19 -39.38
N SER D 54 14.41 4.35 -38.35
CA SER D 54 14.80 5.24 -37.28
C SER D 54 14.60 4.70 -35.90
N MET D 55 14.21 3.45 -35.75
CA MET D 55 14.05 2.94 -34.39
C MET D 55 14.39 1.50 -34.25
N LEU D 56 14.64 1.11 -33.02
CA LEU D 56 15.09 -0.21 -32.67
C LEU D 56 13.90 -1.00 -32.14
N TRP D 57 13.63 -2.16 -32.75
CA TRP D 57 12.60 -3.08 -32.24
C TRP D 57 13.13 -4.48 -32.46
N GLU D 58 13.22 -5.25 -31.38
CA GLU D 58 14.00 -6.51 -31.38
C GLU D 58 13.21 -7.76 -31.72
N GLY D 59 11.98 -7.85 -31.20
CA GLY D 59 11.27 -9.14 -31.20
C GLY D 59 10.56 -9.50 -32.50
N SER D 60 10.30 -8.50 -33.33
CA SER D 60 9.63 -8.73 -34.58
C SER D 60 10.17 -7.80 -35.67
N VAL D 61 10.24 -8.35 -36.88
CA VAL D 61 10.71 -7.68 -38.08
C VAL D 61 9.74 -8.04 -39.20
N LEU D 62 9.43 -7.10 -40.09
CA LEU D 62 8.47 -7.35 -41.16
C LEU D 62 9.12 -7.65 -42.51
N ASP D 63 8.84 -8.82 -43.05
CA ASP D 63 9.40 -9.30 -44.30
C ASP D 63 8.41 -8.97 -45.44
N PRO D 64 8.86 -8.28 -46.49
CA PRO D 64 7.92 -7.91 -47.58
C PRO D 64 7.26 -9.09 -48.29
N GLU D 65 8.02 -10.17 -48.53
CA GLU D 65 7.50 -11.38 -49.17
C GLU D 65 6.64 -12.18 -48.19
N GLU D 66 7.10 -12.31 -46.96
CA GLU D 66 6.54 -13.29 -46.01
C GLU D 66 5.67 -12.73 -44.88
N GLY D 67 5.59 -11.40 -44.76
CA GLY D 67 4.90 -10.76 -43.64
C GLY D 67 5.68 -10.81 -42.36
N ILE D 68 5.04 -10.57 -41.22
CA ILE D 68 5.76 -10.47 -39.95
C ILE D 68 6.47 -11.77 -39.56
N ARG D 69 7.65 -11.66 -38.95
CA ARG D 69 8.33 -12.83 -38.40
C ARG D 69 8.72 -12.45 -36.99
N PHE D 70 8.54 -13.40 -36.06
CA PHE D 70 8.94 -13.19 -34.68
C PHE D 70 10.23 -13.93 -34.43
N HIS D 71 11.32 -13.18 -34.24
CA HIS D 71 12.67 -13.76 -34.15
C HIS D 71 12.96 -14.68 -35.31
N GLY D 72 12.62 -14.22 -36.51
CA GLY D 72 12.86 -15.01 -37.71
C GLY D 72 11.87 -16.13 -38.01
N LYS D 73 10.92 -16.37 -37.10
CA LYS D 73 9.91 -17.43 -37.27
C LYS D 73 8.60 -16.89 -37.80
N THR D 74 8.03 -17.61 -38.77
CA THR D 74 6.76 -17.23 -39.35
C THR D 74 5.65 -17.55 -38.38
N ILE D 75 4.48 -17.02 -38.68
CA ILE D 75 3.27 -17.31 -37.91
C ILE D 75 3.03 -18.81 -37.86
N LYS D 76 3.12 -19.47 -39.00
CA LYS D 76 2.93 -20.91 -39.04
C LYS D 76 3.96 -21.66 -38.23
N ASP D 77 5.21 -21.20 -38.26
CA ASP D 77 6.26 -21.74 -37.40
C ASP D 77 5.86 -21.59 -35.95
N CYS D 78 5.29 -20.43 -35.58
CA CYS D 78 4.91 -20.19 -34.19
C CYS D 78 3.71 -21.04 -33.81
N GLN D 79 2.78 -21.18 -34.75
CA GLN D 79 1.58 -21.98 -34.53
C GLN D 79 1.95 -23.43 -34.23
N LYS D 80 2.92 -23.96 -34.97
CA LYS D 80 3.43 -25.34 -34.75
C LYS D 80 4.27 -25.47 -33.47
N GLU D 81 5.17 -24.54 -33.24
CA GLU D 81 6.19 -24.69 -32.20
C GLU D 81 5.76 -24.18 -30.83
N LEU D 82 4.96 -23.13 -30.76
CA LEU D 82 4.62 -22.57 -29.45
C LEU D 82 3.68 -23.50 -28.72
N PRO D 83 3.87 -23.66 -27.41
CA PRO D 83 3.01 -24.49 -26.62
C PRO D 83 1.53 -24.14 -26.67
N LYS D 84 0.70 -25.16 -26.52
CA LYS D 84 -0.75 -25.03 -26.53
C LYS D 84 -1.24 -25.07 -25.09
N GLY D 85 -2.54 -24.87 -24.92
CA GLY D 85 -3.17 -24.94 -23.60
C GLY D 85 -3.44 -26.38 -23.19
N THR D 86 -4.04 -26.56 -22.02
CA THR D 86 -4.45 -27.90 -21.57
C THR D 86 -5.53 -28.48 -22.48
N SER D 87 -6.35 -27.60 -23.05
CA SER D 87 -7.25 -27.96 -24.14
C SER D 87 -6.92 -27.11 -25.36
N GLY D 88 -7.22 -27.63 -26.54
CA GLY D 88 -7.19 -26.82 -27.74
C GLY D 88 -5.95 -26.97 -28.58
N THR D 89 -6.02 -26.38 -29.75
CA THR D 89 -5.01 -26.56 -30.77
C THR D 89 -4.23 -25.29 -31.12
N GLU D 90 -4.56 -24.17 -30.52
CA GLU D 90 -3.94 -22.90 -30.89
C GLU D 90 -2.83 -22.46 -29.93
N MET D 91 -1.82 -21.81 -30.52
CA MET D 91 -0.67 -21.29 -29.81
C MET D 91 -1.08 -20.30 -28.74
N LEU D 92 -0.45 -20.36 -27.57
CA LEU D 92 -0.78 -19.44 -26.48
C LEU D 92 -0.06 -18.13 -26.61
N PRO D 93 -0.76 -17.01 -26.35
CA PRO D 93 -0.10 -15.70 -26.32
C PRO D 93 1.00 -15.61 -25.28
N GLU D 94 0.85 -16.27 -24.14
CA GLU D 94 1.89 -16.16 -23.12
C GLU D 94 3.18 -16.80 -23.64
N ALA D 95 3.04 -17.85 -24.43
CA ALA D 95 4.19 -18.46 -25.08
C ALA D 95 4.76 -17.54 -26.17
N MET D 96 3.89 -16.82 -26.86
CA MET D 96 4.35 -15.80 -27.80
C MET D 96 5.14 -14.73 -27.05
N PHE D 97 4.64 -14.30 -25.89
CA PHE D 97 5.34 -13.31 -25.07
C PHE D 97 6.73 -13.81 -24.73
N TRP D 98 6.81 -15.05 -24.27
CA TRP D 98 8.08 -15.68 -23.91
C TRP D 98 9.04 -15.63 -25.07
N LEU D 99 8.55 -16.03 -26.24
CA LEU D 99 9.33 -16.06 -27.46
C LEU D 99 9.81 -14.66 -27.79
N LEU D 100 8.91 -13.70 -27.73
CA LEU D 100 9.27 -12.34 -28.07
C LEU D 100 10.41 -11.87 -27.20
N LEU D 101 10.26 -12.10 -25.90
CA LEU D 101 11.21 -11.65 -24.90
C LEU D 101 12.55 -12.34 -24.96
N THR D 102 12.54 -13.66 -24.97
CA THR D 102 13.78 -14.42 -24.81
C THR D 102 14.44 -14.74 -26.15
N GLY D 103 13.64 -14.78 -27.21
CA GLY D 103 14.12 -15.20 -28.52
C GLY D 103 14.17 -16.71 -28.65
N GLN D 104 13.54 -17.41 -27.72
CA GLN D 104 13.57 -18.86 -27.64
C GLN D 104 12.16 -19.34 -27.45
N VAL D 105 11.85 -20.53 -27.97
CA VAL D 105 10.58 -21.16 -27.72
C VAL D 105 10.60 -21.80 -26.34
N PRO D 106 9.58 -21.51 -25.52
CA PRO D 106 9.43 -22.16 -24.20
C PRO D 106 8.95 -23.58 -24.27
N SER D 107 9.29 -24.39 -23.29
CA SER D 107 8.62 -25.69 -23.12
C SER D 107 7.21 -25.49 -22.60
N THR D 108 6.38 -26.49 -22.79
CA THR D 108 5.03 -26.47 -22.20
C THR D 108 5.09 -26.26 -20.66
N ASN D 109 6.02 -26.92 -19.97
CA ASN D 109 6.19 -26.75 -18.50
C ASN D 109 6.46 -25.31 -18.15
N GLN D 110 7.39 -24.70 -18.88
CA GLN D 110 7.76 -23.33 -18.64
C GLN D 110 6.56 -22.40 -18.82
N VAL D 111 5.79 -22.61 -19.87
CA VAL D 111 4.58 -21.82 -20.09
C VAL D 111 3.51 -22.03 -19.00
N ARG D 112 3.37 -23.26 -18.51
CA ARG D 112 2.38 -23.56 -17.44
C ARG D 112 2.70 -22.80 -16.16
N ALA D 113 4.00 -22.78 -15.83
CA ALA D 113 4.51 -22.04 -14.68
C ALA D 113 4.25 -20.54 -14.87
N PHE D 114 4.46 -20.07 -16.08
CA PHE D 114 4.23 -18.68 -16.42
C PHE D 114 2.74 -18.31 -16.44
N SER D 115 1.90 -19.18 -16.97
CA SER D 115 0.45 -18.98 -16.94
C SER D 115 -0.08 -18.92 -15.50
N ARG D 116 0.50 -19.73 -14.63
CA ARG D 116 0.14 -19.79 -13.23
C ARG D 116 0.48 -18.47 -12.53
N GLU D 117 1.66 -17.90 -12.85
CA GLU D 117 2.06 -16.61 -12.28
C GLU D 117 1.11 -15.51 -12.76
N LEU D 118 0.71 -15.57 -14.02
CA LEU D 118 -0.24 -14.60 -14.57
C LEU D 118 -1.60 -14.66 -13.92
N ALA D 119 -2.05 -15.83 -13.53
CA ALA D 119 -3.33 -15.92 -12.83
C ALA D 119 -3.21 -15.30 -11.45
N GLU D 120 -2.13 -15.65 -10.75
CA GLU D 120 -1.84 -15.14 -9.41
C GLU D 120 -1.76 -13.62 -9.31
N GLN D 121 -1.29 -12.96 -10.38
CA GLN D 121 -1.07 -11.50 -10.35
C GLN D 121 -2.13 -10.67 -11.07
N SER D 122 -3.29 -11.24 -11.31
CA SER D 122 -4.35 -10.57 -12.08
C SER D 122 -5.20 -9.70 -11.21
N HIS D 123 -5.10 -9.84 -9.90
CA HIS D 123 -5.95 -9.06 -9.01
C HIS D 123 -5.60 -7.62 -9.04
N LEU D 124 -6.65 -6.82 -8.85
CA LEU D 124 -6.60 -5.38 -8.96
C LEU D 124 -6.84 -4.76 -7.59
N PRO D 125 -6.20 -3.60 -7.32
CA PRO D 125 -6.55 -2.78 -6.17
C PRO D 125 -8.02 -2.31 -6.23
N GLN D 126 -8.62 -2.12 -5.06
CA GLN D 126 -10.03 -1.71 -4.99
C GLN D 126 -10.28 -0.41 -5.77
N HIS D 127 -9.30 0.50 -5.75
CA HIS D 127 -9.48 1.80 -6.39
C HIS D 127 -9.69 1.70 -7.89
N ILE D 128 -9.07 0.73 -8.55
CA ILE D 128 -9.30 0.53 -9.98
C ILE D 128 -10.75 0.14 -10.23
N LEU D 129 -11.30 -0.70 -9.37
CA LEU D 129 -12.74 -1.03 -9.45
C LEU D 129 -13.63 0.20 -9.29
N ASP D 130 -13.33 1.03 -8.29
CA ASP D 130 -14.08 2.28 -8.07
C ASP D 130 -13.97 3.22 -9.29
N LEU D 131 -12.74 3.33 -9.82
CA LEU D 131 -12.47 4.18 -10.97
C LEU D 131 -13.28 3.74 -12.17
N ILE D 132 -13.28 2.44 -12.44
CA ILE D 132 -14.04 1.93 -13.58
C ILE D 132 -15.53 2.11 -13.39
N LYS D 133 -15.98 1.96 -12.15
CA LYS D 133 -17.38 2.21 -11.80
C LYS D 133 -17.82 3.64 -12.06
N SER D 134 -16.90 4.58 -11.92
CA SER D 134 -17.20 5.99 -12.22
C SER D 134 -17.43 6.31 -13.69
N PHE D 135 -17.02 5.44 -14.62
CA PHE D 135 -17.14 5.78 -16.03
C PHE D 135 -18.61 5.82 -16.43
N PRO D 136 -19.02 6.88 -17.15
CA PRO D 136 -20.37 6.90 -17.66
C PRO D 136 -20.53 5.83 -18.74
N ARG D 137 -21.74 5.29 -18.88
CA ARG D 137 -22.04 4.33 -19.92
C ARG D 137 -21.58 4.70 -21.31
N SER D 138 -21.69 5.97 -21.66
CA SER D 138 -21.31 6.40 -23.01
C SER D 138 -19.80 6.52 -23.26
N MET D 139 -18.98 6.58 -22.21
CA MET D 139 -17.52 6.67 -22.41
C MET D 139 -17.05 5.53 -23.32
N HIS D 140 -16.30 5.91 -24.36
CA HIS D 140 -15.77 4.95 -25.30
C HIS D 140 -14.95 3.86 -24.58
N PRO D 141 -15.06 2.61 -25.03
CA PRO D 141 -14.32 1.54 -24.35
C PRO D 141 -12.81 1.64 -24.36
N MET D 142 -12.24 2.20 -25.41
CA MET D 142 -10.78 2.39 -25.44
C MET D 142 -10.34 3.50 -24.51
N THR D 143 -11.21 4.47 -24.29
CA THR D 143 -10.93 5.50 -23.36
C THR D 143 -10.91 4.89 -21.98
N GLN D 144 -11.85 3.99 -21.70
CA GLN D 144 -11.89 3.27 -20.42
C GLN D 144 -10.63 2.43 -20.18
N LEU D 145 -10.24 1.71 -21.21
CA LEU D 145 -9.13 0.79 -21.09
C LEU D 145 -7.82 1.55 -20.84
N SER D 146 -7.64 2.63 -21.57
CA SER D 146 -6.43 3.40 -21.47
C SER D 146 -6.31 3.97 -20.08
N ILE D 147 -7.41 4.51 -19.58
CA ILE D 147 -7.41 5.14 -18.25
C ILE D 147 -7.06 4.18 -17.12
N ALA D 148 -7.65 3.00 -17.16
CA ALA D 148 -7.50 2.03 -16.10
C ALA D 148 -6.08 1.47 -16.06
N VAL D 149 -5.47 1.34 -17.22
CA VAL D 149 -4.09 0.92 -17.34
C VAL D 149 -3.18 1.99 -16.77
N ALA D 150 -3.39 3.24 -17.15
CA ALA D 150 -2.61 4.30 -16.51
C ALA D 150 -2.83 4.33 -15.00
N ALA D 151 -4.06 4.10 -14.54
CA ALA D 151 -4.35 4.15 -13.07
C ALA D 151 -3.64 3.06 -12.27
N LEU D 152 -3.27 1.98 -12.95
CA LEU D 152 -2.47 0.92 -12.36
C LEU D 152 -1.02 1.27 -12.11
N ASN D 153 -0.59 2.47 -12.49
CA ASN D 153 0.75 2.97 -12.16
C ASN D 153 0.94 3.18 -10.64
N THR D 154 -0.14 3.15 -9.87
CA THR D 154 -0.05 3.07 -8.41
C THR D 154 0.60 1.75 -7.99
N GLU D 155 0.48 0.72 -8.81
CA GLU D 155 1.13 -0.55 -8.54
C GLU D 155 2.54 -0.69 -9.10
N SER D 156 3.12 0.40 -9.63
CA SER D 156 4.37 0.31 -10.31
C SER D 156 5.56 0.21 -9.42
N LYS D 157 6.28 -0.91 -9.53
CA LYS D 157 7.57 -1.04 -8.85
C LYS D 157 8.64 -0.13 -9.48
N PHE D 158 8.59 0.06 -10.80
CA PHE D 158 9.59 0.87 -11.45
C PHE D 158 9.50 2.32 -10.99
N ALA D 159 8.29 2.86 -10.95
CA ALA D 159 8.08 4.25 -10.54
C ALA D 159 8.48 4.43 -9.08
N LYS D 160 8.11 3.51 -8.21
CA LYS D 160 8.47 3.63 -6.81
C LYS D 160 9.94 3.45 -6.61
N ALA D 161 10.56 2.50 -7.31
CA ALA D 161 12.01 2.35 -7.22
C ALA D 161 12.75 3.56 -7.80
N TYR D 162 12.30 4.09 -8.93
CA TYR D 162 12.93 5.26 -9.51
C TYR D 162 12.87 6.47 -8.53
N GLU D 163 11.71 6.65 -7.93
CA GLU D 163 11.45 7.75 -7.02
C GLU D 163 12.29 7.63 -5.74
N LYS D 164 12.55 6.41 -5.29
CA LYS D 164 13.42 6.14 -4.13
C LYS D 164 14.93 6.28 -4.41
N GLY D 165 15.32 6.52 -5.66
CA GLY D 165 16.71 6.47 -6.11
C GLY D 165 17.01 5.06 -6.57
N LEU D 166 17.45 4.91 -7.81
CA LEU D 166 17.70 3.60 -8.42
C LEU D 166 18.76 3.75 -9.51
N SER D 167 19.65 2.76 -9.62
CA SER D 167 20.74 2.81 -10.57
C SER D 167 20.25 2.44 -12.00
N LYS D 168 20.78 3.15 -12.99
CA LYS D 168 20.39 2.90 -14.39
C LYS D 168 20.55 1.47 -14.86
N ALA D 169 21.58 0.80 -14.37
CA ALA D 169 21.87 -0.58 -14.67
C ALA D 169 20.78 -1.53 -14.22
N ASP D 170 20.05 -1.17 -13.18
CA ASP D 170 19.01 -2.02 -12.62
C ASP D 170 17.57 -1.73 -13.09
N TYR D 171 17.42 -0.93 -14.14
CA TYR D 171 16.12 -0.56 -14.64
C TYR D 171 15.25 -1.70 -15.12
N TRP D 172 15.85 -2.67 -15.81
CA TRP D 172 15.04 -3.66 -16.48
C TRP D 172 14.23 -4.56 -15.54
N GLU D 173 14.78 -4.90 -14.38
CA GLU D 173 14.08 -5.82 -13.48
C GLU D 173 12.73 -5.27 -12.99
N PRO D 174 12.71 -4.03 -12.48
CA PRO D 174 11.43 -3.43 -12.12
C PRO D 174 10.51 -3.27 -13.36
N THR D 175 11.11 -2.91 -14.51
CA THR D 175 10.38 -2.82 -15.77
C THR D 175 9.74 -4.16 -16.15
N PHE D 176 10.51 -5.23 -16.01
CA PHE D 176 10.02 -6.57 -16.24
C PHE D 176 8.91 -6.94 -15.24
N ASP D 177 9.11 -6.65 -13.98
CA ASP D 177 8.12 -6.97 -12.95
C ASP D 177 6.81 -6.29 -13.25
N ASP D 178 6.91 -5.03 -13.66
CA ASP D 178 5.74 -4.24 -14.03
C ASP D 178 5.06 -4.76 -15.27
N SER D 179 5.85 -5.20 -16.25
CA SER D 179 5.29 -5.73 -17.50
C SER D 179 4.48 -6.99 -17.28
N ILE D 180 4.97 -7.86 -16.41
CA ILE D 180 4.26 -9.10 -16.06
C ILE D 180 2.98 -8.77 -15.31
N SER D 181 3.07 -7.79 -14.41
CA SER D 181 1.94 -7.34 -13.63
C SER D 181 0.86 -6.77 -14.51
N LEU D 182 1.26 -5.96 -15.48
CA LEU D 182 0.31 -5.36 -16.41
C LEU D 182 -0.35 -6.42 -17.28
N LEU D 183 0.46 -7.36 -17.74
CA LEU D 183 -0.01 -8.46 -18.57
C LEU D 183 -1.03 -9.36 -17.87
N ALA D 184 -0.77 -9.64 -16.60
CA ALA D 184 -1.66 -10.45 -15.77
C ALA D 184 -3.00 -9.78 -15.52
N LYS D 185 -2.94 -8.48 -15.24
CA LYS D 185 -4.11 -7.65 -14.92
C LYS D 185 -4.97 -7.19 -16.11
N ILE D 186 -4.36 -6.96 -17.27
CA ILE D 186 -5.08 -6.27 -18.36
C ILE D 186 -6.31 -7.03 -18.87
N PRO D 187 -6.24 -8.36 -18.95
CA PRO D 187 -7.45 -9.09 -19.38
C PRO D 187 -8.64 -8.81 -18.47
N ARG D 188 -8.40 -8.79 -17.16
CA ARG D 188 -9.45 -8.52 -16.21
C ARG D 188 -9.96 -7.12 -16.37
N VAL D 189 -9.06 -6.17 -16.57
CA VAL D 189 -9.45 -4.80 -16.79
C VAL D 189 -10.35 -4.74 -18.03
N ALA D 190 -9.87 -5.36 -19.10
CA ALA D 190 -10.57 -5.42 -20.37
C ALA D 190 -11.95 -6.02 -20.20
N ALA D 191 -12.06 -7.06 -19.37
CA ALA D 191 -13.37 -7.66 -19.09
C ALA D 191 -14.33 -6.71 -18.34
N LEU D 192 -13.79 -5.89 -17.47
CA LEU D 192 -14.58 -4.86 -16.76
C LEU D 192 -15.16 -3.80 -17.70
N VAL D 193 -14.40 -3.45 -18.74
CA VAL D 193 -14.87 -2.57 -19.79
C VAL D 193 -16.02 -3.21 -20.58
N PHE D 194 -15.87 -4.50 -20.91
CA PHE D 194 -16.92 -5.28 -21.61
C PHE D 194 -18.18 -5.39 -20.78
N ARG D 195 -18.01 -5.49 -19.46
CA ARG D 195 -19.10 -5.82 -18.58
C ARG D 195 -19.24 -4.86 -17.40
N PRO D 196 -19.65 -3.61 -17.71
CA PRO D 196 -19.86 -2.57 -16.72
C PRO D 196 -20.88 -2.92 -15.61
N ASP D 197 -21.85 -3.79 -15.88
CA ASP D 197 -22.80 -4.20 -14.83
C ASP D 197 -22.32 -5.24 -13.82
N GLU D 198 -21.21 -5.88 -14.14
CA GLU D 198 -20.69 -7.02 -13.39
C GLU D 198 -19.28 -6.73 -12.88
N VAL D 199 -19.01 -5.48 -12.57
CA VAL D 199 -17.69 -5.08 -12.09
C VAL D 199 -17.26 -5.75 -10.78
N ASP D 200 -18.15 -5.87 -9.83
CA ASP D 200 -17.80 -6.45 -8.54
C ASP D 200 -17.44 -7.93 -8.66
N GLN D 201 -18.17 -8.66 -9.50
CA GLN D 201 -17.89 -10.07 -9.70
C GLN D 201 -16.63 -10.26 -10.52
N VAL D 202 -16.61 -9.63 -11.69
CA VAL D 202 -15.50 -9.81 -12.61
C VAL D 202 -14.21 -9.26 -12.01
N GLY D 203 -14.30 -8.16 -11.27
CA GLY D 203 -13.13 -7.52 -10.74
C GLY D 203 -12.39 -8.27 -9.67
N THR D 204 -13.11 -9.18 -8.99
CA THR D 204 -12.55 -9.92 -7.87
C THR D 204 -12.48 -11.41 -8.07
N GLN D 205 -13.14 -11.95 -9.10
CA GLN D 205 -13.21 -13.42 -9.25
C GLN D 205 -11.84 -14.07 -9.34
N ALA D 206 -11.69 -15.19 -8.65
CA ALA D 206 -10.38 -15.84 -8.59
C ALA D 206 -10.21 -16.57 -9.89
N LEU D 207 -9.00 -16.56 -10.45
CA LEU D 207 -8.77 -17.26 -11.69
C LEU D 207 -8.28 -18.65 -11.38
N ASP D 208 -8.61 -19.61 -12.26
CA ASP D 208 -8.03 -20.93 -12.18
C ASP D 208 -6.56 -20.74 -12.53
N ALA D 209 -5.66 -21.01 -11.57
CA ALA D 209 -4.23 -20.85 -11.78
C ALA D 209 -3.62 -21.90 -12.75
N SER D 210 -4.36 -23.00 -12.97
CA SER D 210 -3.95 -24.08 -13.85
C SER D 210 -4.43 -23.92 -15.31
N GLN D 211 -4.98 -22.75 -15.63
CA GLN D 211 -5.46 -22.44 -16.97
C GLN D 211 -4.70 -21.28 -17.55
N ASP D 212 -4.70 -21.22 -18.87
CA ASP D 212 -3.95 -20.20 -19.62
C ASP D 212 -4.69 -18.85 -19.61
N TRP D 213 -3.93 -17.83 -19.98
CA TRP D 213 -4.32 -16.42 -19.97
C TRP D 213 -5.63 -16.15 -20.71
N SER D 214 -5.72 -16.73 -21.91
CA SER D 214 -6.82 -16.52 -22.81
C SER D 214 -8.04 -17.22 -22.27
N TYR D 215 -7.85 -18.40 -21.71
CA TYR D 215 -8.94 -19.08 -21.06
C TYR D 215 -9.54 -18.22 -19.95
N ASN D 216 -8.67 -17.71 -19.06
CA ASN D 216 -9.15 -16.93 -17.95
C ASN D 216 -9.78 -15.62 -18.44
N PHE D 217 -9.22 -15.04 -19.50
CA PHE D 217 -9.81 -13.86 -20.11
C PHE D 217 -11.22 -14.18 -20.62
N ALA D 218 -11.40 -15.34 -21.26
CA ALA D 218 -12.73 -15.80 -21.69
C ALA D 218 -13.71 -16.02 -20.52
N GLU D 219 -13.21 -16.58 -19.41
CA GLU D 219 -14.01 -16.83 -18.22
C GLU D 219 -14.54 -15.50 -17.68
N LEU D 220 -13.67 -14.50 -17.63
CA LEU D 220 -14.02 -13.15 -17.15
C LEU D 220 -14.99 -12.48 -18.11
N LEU D 221 -14.87 -12.80 -19.39
CA LEU D 221 -15.81 -12.39 -20.42
C LEU D 221 -17.18 -13.10 -20.36
N GLY D 222 -17.34 -14.11 -19.51
CA GLY D 222 -18.57 -14.91 -19.44
C GLY D 222 -18.60 -16.06 -20.40
N LYS D 223 -17.44 -16.46 -20.92
CA LYS D 223 -17.35 -17.52 -21.97
C LYS D 223 -16.43 -18.64 -21.55
N GLY D 224 -16.52 -19.03 -20.28
CA GLY D 224 -15.71 -20.11 -19.72
C GLY D 224 -16.33 -21.48 -20.03
N GLY D 225 -15.56 -22.53 -19.73
CA GLY D 225 -16.10 -23.89 -19.81
C GLY D 225 -16.07 -24.53 -21.19
N LYS D 226 -16.36 -25.83 -21.20
CA LYS D 226 -16.15 -26.70 -22.36
C LYS D 226 -16.93 -26.26 -23.60
N GLU D 227 -18.15 -25.76 -23.37
CA GLU D 227 -19.03 -25.36 -24.45
C GLU D 227 -18.52 -24.15 -25.24
N ASN D 228 -17.58 -23.42 -24.64
CA ASN D 228 -16.90 -22.31 -25.30
C ASN D 228 -15.45 -22.57 -25.69
N GLN D 229 -15.05 -23.83 -25.76
CA GLN D 229 -13.63 -24.13 -26.01
C GLN D 229 -13.10 -23.73 -27.40
N ASP D 230 -13.98 -23.70 -28.39
CA ASP D 230 -13.57 -23.24 -29.73
C ASP D 230 -13.13 -21.78 -29.68
N PHE D 231 -13.94 -20.96 -29.02
CA PHE D 231 -13.64 -19.55 -28.82
C PHE D 231 -12.37 -19.32 -27.99
N HIS D 232 -12.11 -20.22 -27.04
CA HIS D 232 -10.86 -20.11 -26.29
C HIS D 232 -9.69 -20.17 -27.25
N ASP D 233 -9.78 -21.12 -28.17
CA ASP D 233 -8.78 -21.26 -29.21
C ASP D 233 -8.66 -20.05 -30.13
N LEU D 234 -9.79 -19.45 -30.49
CA LEU D 234 -9.77 -18.24 -31.30
C LEU D 234 -9.10 -17.14 -30.60
N LEU D 235 -9.50 -16.93 -29.35
CA LEU D 235 -8.96 -15.86 -28.55
C LEU D 235 -7.44 -16.00 -28.37
N ARG D 236 -7.01 -17.25 -28.16
CA ARG D 236 -5.61 -17.55 -28.01
C ARG D 236 -4.86 -17.18 -29.26
N LEU D 237 -5.35 -17.65 -30.39
CA LEU D 237 -4.71 -17.36 -31.66
C LEU D 237 -4.70 -15.87 -31.91
N TYR D 238 -5.82 -15.23 -31.62
CA TYR D 238 -5.99 -13.85 -31.98
C TYR D 238 -4.97 -12.95 -31.23
N LEU D 239 -4.91 -13.19 -29.93
CA LEU D 239 -4.02 -12.46 -29.04
C LEU D 239 -2.55 -12.68 -29.39
N ALA D 240 -2.19 -13.90 -29.75
CA ALA D 240 -0.81 -14.20 -30.15
C ALA D 240 -0.42 -13.54 -31.48
N LEU D 241 -1.35 -13.51 -32.42
CA LEU D 241 -1.15 -12.81 -33.72
C LEU D 241 -1.02 -11.28 -33.65
N HIS D 242 -1.67 -10.65 -32.68
CA HIS D 242 -1.68 -9.18 -32.61
C HIS D 242 -0.69 -8.62 -31.61
N GLY D 243 0.09 -9.48 -30.98
CA GLY D 243 1.02 -9.08 -29.95
C GLY D 243 2.02 -8.03 -30.39
N ASP D 244 2.57 -8.21 -31.58
CA ASP D 244 3.66 -7.36 -32.00
C ASP D 244 3.67 -7.27 -33.49
N HIS D 245 3.92 -6.09 -34.02
CA HIS D 245 4.05 -5.91 -35.47
C HIS D 245 5.02 -4.80 -35.72
N GLU D 246 6.29 -5.07 -35.39
CA GLU D 246 7.42 -4.10 -35.49
C GLU D 246 7.29 -2.95 -34.49
N GLY D 247 8.15 -1.93 -34.59
CA GLY D 247 8.10 -0.78 -33.70
C GLY D 247 7.43 0.47 -34.22
N GLY D 248 7.26 0.54 -35.53
CA GLY D 248 6.77 1.75 -36.17
C GLY D 248 5.28 2.01 -36.04
N ASN D 249 4.50 0.99 -35.71
CA ASN D 249 3.07 1.15 -35.50
C ASN D 249 2.81 2.03 -34.30
N VAL D 250 1.72 2.78 -34.37
CA VAL D 250 1.48 3.83 -33.41
C VAL D 250 1.51 3.34 -31.95
N SER D 251 0.92 2.19 -31.69
CA SER D 251 0.71 1.81 -30.29
C SER D 251 2.04 1.36 -29.72
N ALA D 252 2.78 0.56 -30.48
CA ALA D 252 4.13 0.12 -30.09
C ALA D 252 5.05 1.31 -29.87
N HIS D 253 5.06 2.19 -30.85
CA HIS D 253 5.90 3.36 -30.83
C HIS D 253 5.57 4.23 -29.63
N ALA D 254 4.30 4.58 -29.48
CA ALA D 254 3.87 5.40 -28.35
C ALA D 254 4.33 4.77 -27.04
N THR D 255 4.15 3.46 -26.88
CA THR D 255 4.63 2.80 -25.68
C THR D 255 6.13 3.01 -25.47
N HIS D 256 6.89 2.80 -26.54
CA HIS D 256 8.36 3.03 -26.52
C HIS D 256 8.73 4.47 -26.21
N LEU D 257 8.06 5.38 -26.89
CA LEU D 257 8.33 6.81 -26.80
C LEU D 257 8.15 7.28 -25.35
N VAL D 258 6.97 7.05 -24.81
CA VAL D 258 6.70 7.41 -23.41
C VAL D 258 7.60 6.61 -22.43
N GLY D 259 7.85 5.36 -22.74
CA GLY D 259 8.84 4.61 -22.01
C GLY D 259 10.23 5.19 -21.98
N SER D 260 10.66 5.85 -23.06
CA SER D 260 12.05 6.32 -23.18
C SER D 260 12.39 7.46 -22.23
N ALA D 261 11.36 8.14 -21.73
CA ALA D 261 11.54 9.18 -20.71
C ALA D 261 11.53 8.59 -19.28
N LEU D 262 11.46 7.25 -19.21
CA LEU D 262 11.45 6.45 -17.96
C LEU D 262 10.10 6.52 -17.19
N SER D 263 9.03 6.79 -17.91
CA SER D 263 7.68 6.49 -17.44
C SER D 263 7.56 4.99 -17.35
N ASP D 264 6.90 4.54 -16.29
CA ASP D 264 6.72 3.11 -16.09
C ASP D 264 5.85 2.46 -17.18
N PRO D 265 5.86 1.12 -17.22
CA PRO D 265 5.10 0.42 -18.25
C PRO D 265 3.58 0.63 -18.23
N PHE D 266 2.98 0.96 -17.08
CA PHE D 266 1.55 1.24 -17.07
C PHE D 266 1.25 2.54 -17.77
N LEU D 267 1.99 3.57 -17.42
CA LEU D 267 1.86 4.86 -18.11
C LEU D 267 2.23 4.76 -19.58
N SER D 268 3.28 3.99 -19.88
CA SER D 268 3.82 3.92 -21.24
C SER D 268 2.85 3.23 -22.16
N TYR D 269 2.31 2.10 -21.71
CA TYR D 269 1.39 1.33 -22.52
C TYR D 269 0.01 1.92 -22.45
N SER D 270 -0.27 2.74 -21.46
CA SER D 270 -1.49 3.54 -21.53
C SER D 270 -1.46 4.40 -22.77
N ALA D 271 -0.34 5.04 -23.00
CA ALA D 271 -0.15 5.86 -24.19
C ALA D 271 -0.25 5.01 -25.44
N GLY D 272 0.28 3.80 -25.42
CA GLY D 272 0.07 2.83 -26.50
C GLY D 272 -1.41 2.65 -26.84
N LEU D 273 -2.20 2.48 -25.79
CA LEU D 273 -3.62 2.24 -25.91
C LEU D 273 -4.35 3.45 -26.45
N LEU D 274 -3.91 4.62 -26.05
CA LEU D 274 -4.43 5.87 -26.58
C LEU D 274 -4.15 5.96 -28.07
N GLY D 275 -2.98 5.53 -28.51
CA GLY D 275 -2.67 5.46 -29.94
C GLY D 275 -3.49 4.38 -30.64
N LEU D 276 -3.68 3.26 -29.97
CA LEU D 276 -4.52 2.20 -30.48
C LEU D 276 -6.00 2.61 -30.62
N ALA D 277 -6.44 3.56 -29.81
CA ALA D 277 -7.78 4.14 -29.91
C ALA D 277 -8.02 5.02 -31.14
N GLY D 278 -6.98 5.25 -31.92
CA GLY D 278 -7.07 6.09 -33.10
C GLY D 278 -7.73 5.30 -34.21
N PRO D 279 -8.73 5.90 -34.89
CA PRO D 279 -9.36 5.32 -36.07
C PRO D 279 -8.45 4.73 -37.11
N LEU D 280 -7.34 5.40 -37.37
CA LEU D 280 -6.37 4.88 -38.33
C LEU D 280 -5.54 3.73 -37.81
N HIS D 281 -5.56 3.50 -36.50
CA HIS D 281 -4.82 2.39 -35.92
C HIS D 281 -5.75 1.32 -35.39
N GLY D 282 -6.34 1.54 -34.24
CA GLY D 282 -7.03 0.45 -33.50
C GLY D 282 -8.41 0.06 -33.99
N LEU D 283 -9.07 0.97 -34.70
CA LEU D 283 -10.51 0.80 -34.97
C LEU D 283 -10.87 -0.01 -36.23
N ALA D 284 -9.86 -0.48 -36.95
CA ALA D 284 -10.16 -1.10 -38.28
C ALA D 284 -11.02 -2.37 -38.18
N ALA D 285 -10.78 -3.17 -37.14
CA ALA D 285 -11.52 -4.41 -36.97
C ALA D 285 -13.02 -4.12 -36.87
N GLN D 286 -13.34 -3.12 -36.06
CA GLN D 286 -14.70 -2.64 -35.91
C GLN D 286 -15.28 -2.13 -37.22
N GLU D 287 -14.50 -1.33 -37.94
CA GLU D 287 -14.94 -0.72 -39.20
C GLU D 287 -15.28 -1.74 -40.31
N VAL D 288 -14.53 -2.83 -40.29
CA VAL D 288 -14.71 -3.91 -41.23
C VAL D 288 -16.02 -4.58 -41.05
N LEU D 289 -16.31 -4.95 -39.81
CA LEU D 289 -17.50 -5.70 -39.51
C LEU D 289 -18.74 -4.83 -39.77
N ARG D 290 -18.68 -3.55 -39.42
CA ARG D 290 -19.81 -2.68 -39.69
C ARG D 290 -20.05 -2.53 -41.19
N TRP D 291 -18.94 -2.40 -41.93
CA TRP D 291 -18.98 -2.33 -43.37
C TRP D 291 -19.58 -3.64 -43.97
N ILE D 292 -19.15 -4.77 -43.44
CA ILE D 292 -19.66 -6.06 -43.89
C ILE D 292 -21.16 -6.26 -43.57
N LEU D 293 -21.58 -5.83 -42.39
CA LEU D 293 -22.99 -5.96 -42.02
C LEU D 293 -23.86 -5.05 -42.86
N ALA D 294 -23.36 -3.84 -43.16
CA ALA D 294 -24.05 -2.97 -44.10
C ALA D 294 -24.28 -3.64 -45.47
N MET D 295 -23.22 -4.28 -45.98
CA MET D 295 -23.26 -4.98 -47.26
C MET D 295 -24.28 -6.11 -47.23
N GLN D 296 -24.26 -6.84 -46.12
CA GLN D 296 -25.16 -7.97 -45.94
C GLN D 296 -26.60 -7.53 -45.95
N ASP D 297 -26.89 -6.43 -45.28
CA ASP D 297 -28.24 -5.91 -45.25
C ASP D 297 -28.73 -5.57 -46.64
N LYS D 298 -27.85 -5.02 -47.49
CA LYS D 298 -28.25 -4.70 -48.85
C LYS D 298 -28.38 -5.95 -49.73
N ILE D 299 -27.31 -6.75 -49.76
CA ILE D 299 -27.21 -7.87 -50.71
C ILE D 299 -27.89 -9.15 -50.25
N GLY D 300 -27.96 -9.33 -48.95
CA GLY D 300 -28.68 -10.46 -48.34
C GLY D 300 -27.81 -11.68 -48.13
N THR D 301 -28.48 -12.77 -47.78
CA THR D 301 -27.81 -14.03 -47.46
C THR D 301 -27.29 -14.73 -48.70
N LYS D 302 -28.08 -14.71 -49.78
CA LYS D 302 -27.70 -15.34 -51.03
C LYS D 302 -27.36 -14.22 -51.99
N PHE D 303 -26.13 -14.21 -52.48
CA PHE D 303 -25.64 -13.13 -53.31
C PHE D 303 -24.68 -13.66 -54.37
N THR D 304 -24.52 -12.86 -55.40
CA THR D 304 -23.62 -13.17 -56.49
C THR D 304 -22.36 -12.35 -56.27
N ASP D 305 -21.29 -12.75 -56.95
CA ASP D 305 -20.06 -11.97 -57.03
C ASP D 305 -20.31 -10.52 -57.39
N ASP D 306 -21.23 -10.30 -58.34
CA ASP D 306 -21.54 -8.93 -58.78
C ASP D 306 -22.15 -8.07 -57.69
N ASP D 307 -22.97 -8.67 -56.85
CA ASP D 307 -23.57 -7.94 -55.73
C ASP D 307 -22.49 -7.38 -54.83
N VAL D 308 -21.47 -8.20 -54.57
CA VAL D 308 -20.30 -7.79 -53.80
C VAL D 308 -19.45 -6.78 -54.58
N ARG D 309 -19.25 -7.03 -55.86
CA ARG D 309 -18.50 -6.12 -56.72
C ARG D 309 -19.12 -4.72 -56.73
N ASN D 310 -20.44 -4.66 -56.91
CA ASN D 310 -21.18 -3.40 -56.88
C ASN D 310 -21.05 -2.65 -55.54
N TYR D 311 -21.12 -3.39 -54.44
CA TYR D 311 -21.05 -2.75 -53.13
C TYR D 311 -19.66 -2.16 -52.87
N LEU D 312 -18.62 -2.83 -53.35
CA LEU D 312 -17.25 -2.32 -53.25
C LEU D 312 -17.04 -1.12 -54.12
N TRP D 313 -17.49 -1.18 -55.36
CA TRP D 313 -17.34 -0.05 -56.31
C TRP D 313 -18.07 1.16 -55.76
N ASP D 314 -19.31 0.97 -55.29
CA ASP D 314 -20.02 2.05 -54.67
C ASP D 314 -19.22 2.66 -53.48
N THR D 315 -18.64 1.81 -52.63
CA THR D 315 -17.86 2.29 -51.50
C THR D 315 -16.66 3.15 -51.94
N LEU D 316 -15.90 2.64 -52.91
CA LEU D 316 -14.74 3.36 -53.47
C LEU D 316 -15.11 4.64 -54.17
N LYS D 317 -16.18 4.59 -54.96
CA LYS D 317 -16.66 5.81 -55.65
C LYS D 317 -17.21 6.87 -54.69
N SER D 318 -17.64 6.48 -53.49
CA SER D 318 -18.02 7.45 -52.45
C SER D 318 -16.84 8.12 -51.74
N GLY D 319 -15.62 7.77 -52.15
CA GLY D 319 -14.39 8.33 -51.62
C GLY D 319 -14.05 7.74 -50.28
N ARG D 320 -14.44 6.48 -50.06
CA ARG D 320 -14.13 5.79 -48.82
C ARG D 320 -13.25 4.60 -49.08
N VAL D 321 -12.55 4.17 -48.03
CA VAL D 321 -11.74 2.95 -48.10
C VAL D 321 -12.63 1.73 -47.89
N VAL D 322 -12.16 0.61 -48.43
CA VAL D 322 -12.69 -0.69 -48.15
C VAL D 322 -11.88 -1.17 -46.95
N PRO D 323 -12.49 -1.19 -45.76
CA PRO D 323 -11.68 -1.51 -44.59
C PRO D 323 -11.19 -2.96 -44.58
N GLY D 324 -10.03 -3.14 -43.96
CA GLY D 324 -9.34 -4.41 -43.87
C GLY D 324 -8.48 -4.80 -45.06
N TYR D 325 -8.30 -3.87 -46.00
CA TYR D 325 -7.45 -4.07 -47.19
C TYR D 325 -6.48 -2.93 -47.20
N GLY D 326 -5.22 -3.23 -47.51
CA GLY D 326 -4.15 -2.23 -47.52
C GLY D 326 -3.26 -2.34 -46.29
N HIS D 327 -2.12 -1.66 -46.35
CA HIS D 327 -1.17 -1.63 -45.24
C HIS D 327 -0.11 -0.58 -45.51
N GLY D 328 0.46 0.02 -44.47
CA GLY D 328 1.61 0.90 -44.59
C GLY D 328 2.86 0.26 -45.20
N VAL D 329 3.06 -1.02 -44.94
CA VAL D 329 4.25 -1.76 -45.34
C VAL D 329 3.97 -2.96 -46.26
N LEU D 330 3.04 -3.85 -45.86
CA LEU D 330 2.77 -5.11 -46.56
C LEU D 330 2.31 -4.92 -48.00
N ARG D 331 2.82 -5.78 -48.88
CA ARG D 331 2.44 -5.81 -50.27
C ARG D 331 1.83 -7.15 -50.68
N LYS D 332 1.68 -8.08 -49.73
CA LYS D 332 1.07 -9.40 -49.97
C LYS D 332 -0.11 -9.60 -48.98
N PRO D 333 -0.96 -10.63 -49.19
CA PRO D 333 -1.91 -10.95 -48.12
C PRO D 333 -1.21 -11.29 -46.81
N ASP D 334 -1.77 -10.76 -45.73
CA ASP D 334 -1.17 -10.80 -44.41
C ASP D 334 -1.24 -12.23 -43.90
N PRO D 335 -0.10 -12.82 -43.46
CA PRO D 335 -0.18 -14.18 -42.92
C PRO D 335 -1.03 -14.27 -41.63
N ARG D 336 -1.16 -13.15 -40.91
CA ARG D 336 -2.08 -13.12 -39.78
C ARG D 336 -3.53 -13.32 -40.26
N PHE D 337 -3.87 -12.65 -41.36
CA PHE D 337 -5.17 -12.83 -41.98
C PHE D 337 -5.38 -14.29 -42.39
N GLN D 338 -4.38 -14.87 -43.03
CA GLN D 338 -4.49 -16.23 -43.52
C GLN D 338 -4.68 -17.22 -42.36
N ALA D 339 -3.94 -16.99 -41.26
CA ALA D 339 -4.05 -17.81 -40.07
C ALA D 339 -5.47 -17.82 -39.47
N LEU D 340 -6.12 -16.67 -39.50
CA LEU D 340 -7.49 -16.56 -38.99
C LEU D 340 -8.48 -17.21 -39.94
N MET D 341 -8.25 -17.09 -41.24
CA MET D 341 -9.10 -17.80 -42.18
C MET D 341 -8.99 -19.32 -42.06
N ASP D 342 -7.77 -19.78 -41.73
CA ASP D 342 -7.50 -21.21 -41.60
C ASP D 342 -8.03 -21.76 -40.29
N PHE D 343 -8.16 -20.89 -39.30
CA PHE D 343 -8.86 -21.23 -38.09
C PHE D 343 -10.31 -21.56 -38.40
N ALA D 344 -10.91 -20.78 -39.29
CA ALA D 344 -12.28 -20.99 -39.72
C ALA D 344 -12.47 -22.23 -40.58
N ALA D 345 -11.43 -22.56 -41.35
CA ALA D 345 -11.44 -23.68 -42.26
C ALA D 345 -11.74 -25.04 -41.66
N THR D 346 -11.41 -25.24 -40.38
CA THR D 346 -11.65 -26.52 -39.74
C THR D 346 -12.92 -26.49 -38.91
N ARG D 347 -13.67 -25.40 -39.00
CA ARG D 347 -14.87 -25.24 -38.20
C ARG D 347 -16.05 -25.05 -39.10
N PRO D 348 -16.79 -26.14 -39.36
CA PRO D 348 -17.91 -26.09 -40.32
C PRO D 348 -19.04 -25.12 -39.96
N ASP D 349 -19.28 -24.88 -38.67
CA ASP D 349 -20.33 -23.94 -38.28
C ASP D 349 -19.93 -22.51 -38.64
N VAL D 350 -18.64 -22.20 -38.56
CA VAL D 350 -18.13 -20.88 -38.95
C VAL D 350 -18.22 -20.69 -40.45
N LEU D 351 -17.84 -21.70 -41.23
CA LEU D 351 -17.91 -21.60 -42.69
C LEU D 351 -19.34 -21.46 -43.19
N ALA D 352 -20.27 -22.02 -42.43
CA ALA D 352 -21.69 -21.90 -42.72
C ALA D 352 -22.30 -20.53 -42.33
N ASN D 353 -21.62 -19.78 -41.47
CA ASN D 353 -22.09 -18.45 -41.08
C ASN D 353 -22.04 -17.53 -42.28
N PRO D 354 -23.21 -16.96 -42.68
CA PRO D 354 -23.29 -16.10 -43.89
C PRO D 354 -22.41 -14.86 -43.80
N VAL D 355 -22.18 -14.36 -42.60
CA VAL D 355 -21.33 -13.19 -42.42
C VAL D 355 -19.90 -13.61 -42.70
N PHE D 356 -19.46 -14.77 -42.20
CA PHE D 356 -18.11 -15.21 -42.53
C PHE D 356 -17.92 -15.46 -44.03
N GLN D 357 -18.92 -16.12 -44.64
CA GLN D 357 -18.90 -16.37 -46.09
C GLN D 357 -18.77 -15.09 -46.88
N LEU D 358 -19.37 -14.03 -46.38
CA LEU D 358 -19.33 -12.75 -47.04
C LEU D 358 -17.94 -12.14 -46.93
N VAL D 359 -17.32 -12.28 -45.76
CA VAL D 359 -15.92 -11.88 -45.59
C VAL D 359 -15.03 -12.65 -46.55
N LYS D 360 -15.22 -13.97 -46.63
CA LYS D 360 -14.43 -14.81 -47.53
C LYS D 360 -14.60 -14.43 -48.97
N LYS D 361 -15.85 -14.22 -49.35
CA LYS D 361 -16.18 -13.86 -50.70
C LYS D 361 -15.60 -12.51 -51.06
N ASN D 362 -15.70 -11.58 -50.12
CA ASN D 362 -15.15 -10.25 -50.29
C ASN D 362 -13.63 -10.25 -50.50
N SER D 363 -12.92 -11.18 -49.84
CA SER D 363 -11.47 -11.30 -50.01
C SER D 363 -11.08 -11.83 -51.38
N GLU D 364 -11.98 -12.55 -52.03
CA GLU D 364 -11.79 -13.03 -53.39
C GLU D 364 -12.04 -11.94 -54.43
N ILE D 365 -12.83 -10.93 -54.09
CA ILE D 365 -13.23 -9.91 -55.06
C ILE D 365 -12.61 -8.55 -54.82
N ALA D 366 -12.45 -8.17 -53.56
CA ALA D 366 -11.94 -6.85 -53.22
C ALA D 366 -10.59 -6.52 -53.84
N PRO D 367 -9.60 -7.42 -53.80
CA PRO D 367 -8.30 -7.04 -54.36
C PRO D 367 -8.31 -6.62 -55.84
N ALA D 368 -9.10 -7.30 -56.67
CA ALA D 368 -9.16 -6.99 -58.10
C ALA D 368 -9.77 -5.62 -58.29
N VAL D 369 -10.90 -5.41 -57.62
CA VAL D 369 -11.63 -4.15 -57.63
C VAL D 369 -10.72 -3.03 -57.15
N LEU D 370 -10.05 -3.23 -56.00
CA LEU D 370 -9.13 -2.20 -55.49
C LEU D 370 -8.01 -1.87 -56.49
N THR D 371 -7.49 -2.89 -57.16
CA THR D 371 -6.47 -2.70 -58.18
C THR D 371 -7.03 -1.94 -59.39
N GLU D 372 -8.23 -2.29 -59.83
CA GLU D 372 -8.87 -1.57 -60.93
C GLU D 372 -9.09 -0.09 -60.62
N HIS D 373 -9.47 0.19 -59.37
CA HIS D 373 -9.64 1.55 -58.87
C HIS D 373 -8.29 2.28 -58.92
N GLY D 374 -7.25 1.55 -58.54
CA GLY D 374 -5.87 1.98 -58.79
C GLY D 374 -5.30 2.95 -57.80
N LYS D 375 -6.03 3.33 -56.75
CA LYS D 375 -5.56 4.31 -55.78
C LYS D 375 -4.64 3.62 -54.78
N THR D 376 -5.02 2.44 -54.32
CA THR D 376 -4.22 1.74 -53.31
C THR D 376 -2.94 1.03 -53.82
N LYS D 377 -1.89 1.12 -53.03
CA LYS D 377 -0.62 0.44 -53.31
C LYS D 377 -0.67 -1.03 -52.96
N ASN D 378 -1.50 -1.36 -51.96
CA ASN D 378 -1.67 -2.74 -51.46
C ASN D 378 -3.16 -3.16 -51.48
N PRO D 379 -3.56 -3.92 -52.50
CA PRO D 379 -4.95 -4.31 -52.60
C PRO D 379 -5.35 -5.50 -51.73
N HIS D 380 -4.41 -6.07 -50.99
CA HIS D 380 -4.61 -7.31 -50.24
C HIS D 380 -5.16 -7.13 -48.84
N PRO D 381 -5.84 -8.17 -48.33
CA PRO D 381 -6.45 -8.09 -47.02
C PRO D 381 -5.41 -8.10 -45.90
N ASN D 382 -5.70 -7.36 -44.85
CA ASN D 382 -4.89 -7.37 -43.64
C ASN D 382 -5.68 -8.14 -42.58
N VAL D 383 -5.09 -8.31 -41.41
CA VAL D 383 -5.70 -9.14 -40.35
C VAL D 383 -7.06 -8.60 -39.89
N ASP D 384 -7.25 -7.29 -39.90
CA ASP D 384 -8.55 -6.73 -39.47
C ASP D 384 -9.75 -7.16 -40.32
N ALA D 385 -9.49 -7.61 -41.55
CA ALA D 385 -10.56 -8.06 -42.43
C ALA D 385 -11.30 -9.29 -41.89
N ALA D 386 -10.56 -10.12 -41.18
CA ALA D 386 -11.07 -11.38 -40.72
C ALA D 386 -11.37 -11.45 -39.21
N SER D 387 -10.71 -10.63 -38.39
CA SER D 387 -10.79 -10.82 -36.94
C SER D 387 -12.19 -10.62 -36.35
N GLY D 388 -12.86 -9.55 -36.77
CA GLY D 388 -14.15 -9.18 -36.22
C GLY D 388 -15.25 -10.18 -36.50
N VAL D 389 -15.30 -10.70 -37.73
CA VAL D 389 -16.37 -11.62 -38.04
C VAL D 389 -16.29 -12.86 -37.14
N LEU D 390 -15.06 -13.24 -36.74
CA LEU D 390 -14.88 -14.43 -35.96
C LEU D 390 -15.39 -14.25 -34.54
N PHE D 391 -15.12 -13.10 -33.94
CA PHE D 391 -15.70 -12.80 -32.63
C PHE D 391 -17.23 -12.73 -32.66
N TYR D 392 -17.74 -12.16 -33.74
CA TYR D 392 -19.17 -12.04 -33.97
C TYR D 392 -19.80 -13.41 -33.98
N HIS D 393 -19.17 -14.34 -34.69
CA HIS D 393 -19.66 -15.72 -34.75
C HIS D 393 -19.80 -16.34 -33.36
N TYR D 394 -18.86 -16.06 -32.45
CA TYR D 394 -18.89 -16.61 -31.08
C TYR D 394 -19.68 -15.77 -30.08
N GLY D 395 -20.44 -14.79 -30.58
CA GLY D 395 -21.36 -14.04 -29.74
C GLY D 395 -20.87 -12.70 -29.24
N PHE D 396 -19.74 -12.20 -29.76
CA PHE D 396 -19.27 -10.86 -29.42
C PHE D 396 -19.67 -9.99 -30.54
N GLN D 397 -20.86 -9.44 -30.40
CA GLN D 397 -21.50 -8.78 -31.50
C GLN D 397 -21.60 -7.28 -31.33
N GLN D 398 -20.86 -6.71 -30.38
CA GLN D 398 -20.69 -5.27 -30.28
C GLN D 398 -19.27 -4.99 -30.79
N PRO D 399 -19.12 -4.57 -32.06
CA PRO D 399 -17.81 -4.24 -32.69
C PRO D 399 -17.03 -3.09 -32.03
N LEU D 400 -17.74 -2.25 -31.31
CA LEU D 400 -17.17 -1.19 -30.49
C LEU D 400 -16.12 -1.68 -29.48
N TYR D 401 -16.30 -2.91 -28.97
CA TYR D 401 -15.35 -3.52 -28.01
C TYR D 401 -14.19 -4.32 -28.63
N TYR D 402 -14.16 -4.48 -29.95
CA TYR D 402 -13.11 -5.27 -30.58
C TYR D 402 -11.73 -4.66 -30.46
N THR D 403 -11.60 -3.36 -30.44
CA THR D 403 -10.28 -2.77 -30.21
C THR D 403 -9.78 -3.00 -28.78
N VAL D 404 -10.71 -3.21 -27.85
CA VAL D 404 -10.33 -3.53 -26.48
C VAL D 404 -9.54 -4.85 -26.41
N THR D 405 -10.00 -5.86 -27.14
CA THR D 405 -9.32 -7.16 -27.17
C THR D 405 -7.97 -7.00 -27.85
N PHE D 406 -7.86 -6.11 -28.83
CA PHE D 406 -6.60 -5.79 -29.48
C PHE D 406 -5.66 -5.20 -28.42
N GLY D 407 -6.18 -4.33 -27.58
CA GLY D 407 -5.39 -3.72 -26.52
C GLY D 407 -4.79 -4.76 -25.58
N VAL D 408 -5.51 -5.85 -25.35
CA VAL D 408 -4.97 -6.89 -24.50
C VAL D 408 -3.79 -7.53 -25.20
N SER D 409 -4.00 -7.91 -26.46
CA SER D 409 -2.95 -8.49 -27.28
C SER D 409 -1.73 -7.60 -27.41
N ARG D 410 -1.95 -6.33 -27.71
CA ARG D 410 -0.87 -5.45 -28.12
C ARG D 410 -0.03 -4.97 -26.93
N ALA D 411 -0.37 -5.40 -25.73
CA ALA D 411 0.52 -5.25 -24.59
C ALA D 411 1.78 -6.07 -24.74
N LEU D 412 1.68 -7.20 -25.45
CA LEU D 412 2.74 -8.19 -25.46
C LEU D 412 4.04 -7.68 -26.02
N GLY D 413 4.03 -7.27 -27.28
CA GLY D 413 5.26 -6.93 -27.97
C GLY D 413 5.96 -5.69 -27.44
N PRO D 414 5.21 -4.64 -27.20
CA PRO D 414 5.70 -3.39 -26.69
C PRO D 414 6.22 -3.45 -25.28
N LEU D 415 5.60 -4.24 -24.40
CA LEU D 415 6.15 -4.45 -23.05
C LEU D 415 7.45 -5.19 -23.14
N VAL D 416 7.53 -6.17 -24.02
CA VAL D 416 8.81 -6.84 -24.30
C VAL D 416 9.86 -5.83 -24.70
N GLN D 417 9.52 -4.95 -25.64
CA GLN D 417 10.49 -3.99 -26.14
C GLN D 417 10.95 -3.04 -25.04
N LEU D 418 10.02 -2.59 -24.20
CA LEU D 418 10.39 -1.74 -23.04
C LEU D 418 11.42 -2.40 -22.16
N ILE D 419 11.23 -3.67 -21.87
CA ILE D 419 12.18 -4.38 -21.02
C ILE D 419 13.53 -4.33 -21.68
N TRP D 420 13.57 -4.65 -22.97
CA TRP D 420 14.81 -4.57 -23.72
C TRP D 420 15.38 -3.16 -23.77
N ASP D 421 14.53 -2.15 -23.91
CA ASP D 421 15.01 -0.77 -23.93
C ASP D 421 15.77 -0.45 -22.63
N ARG D 422 15.23 -0.89 -21.51
CA ARG D 422 15.82 -0.62 -20.19
C ARG D 422 17.08 -1.43 -19.94
N ALA D 423 17.07 -2.67 -20.41
CA ALA D 423 18.22 -3.56 -20.36
C ALA D 423 19.40 -3.05 -21.17
N LEU D 424 19.12 -2.55 -22.36
CA LEU D 424 20.16 -1.99 -23.20
C LEU D 424 20.62 -0.60 -22.81
N GLY D 425 19.83 0.11 -21.99
CA GLY D 425 20.15 1.46 -21.64
C GLY D 425 19.86 2.45 -22.77
N LEU D 426 18.91 2.13 -23.64
CA LEU D 426 18.52 3.05 -24.71
C LEU D 426 18.06 4.37 -24.11
N PRO D 427 18.38 5.47 -24.78
CA PRO D 427 18.09 6.79 -24.29
C PRO D 427 16.68 7.23 -24.64
N ILE D 428 16.37 8.44 -24.21
CA ILE D 428 15.12 9.09 -24.57
C ILE D 428 15.01 9.28 -26.07
N GLU D 429 13.81 9.13 -26.59
CA GLU D 429 13.54 9.38 -28.00
C GLU D 429 13.21 10.85 -28.12
N ARG D 430 14.04 11.58 -28.87
CA ARG D 430 13.98 13.03 -28.94
C ARG D 430 14.53 13.47 -30.32
N PRO D 431 13.70 13.35 -31.36
CA PRO D 431 14.08 13.78 -32.68
C PRO D 431 14.10 15.27 -32.82
N LYS D 432 14.61 15.74 -33.95
CA LYS D 432 14.65 17.13 -34.27
C LYS D 432 13.45 17.35 -35.17
N SER D 433 12.77 18.46 -34.96
CA SER D 433 11.66 18.84 -35.86
C SER D 433 12.10 19.99 -36.76
N ILE D 434 11.26 20.33 -37.73
CA ILE D 434 11.48 21.52 -38.54
C ILE D 434 10.16 22.04 -39.12
N ASN D 435 10.07 23.35 -39.35
CA ASN D 435 8.87 23.94 -39.94
C ASN D 435 8.96 23.90 -41.46
N LEU D 436 7.85 24.22 -42.13
CA LEU D 436 7.77 24.20 -43.60
C LEU D 436 8.68 25.27 -44.22
N LEU D 437 8.72 26.45 -43.62
CA LEU D 437 9.64 27.51 -44.02
C LEU D 437 11.10 27.07 -43.95
N GLY D 438 11.44 26.25 -42.96
CA GLY D 438 12.77 25.64 -42.86
C GLY D 438 13.07 24.65 -43.96
N LEU D 439 12.06 23.92 -44.41
CA LEU D 439 12.19 22.98 -45.54
C LEU D 439 12.26 23.68 -46.89
N LYS D 440 11.59 24.83 -46.98
CA LYS D 440 11.55 25.64 -48.19
C LYS D 440 12.90 26.28 -48.51
N LYS D 441 13.61 26.77 -47.48
CA LYS D 441 14.72 27.77 -47.70
C LYS D 441 15.73 27.54 -48.90
#